data_6VA5
# 
_entry.id   6VA5 
# 
_audit_conform.dict_name       mmcif_pdbx.dic 
_audit_conform.dict_version    5.380 
_audit_conform.dict_location   http://mmcif.pdb.org/dictionaries/ascii/mmcif_pdbx.dic 
# 
loop_
_database_2.database_id 
_database_2.database_code 
_database_2.pdbx_database_accession 
_database_2.pdbx_DOI 
PDB   6VA5         pdb_00006va5 10.2210/pdb6va5/pdb 
WWPDB D_1000246013 ?            ?                   
# 
_pdbx_database_status.status_code                     REL 
_pdbx_database_status.status_code_sf                  REL 
_pdbx_database_status.status_code_mr                  ? 
_pdbx_database_status.entry_id                        6VA5 
_pdbx_database_status.recvd_initial_deposition_date   2019-12-16 
_pdbx_database_status.SG_entry                        Y 
_pdbx_database_status.deposit_site                    RCSB 
_pdbx_database_status.process_site                    RCSB 
_pdbx_database_status.status_code_cs                  ? 
_pdbx_database_status.status_code_nmr_data            ? 
_pdbx_database_status.methods_development_category    ? 
_pdbx_database_status.pdb_format_compatible           Y 
# 
loop_
_audit_author.name 
_audit_author.pdbx_ordinal 
_audit_author.identifier_ORCID 
'Zeng, H.'                             1  ? 
'Dong, A.'                             2  ? 
'Headey, S.'                           3  ? 
'Gunzburg, M.'                         4  ? 
'Doak, B.'                             5  ? 
'James, L.I.'                          6  ? 
'Bountra, C.'                          7  ? 
'Arrowsmith, C.H.'                     8  ? 
'Edwards, A.M.'                        9  ? 
'Brown, P.J.'                          10 ? 
'Structural Genomics Consortium (SGC)' 11 ? 
# 
_citation.abstract                  ? 
_citation.abstract_id_CAS           ? 
_citation.book_id_ISBN              ? 
_citation.book_publisher            ? 
_citation.book_publisher_city       ? 
_citation.book_title                ? 
_citation.coordinate_linkage        ? 
_citation.country                   ? 
_citation.database_id_Medline       ? 
_citation.details                   ? 
_citation.id                        primary 
_citation.journal_abbrev            'to be published' 
_citation.journal_id_ASTM           ? 
_citation.journal_id_CSD            0353 
_citation.journal_id_ISSN           ? 
_citation.journal_full              ? 
_citation.journal_issue             ? 
_citation.journal_volume            ? 
_citation.language                  ? 
_citation.page_first                ? 
_citation.page_last                 ? 
_citation.title                     'Tudor Domain of Tumor suppressor p53BP1 with MFP-4184' 
_citation.year                      ? 
_citation.database_id_CSD           ? 
_citation.pdbx_database_id_DOI      ? 
_citation.pdbx_database_id_PubMed   ? 
_citation.unpublished_flag          ? 
# 
loop_
_citation_author.citation_id 
_citation_author.name 
_citation_author.ordinal 
_citation_author.identifier_ORCID 
primary 'Zeng, H.'                             1  ? 
primary 'Dong, A.'                             2  ? 
primary 'Headey, S.'                           3  ? 
primary 'Gunzburg, M.'                         4  ? 
primary 'Doak, B.'                             5  ? 
primary 'James, L.I.'                          6  ? 
primary 'Bountra, C.'                          7  ? 
primary 'Arrowsmith, C.H.'                     8  ? 
primary 'Edwards, A.M.'                        9  ? 
primary 'Brown, P.J.'                          10 ? 
primary 'Structural Genomics Consortium (SGC)' 11 ? 
# 
_cell.angle_alpha                  90.000 
_cell.angle_alpha_esd              ? 
_cell.angle_beta                   90.000 
_cell.angle_beta_esd               ? 
_cell.angle_gamma                  90.000 
_cell.angle_gamma_esd              ? 
_cell.entry_id                     6VA5 
_cell.details                      ? 
_cell.formula_units_Z              ? 
_cell.length_a                     42.678 
_cell.length_a_esd                 ? 
_cell.length_b                     44.822 
_cell.length_b_esd                 ? 
_cell.length_c                     65.542 
_cell.length_c_esd                 ? 
_cell.volume                       ? 
_cell.volume_esd                   ? 
_cell.Z_PDB                        4 
_cell.reciprocal_angle_alpha       ? 
_cell.reciprocal_angle_beta        ? 
_cell.reciprocal_angle_gamma       ? 
_cell.reciprocal_angle_alpha_esd   ? 
_cell.reciprocal_angle_beta_esd    ? 
_cell.reciprocal_angle_gamma_esd   ? 
_cell.reciprocal_length_a          ? 
_cell.reciprocal_length_b          ? 
_cell.reciprocal_length_c          ? 
_cell.reciprocal_length_a_esd      ? 
_cell.reciprocal_length_b_esd      ? 
_cell.reciprocal_length_c_esd      ? 
_cell.pdbx_unique_axis             ? 
# 
_symmetry.entry_id                         6VA5 
_symmetry.cell_setting                     ? 
_symmetry.Int_Tables_number                19 
_symmetry.space_group_name_Hall            ? 
_symmetry.space_group_name_H-M             'P 21 21 21' 
_symmetry.pdbx_full_space_group_name_H-M   ? 
# 
loop_
_entity.id 
_entity.type 
_entity.src_method 
_entity.pdbx_description 
_entity.formula_weight 
_entity.pdbx_number_of_molecules 
_entity.pdbx_ec 
_entity.pdbx_mutation 
_entity.pdbx_fragment 
_entity.details 
1 polymer     man 'TP53-binding protein 1'            14121.893 1   ? ? ? ? 
2 non-polymer syn '2-(4-methylpiperazin-1-yl)aniline' 191.273   1   ? ? ? ? 
3 non-polymer syn GLYCEROL                            92.094    1   ? ? ? ? 
4 non-polymer syn 'SULFATE ION'                       96.063    4   ? ? ? ? 
5 non-polymer syn 'UNKNOWN ATOM OR ION'               ?         3   ? ? ? ? 
6 water       nat water                               18.015    142 ? ? ? ? 
# 
_entity_name_com.entity_id   1 
_entity_name_com.name        p53BP1 
# 
_entity_poly.entity_id                      1 
_entity_poly.type                           'polypeptide(L)' 
_entity_poly.nstd_linkage                   no 
_entity_poly.nstd_monomer                   no 
_entity_poly.pdbx_seq_one_letter_code       
;GGNSFVGLRVVAKWSSNGYFYSGKITRDVGAGKYKLLFDDGYECDVLGKDILLCDPIPLDTEVTALSEDEYFSAGVVKGH
RKESGELYYSIEKEGQRKWYKRMAVILSLEQGNRLREQYGLGPYE
;
_entity_poly.pdbx_seq_one_letter_code_can   
;GGNSFVGLRVVAKWSSNGYFYSGKITRDVGAGKYKLLFDDGYECDVLGKDILLCDPIPLDTEVTALSEDEYFSAGVVKGH
RKESGELYYSIEKEGQRKWYKRMAVILSLEQGNRLREQYGLGPYE
;
_entity_poly.pdbx_strand_id                 A 
_entity_poly.pdbx_target_identifier         ? 
# 
loop_
_entity_poly_seq.entity_id 
_entity_poly_seq.num 
_entity_poly_seq.mon_id 
_entity_poly_seq.hetero 
1 1   GLY n 
1 2   GLY n 
1 3   ASN n 
1 4   SER n 
1 5   PHE n 
1 6   VAL n 
1 7   GLY n 
1 8   LEU n 
1 9   ARG n 
1 10  VAL n 
1 11  VAL n 
1 12  ALA n 
1 13  LYS n 
1 14  TRP n 
1 15  SER n 
1 16  SER n 
1 17  ASN n 
1 18  GLY n 
1 19  TYR n 
1 20  PHE n 
1 21  TYR n 
1 22  SER n 
1 23  GLY n 
1 24  LYS n 
1 25  ILE n 
1 26  THR n 
1 27  ARG n 
1 28  ASP n 
1 29  VAL n 
1 30  GLY n 
1 31  ALA n 
1 32  GLY n 
1 33  LYS n 
1 34  TYR n 
1 35  LYS n 
1 36  LEU n 
1 37  LEU n 
1 38  PHE n 
1 39  ASP n 
1 40  ASP n 
1 41  GLY n 
1 42  TYR n 
1 43  GLU n 
1 44  CYS n 
1 45  ASP n 
1 46  VAL n 
1 47  LEU n 
1 48  GLY n 
1 49  LYS n 
1 50  ASP n 
1 51  ILE n 
1 52  LEU n 
1 53  LEU n 
1 54  CYS n 
1 55  ASP n 
1 56  PRO n 
1 57  ILE n 
1 58  PRO n 
1 59  LEU n 
1 60  ASP n 
1 61  THR n 
1 62  GLU n 
1 63  VAL n 
1 64  THR n 
1 65  ALA n 
1 66  LEU n 
1 67  SER n 
1 68  GLU n 
1 69  ASP n 
1 70  GLU n 
1 71  TYR n 
1 72  PHE n 
1 73  SER n 
1 74  ALA n 
1 75  GLY n 
1 76  VAL n 
1 77  VAL n 
1 78  LYS n 
1 79  GLY n 
1 80  HIS n 
1 81  ARG n 
1 82  LYS n 
1 83  GLU n 
1 84  SER n 
1 85  GLY n 
1 86  GLU n 
1 87  LEU n 
1 88  TYR n 
1 89  TYR n 
1 90  SER n 
1 91  ILE n 
1 92  GLU n 
1 93  LYS n 
1 94  GLU n 
1 95  GLY n 
1 96  GLN n 
1 97  ARG n 
1 98  LYS n 
1 99  TRP n 
1 100 TYR n 
1 101 LYS n 
1 102 ARG n 
1 103 MET n 
1 104 ALA n 
1 105 VAL n 
1 106 ILE n 
1 107 LEU n 
1 108 SER n 
1 109 LEU n 
1 110 GLU n 
1 111 GLN n 
1 112 GLY n 
1 113 ASN n 
1 114 ARG n 
1 115 LEU n 
1 116 ARG n 
1 117 GLU n 
1 118 GLN n 
1 119 TYR n 
1 120 GLY n 
1 121 LEU n 
1 122 GLY n 
1 123 PRO n 
1 124 TYR n 
1 125 GLU n 
# 
_entity_src_gen.entity_id                          1 
_entity_src_gen.pdbx_src_id                        1 
_entity_src_gen.pdbx_alt_source_flag               sample 
_entity_src_gen.pdbx_seq_type                      'Biological sequence' 
_entity_src_gen.pdbx_beg_seq_num                   1 
_entity_src_gen.pdbx_end_seq_num                   125 
_entity_src_gen.gene_src_common_name               Human 
_entity_src_gen.gene_src_genus                     ? 
_entity_src_gen.pdbx_gene_src_gene                 TP53BP1 
_entity_src_gen.gene_src_species                   ? 
_entity_src_gen.gene_src_strain                    ? 
_entity_src_gen.gene_src_tissue                    ? 
_entity_src_gen.gene_src_tissue_fraction           ? 
_entity_src_gen.gene_src_details                   ? 
_entity_src_gen.pdbx_gene_src_fragment             ? 
_entity_src_gen.pdbx_gene_src_scientific_name      'Homo sapiens' 
_entity_src_gen.pdbx_gene_src_ncbi_taxonomy_id     9606 
_entity_src_gen.pdbx_gene_src_variant              ? 
_entity_src_gen.pdbx_gene_src_cell_line            ? 
_entity_src_gen.pdbx_gene_src_atcc                 ? 
_entity_src_gen.pdbx_gene_src_organ                ? 
_entity_src_gen.pdbx_gene_src_organelle            ? 
_entity_src_gen.pdbx_gene_src_cell                 ? 
_entity_src_gen.pdbx_gene_src_cellular_location    ? 
_entity_src_gen.host_org_common_name               ? 
_entity_src_gen.pdbx_host_org_scientific_name      'Escherichia coli BL21(DE3)' 
_entity_src_gen.pdbx_host_org_ncbi_taxonomy_id     469008 
_entity_src_gen.host_org_genus                     ? 
_entity_src_gen.pdbx_host_org_gene                 ? 
_entity_src_gen.pdbx_host_org_organ                ? 
_entity_src_gen.host_org_species                   ? 
_entity_src_gen.pdbx_host_org_tissue               ? 
_entity_src_gen.pdbx_host_org_tissue_fraction      ? 
_entity_src_gen.pdbx_host_org_strain               'BL21(DE3)' 
_entity_src_gen.pdbx_host_org_variant              -V2R-pRARE2 
_entity_src_gen.pdbx_host_org_cell_line            ? 
_entity_src_gen.pdbx_host_org_atcc                 ? 
_entity_src_gen.pdbx_host_org_culture_collection   ? 
_entity_src_gen.pdbx_host_org_cell                 ? 
_entity_src_gen.pdbx_host_org_organelle            ? 
_entity_src_gen.pdbx_host_org_cellular_location    ? 
_entity_src_gen.pdbx_host_org_vector_type          plasmid 
_entity_src_gen.pdbx_host_org_vector               ? 
_entity_src_gen.host_org_details                   ? 
_entity_src_gen.expression_system_id               ? 
_entity_src_gen.plasmid_name                       pET28-MHL 
_entity_src_gen.plasmid_details                    ? 
_entity_src_gen.pdbx_description                   ? 
# 
_struct_ref.id                         1 
_struct_ref.db_name                    UNP 
_struct_ref.db_code                    TP53B_HUMAN 
_struct_ref.pdbx_db_accession          Q12888 
_struct_ref.pdbx_db_isoform            Q12888-3 
_struct_ref.entity_id                  1 
_struct_ref.pdbx_seq_one_letter_code   
;GNSFVGLRVVAKWSSNGYFYSGKITRDVGAGKYKLLFDDGYECDVLGKDILLCDPIPLDTEVTALSEDEYFSAGVVKGHR
KESGELYYSIEKEGQRKWYKRMAVILSLEQGNRLREQYGLGPYE
;
_struct_ref.pdbx_align_begin           1488 
# 
_struct_ref_seq.align_id                      1 
_struct_ref_seq.ref_id                        1 
_struct_ref_seq.pdbx_PDB_id_code              6VA5 
_struct_ref_seq.pdbx_strand_id                A 
_struct_ref_seq.seq_align_beg                 2 
_struct_ref_seq.pdbx_seq_align_beg_ins_code   ? 
_struct_ref_seq.seq_align_end                 125 
_struct_ref_seq.pdbx_seq_align_end_ins_code   ? 
_struct_ref_seq.pdbx_db_accession             Q12888 
_struct_ref_seq.db_align_beg                  1488 
_struct_ref_seq.pdbx_db_align_beg_ins_code    ? 
_struct_ref_seq.db_align_end                  1611 
_struct_ref_seq.pdbx_db_align_end_ins_code    ? 
_struct_ref_seq.pdbx_auth_seq_align_beg       1483 
_struct_ref_seq.pdbx_auth_seq_align_end       1606 
# 
_struct_ref_seq_dif.align_id                     1 
_struct_ref_seq_dif.pdbx_pdb_id_code             6VA5 
_struct_ref_seq_dif.mon_id                       GLY 
_struct_ref_seq_dif.pdbx_pdb_strand_id           A 
_struct_ref_seq_dif.seq_num                      1 
_struct_ref_seq_dif.pdbx_pdb_ins_code            ? 
_struct_ref_seq_dif.pdbx_seq_db_name             UNP 
_struct_ref_seq_dif.pdbx_seq_db_accession_code   Q12888 
_struct_ref_seq_dif.db_mon_id                    ? 
_struct_ref_seq_dif.pdbx_seq_db_seq_num          ? 
_struct_ref_seq_dif.details                      'expression tag' 
_struct_ref_seq_dif.pdbx_auth_seq_num            1482 
_struct_ref_seq_dif.pdbx_ordinal                 1 
# 
loop_
_chem_comp.id 
_chem_comp.type 
_chem_comp.mon_nstd_flag 
_chem_comp.name 
_chem_comp.pdbx_synonyms 
_chem_comp.formula 
_chem_comp.formula_weight 
ALA 'L-peptide linking' y ALANINE                             ?                               'C3 H7 N O2'     89.093  
ARG 'L-peptide linking' y ARGININE                            ?                               'C6 H15 N4 O2 1' 175.209 
ASN 'L-peptide linking' y ASPARAGINE                          ?                               'C4 H8 N2 O3'    132.118 
ASP 'L-peptide linking' y 'ASPARTIC ACID'                     ?                               'C4 H7 N O4'     133.103 
CYS 'L-peptide linking' y CYSTEINE                            ?                               'C3 H7 N O2 S'   121.158 
GLN 'L-peptide linking' y GLUTAMINE                           ?                               'C5 H10 N2 O3'   146.144 
GLU 'L-peptide linking' y 'GLUTAMIC ACID'                     ?                               'C5 H9 N O4'     147.129 
GLY 'peptide linking'   y GLYCINE                             ?                               'C2 H5 N O2'     75.067  
GOL non-polymer         . GLYCEROL                            'GLYCERIN; PROPANE-1,2,3-TRIOL' 'C3 H8 O3'       92.094  
HIS 'L-peptide linking' y HISTIDINE                           ?                               'C6 H10 N3 O2 1' 156.162 
HOH non-polymer         . WATER                               ?                               'H2 O'           18.015  
ILE 'L-peptide linking' y ISOLEUCINE                          ?                               'C6 H13 N O2'    131.173 
LEU 'L-peptide linking' y LEUCINE                             ?                               'C6 H13 N O2'    131.173 
LYS 'L-peptide linking' y LYSINE                              ?                               'C6 H15 N2 O2 1' 147.195 
MET 'L-peptide linking' y METHIONINE                          ?                               'C5 H11 N O2 S'  149.211 
PHE 'L-peptide linking' y PHENYLALANINE                       ?                               'C9 H11 N O2'    165.189 
PRO 'L-peptide linking' y PROLINE                             ?                               'C5 H9 N O2'     115.130 
QSS non-polymer         . '2-(4-methylpiperazin-1-yl)aniline' ?                               'C11 H17 N3'     191.273 
SER 'L-peptide linking' y SERINE                              ?                               'C3 H7 N O3'     105.093 
SO4 non-polymer         . 'SULFATE ION'                       ?                               'O4 S -2'        96.063  
THR 'L-peptide linking' y THREONINE                           ?                               'C4 H9 N O3'     119.119 
TRP 'L-peptide linking' y TRYPTOPHAN                          ?                               'C11 H12 N2 O2'  204.225 
TYR 'L-peptide linking' y TYROSINE                            ?                               'C9 H11 N O3'    181.189 
UNX non-polymer         . 'UNKNOWN ATOM OR ION'               ?                               ?                ?       
VAL 'L-peptide linking' y VALINE                              ?                               'C5 H11 N O2'    117.146 
# 
_exptl.absorpt_coefficient_mu     ? 
_exptl.absorpt_correction_T_max   ? 
_exptl.absorpt_correction_T_min   ? 
_exptl.absorpt_correction_type    ? 
_exptl.absorpt_process_details    ? 
_exptl.entry_id                   6VA5 
_exptl.crystals_number            1 
_exptl.details                    ? 
_exptl.method                     'X-RAY DIFFRACTION' 
_exptl.method_details             ? 
# 
_exptl_crystal.colour                      ? 
_exptl_crystal.density_diffrn              ? 
_exptl_crystal.density_Matthews            2.22 
_exptl_crystal.density_method              ? 
_exptl_crystal.density_percent_sol         44.58 
_exptl_crystal.description                 ? 
_exptl_crystal.F_000                       ? 
_exptl_crystal.id                          1 
_exptl_crystal.preparation                 ? 
_exptl_crystal.size_max                    ? 
_exptl_crystal.size_mid                    ? 
_exptl_crystal.size_min                    ? 
_exptl_crystal.size_rad                    ? 
_exptl_crystal.colour_lustre               ? 
_exptl_crystal.colour_modifier             ? 
_exptl_crystal.colour_primary              ? 
_exptl_crystal.density_meas                ? 
_exptl_crystal.density_meas_esd            ? 
_exptl_crystal.density_meas_gt             ? 
_exptl_crystal.density_meas_lt             ? 
_exptl_crystal.density_meas_temp           ? 
_exptl_crystal.density_meas_temp_esd       ? 
_exptl_crystal.density_meas_temp_gt        ? 
_exptl_crystal.density_meas_temp_lt        ? 
_exptl_crystal.pdbx_crystal_image_url      ? 
_exptl_crystal.pdbx_crystal_image_format   ? 
_exptl_crystal.pdbx_mosaicity              0.536 
_exptl_crystal.pdbx_mosaicity_esd          ? 
# 
_exptl_crystal_grow.apparatus       ? 
_exptl_crystal_grow.atmosphere      ? 
_exptl_crystal_grow.crystal_id      1 
_exptl_crystal_grow.details         ? 
_exptl_crystal_grow.method          'VAPOR DIFFUSION, HANGING DROP' 
_exptl_crystal_grow.method_ref      ? 
_exptl_crystal_grow.pH              7.5 
_exptl_crystal_grow.pressure        ? 
_exptl_crystal_grow.pressure_esd    ? 
_exptl_crystal_grow.seeding         ? 
_exptl_crystal_grow.seeding_ref     ? 
_exptl_crystal_grow.temp            291 
_exptl_crystal_grow.temp_details    ? 
_exptl_crystal_grow.temp_esd        ? 
_exptl_crystal_grow.time            ? 
_exptl_crystal_grow.pdbx_details    '2M ammonium sulfate, 0.1 M HEPES pH 7.5, 2% PEG 400' 
_exptl_crystal_grow.pdbx_pH_range   ? 
# 
_diffrn.ambient_environment              ? 
_diffrn.ambient_temp                     100 
_diffrn.ambient_temp_details             ? 
_diffrn.ambient_temp_esd                 ? 
_diffrn.crystal_id                       1 
_diffrn.crystal_support                  ? 
_diffrn.crystal_treatment                ? 
_diffrn.details                          ? 
_diffrn.id                               1 
_diffrn.ambient_pressure                 ? 
_diffrn.ambient_pressure_esd             ? 
_diffrn.ambient_pressure_gt              ? 
_diffrn.ambient_pressure_lt              ? 
_diffrn.ambient_temp_gt                  ? 
_diffrn.ambient_temp_lt                  ? 
_diffrn.pdbx_serial_crystal_experiment   N 
# 
_diffrn_detector.details                      ? 
_diffrn_detector.detector                     PIXEL 
_diffrn_detector.diffrn_id                    1 
_diffrn_detector.type                         'DECTRIS PILATUS3 S 6M' 
_diffrn_detector.area_resol_mean              ? 
_diffrn_detector.dtime                        ? 
_diffrn_detector.pdbx_frames_total            ? 
_diffrn_detector.pdbx_collection_time_total   ? 
_diffrn_detector.pdbx_collection_date         2018-02-01 
_diffrn_detector.pdbx_frequency               ? 
# 
_diffrn_radiation.collimation                      ? 
_diffrn_radiation.diffrn_id                        1 
_diffrn_radiation.filter_edge                      ? 
_diffrn_radiation.inhomogeneity                    ? 
_diffrn_radiation.monochromator                    ? 
_diffrn_radiation.polarisn_norm                    ? 
_diffrn_radiation.polarisn_ratio                   ? 
_diffrn_radiation.probe                            ? 
_diffrn_radiation.type                             ? 
_diffrn_radiation.xray_symbol                      ? 
_diffrn_radiation.wavelength_id                    1 
_diffrn_radiation.pdbx_monochromatic_or_laue_m_l   M 
_diffrn_radiation.pdbx_wavelength_list             ? 
_diffrn_radiation.pdbx_wavelength                  ? 
_diffrn_radiation.pdbx_diffrn_protocol             'SINGLE WAVELENGTH' 
_diffrn_radiation.pdbx_analyzer                    ? 
_diffrn_radiation.pdbx_scattering_type             x-ray 
# 
_diffrn_radiation_wavelength.id           1 
_diffrn_radiation_wavelength.wavelength   0.97625 
_diffrn_radiation_wavelength.wt           1.0 
# 
_diffrn_source.current                     ? 
_diffrn_source.details                     ? 
_diffrn_source.diffrn_id                   1 
_diffrn_source.power                       ? 
_diffrn_source.size                        ? 
_diffrn_source.source                      SYNCHROTRON 
_diffrn_source.target                      ? 
_diffrn_source.type                        'CLSI BEAMLINE 08ID-1' 
_diffrn_source.voltage                     ? 
_diffrn_source.take-off_angle              ? 
_diffrn_source.pdbx_wavelength_list        0.97625 
_diffrn_source.pdbx_wavelength             ? 
_diffrn_source.pdbx_synchrotron_beamline   08ID-1 
_diffrn_source.pdbx_synchrotron_site       CLSI 
# 
_reflns.B_iso_Wilson_estimate            ? 
_reflns.entry_id                         6VA5 
_reflns.data_reduction_details           ? 
_reflns.data_reduction_method            ? 
_reflns.d_resolution_high                1.280 
_reflns.d_resolution_low                 50.000 
_reflns.details                          ? 
_reflns.limit_h_max                      ? 
_reflns.limit_h_min                      ? 
_reflns.limit_k_max                      ? 
_reflns.limit_k_min                      ? 
_reflns.limit_l_max                      ? 
_reflns.limit_l_min                      ? 
_reflns.number_all                       ? 
_reflns.number_obs                       33389 
_reflns.observed_criterion               ? 
_reflns.observed_criterion_F_max         ? 
_reflns.observed_criterion_F_min         ? 
_reflns.observed_criterion_I_max         ? 
_reflns.observed_criterion_I_min         ? 
_reflns.observed_criterion_sigma_F       ? 
_reflns.observed_criterion_sigma_I       ? 
_reflns.percent_possible_obs             99.900 
_reflns.R_free_details                   ? 
_reflns.Rmerge_F_all                     ? 
_reflns.Rmerge_F_obs                     ? 
_reflns.Friedel_coverage                 ? 
_reflns.number_gt                        ? 
_reflns.threshold_expression             ? 
_reflns.pdbx_redundancy                  6.400 
_reflns.pdbx_Rmerge_I_obs                0.101 
_reflns.pdbx_Rmerge_I_all                ? 
_reflns.pdbx_Rsym_value                  ? 
_reflns.pdbx_netI_over_av_sigmaI         ? 
_reflns.pdbx_netI_over_sigmaI            6.200 
_reflns.pdbx_res_netI_over_av_sigmaI_2   ? 
_reflns.pdbx_res_netI_over_sigmaI_2      ? 
_reflns.pdbx_chi_squared                 0.859 
_reflns.pdbx_scaling_rejects             ? 
_reflns.pdbx_d_res_high_opt              ? 
_reflns.pdbx_d_res_low_opt               ? 
_reflns.pdbx_d_res_opt_method            ? 
_reflns.phase_calculation_details        ? 
_reflns.pdbx_Rrim_I_all                  0.110 
_reflns.pdbx_Rpim_I_all                  0.042 
_reflns.pdbx_d_opt                       ? 
_reflns.pdbx_number_measured_all         214888 
_reflns.pdbx_diffrn_id                   1 
_reflns.pdbx_ordinal                     1 
_reflns.pdbx_CC_half                     ? 
_reflns.pdbx_CC_star                     ? 
_reflns.pdbx_R_split                     ? 
# 
loop_
_reflns_shell.d_res_high 
_reflns_shell.d_res_low 
_reflns_shell.meanI_over_sigI_all 
_reflns_shell.meanI_over_sigI_obs 
_reflns_shell.number_measured_all 
_reflns_shell.number_measured_obs 
_reflns_shell.number_possible 
_reflns_shell.number_unique_all 
_reflns_shell.number_unique_obs 
_reflns_shell.percent_possible_all 
_reflns_shell.percent_possible_obs 
_reflns_shell.Rmerge_F_all 
_reflns_shell.Rmerge_F_obs 
_reflns_shell.Rmerge_I_all 
_reflns_shell.Rmerge_I_obs 
_reflns_shell.meanI_over_sigI_gt 
_reflns_shell.meanI_over_uI_all 
_reflns_shell.meanI_over_uI_gt 
_reflns_shell.number_measured_gt 
_reflns_shell.number_unique_gt 
_reflns_shell.percent_possible_gt 
_reflns_shell.Rmerge_F_gt 
_reflns_shell.Rmerge_I_gt 
_reflns_shell.pdbx_redundancy 
_reflns_shell.pdbx_Rsym_value 
_reflns_shell.pdbx_chi_squared 
_reflns_shell.pdbx_netI_over_sigmaI_all 
_reflns_shell.pdbx_netI_over_sigmaI_obs 
_reflns_shell.pdbx_Rrim_I_all 
_reflns_shell.pdbx_Rpim_I_all 
_reflns_shell.pdbx_rejects 
_reflns_shell.pdbx_ordinal 
_reflns_shell.pdbx_diffrn_id 
_reflns_shell.pdbx_CC_half 
_reflns_shell.pdbx_CC_star 
_reflns_shell.pdbx_R_split 
1.280 1.300  ? ? ? ? ? ? 1646 99.900  ? ? ? ? 0.818 ? ? ? ? ? ? ? ? 4.600 ? 0.519 ? ? 0.919 0.409 ? 1  1 0.693 ? ? 
1.300 1.330  ? ? ? ? ? ? 1657 99.800  ? ? ? ? 0.723 ? ? ? ? ? ? ? ? 5.200 ? 0.555 ? ? 0.804 0.345 ? 2  1 0.854 ? ? 
1.330 1.350  ? ? ? ? ? ? 1624 99.100  ? ? ? ? 0.693 ? ? ? ? ? ? ? ? 5.200 ? 0.538 ? ? 0.769 0.326 ? 3  1 0.787 ? ? 
1.350 1.380  ? ? ? ? ? ? 1633 99.800  ? ? ? ? 0.723 ? ? ? ? ? ? ? ? 6.000 ? 0.529 ? ? 0.793 0.322 ? 4  1 0.804 ? ? 
1.380 1.410  ? ? ? ? ? ? 1638 99.900  ? ? ? ? 0.665 ? ? ? ? ? ? ? ? 6.200 ? 0.517 ? ? 0.726 0.289 ? 5  1 0.885 ? ? 
1.410 1.440  ? ? ? ? ? ? 1659 100.000 ? ? ? ? 0.576 ? ? ? ? ? ? ? ? 6.300 ? 0.556 ? ? 0.628 0.248 ? 6  1 0.897 ? ? 
1.440 1.480  ? ? ? ? ? ? 1642 100.000 ? ? ? ? 0.514 ? ? ? ? ? ? ? ? 6.200 ? 0.535 ? ? 0.562 0.224 ? 7  1 0.897 ? ? 
1.480 1.520  ? ? ? ? ? ? 1638 100.000 ? ? ? ? 0.466 ? ? ? ? ? ? ? ? 6.700 ? 0.592 ? ? 0.506 0.195 ? 8  1 0.938 ? ? 
1.520 1.560  ? ? ? ? ? ? 1654 100.000 ? ? ? ? 0.375 ? ? ? ? ? ? ? ? 6.700 ? 0.612 ? ? 0.408 0.157 ? 9  1 0.954 ? ? 
1.560 1.610  ? ? ? ? ? ? 1658 99.900  ? ? ? ? 0.331 ? ? ? ? ? ? ? ? 6.700 ? 0.644 ? ? 0.360 0.138 ? 10 1 0.967 ? ? 
1.610 1.670  ? ? ? ? ? ? 1651 100.000 ? ? ? ? 0.286 ? ? ? ? ? ? ? ? 7.100 ? 0.654 ? ? 0.309 0.115 ? 11 1 0.973 ? ? 
1.670 1.740  ? ? ? ? ? ? 1669 100.000 ? ? ? ? 0.224 ? ? ? ? ? ? ? ? 7.000 ? 0.673 ? ? 0.242 0.091 ? 12 1 0.979 ? ? 
1.740 1.820  ? ? ? ? ? ? 1649 100.000 ? ? ? ? 0.172 ? ? ? ? ? ? ? ? 6.700 ? 0.704 ? ? 0.187 0.072 ? 13 1 0.988 ? ? 
1.820 1.910  ? ? ? ? ? ? 1660 100.000 ? ? ? ? 0.147 ? ? ? ? ? ? ? ? 7.100 ? 0.809 ? ? 0.159 0.059 ? 14 1 0.991 ? ? 
1.910 2.030  ? ? ? ? ? ? 1681 100.000 ? ? ? ? 0.114 ? ? ? ? ? ? ? ? 6.700 ? 1.007 ? ? 0.123 0.048 ? 15 1 0.993 ? ? 
2.030 2.190  ? ? ? ? ? ? 1677 100.000 ? ? ? ? 0.090 ? ? ? ? ? ? ? ? 7.300 ? 1.128 ? ? 0.097 0.036 ? 16 1 0.996 ? ? 
2.190 2.410  ? ? ? ? ? ? 1685 100.000 ? ? ? ? 0.085 ? ? ? ? ? ? ? ? 7.000 ? 1.276 ? ? 0.091 0.034 ? 17 1 0.994 ? ? 
2.410 2.760  ? ? ? ? ? ? 1708 100.000 ? ? ? ? 0.070 ? ? ? ? ? ? ? ? 6.900 ? 1.199 ? ? 0.076 0.029 ? 18 1 0.996 ? ? 
2.760 3.470  ? ? ? ? ? ? 1731 99.900  ? ? ? ? 0.057 ? ? ? ? ? ? ? ? 6.800 ? 1.606 ? ? 0.062 0.024 ? 19 1 0.998 ? ? 
3.470 50.000 ? ? ? ? ? ? 1829 99.900  ? ? ? ? 0.055 ? ? ? ? ? ? ? ? 6.400 ? 1.934 ? ? 0.060 0.024 ? 20 1 0.997 ? ? 
# 
_refine.aniso_B[1][1]                            0.6200 
_refine.aniso_B[1][2]                            -0.0000 
_refine.aniso_B[1][3]                            0.0000 
_refine.aniso_B[2][2]                            -0.4800 
_refine.aniso_B[2][3]                            0.0000 
_refine.aniso_B[3][3]                            -0.1400 
_refine.B_iso_max                                58.870 
_refine.B_iso_mean                               13.4120 
_refine.B_iso_min                                6.540 
_refine.correlation_coeff_Fo_to_Fc               0.9660 
_refine.correlation_coeff_Fo_to_Fc_free          0.9660 
_refine.details                                  
'HYDROGENS HAVE BEEN ADDED IN THE RIDING POSITIONS U VALUES      : REFINED INDIVIDUALLY' 
_refine.diff_density_max                         ? 
_refine.diff_density_max_esd                     ? 
_refine.diff_density_min                         ? 
_refine.diff_density_min_esd                     ? 
_refine.diff_density_rms                         ? 
_refine.diff_density_rms_esd                     ? 
_refine.entry_id                                 6VA5 
_refine.pdbx_refine_id                           'X-RAY DIFFRACTION' 
_refine.ls_abs_structure_details                 ? 
_refine.ls_abs_structure_Flack                   ? 
_refine.ls_abs_structure_Flack_esd               ? 
_refine.ls_abs_structure_Rogers                  ? 
_refine.ls_abs_structure_Rogers_esd              ? 
_refine.ls_d_res_high                            1.2800 
_refine.ls_d_res_low                             37.0000 
_refine.ls_extinction_coef                       ? 
_refine.ls_extinction_coef_esd                   ? 
_refine.ls_extinction_expression                 ? 
_refine.ls_extinction_method                     ? 
_refine.ls_goodness_of_fit_all                   ? 
_refine.ls_goodness_of_fit_all_esd               ? 
_refine.ls_goodness_of_fit_obs                   ? 
_refine.ls_goodness_of_fit_obs_esd               ? 
_refine.ls_hydrogen_treatment                    ? 
_refine.ls_matrix_type                           ? 
_refine.ls_number_constraints                    ? 
_refine.ls_number_parameters                     ? 
_refine.ls_number_reflns_all                     ? 
_refine.ls_number_reflns_obs                     31860 
_refine.ls_number_reflns_R_free                  1227 
_refine.ls_number_reflns_R_work                  ? 
_refine.ls_number_restraints                     ? 
_refine.ls_percent_reflns_obs                    99.9200 
_refine.ls_percent_reflns_R_free                 3.7000 
_refine.ls_R_factor_all                          ? 
_refine.ls_R_factor_obs                          0.1743 
_refine.ls_R_factor_R_free                       0.1849 
_refine.ls_R_factor_R_free_error                 ? 
_refine.ls_R_factor_R_free_error_details         ? 
_refine.ls_R_factor_R_work                       0.1738 
_refine.ls_R_Fsqd_factor_obs                     ? 
_refine.ls_R_I_factor_obs                        ? 
_refine.ls_redundancy_reflns_all                 ? 
_refine.ls_redundancy_reflns_obs                 ? 
_refine.ls_restrained_S_all                      ? 
_refine.ls_restrained_S_obs                      ? 
_refine.ls_shift_over_esd_max                    ? 
_refine.ls_shift_over_esd_mean                   ? 
_refine.ls_structure_factor_coef                 ? 
_refine.ls_weighting_details                     ? 
_refine.ls_weighting_scheme                      ? 
_refine.ls_wR_factor_all                         ? 
_refine.ls_wR_factor_obs                         ? 
_refine.ls_wR_factor_R_free                      ? 
_refine.ls_wR_factor_R_work                      ? 
_refine.occupancy_max                            ? 
_refine.occupancy_min                            ? 
_refine.solvent_model_details                    ? 
_refine.solvent_model_param_bsol                 ? 
_refine.solvent_model_param_ksol                 ? 
_refine.pdbx_R_complete                          ? 
_refine.ls_R_factor_gt                           ? 
_refine.ls_goodness_of_fit_gt                    ? 
_refine.ls_goodness_of_fit_ref                   ? 
_refine.ls_shift_over_su_max                     ? 
_refine.ls_shift_over_su_max_lt                  ? 
_refine.ls_shift_over_su_mean                    ? 
_refine.ls_shift_over_su_mean_lt                 ? 
_refine.pdbx_ls_sigma_I                          ? 
_refine.pdbx_ls_sigma_F                          0.000 
_refine.pdbx_ls_sigma_Fsqd                       ? 
_refine.pdbx_data_cutoff_high_absF               ? 
_refine.pdbx_data_cutoff_high_rms_absF           ? 
_refine.pdbx_data_cutoff_low_absF                ? 
_refine.pdbx_isotropic_thermal_model             ? 
_refine.pdbx_ls_cross_valid_method               THROUGHOUT 
_refine.pdbx_method_to_determine_struct          'MOLECULAR REPLACEMENT' 
_refine.pdbx_starting_model                      4RG2 
_refine.pdbx_stereochemistry_target_values       ? 
_refine.pdbx_R_Free_selection_details            RANDOM 
_refine.pdbx_stereochem_target_val_spec_case     ? 
_refine.pdbx_overall_ESU_R                       0.0480 
_refine.pdbx_overall_ESU_R_Free                  0.0470 
_refine.pdbx_solvent_vdw_probe_radii             1.2000 
_refine.pdbx_solvent_ion_probe_radii             0.8000 
_refine.pdbx_solvent_shrinkage_radii             0.8000 
_refine.pdbx_real_space_R                        ? 
_refine.pdbx_density_correlation                 ? 
_refine.pdbx_pd_number_of_powder_patterns        ? 
_refine.pdbx_pd_number_of_points                 ? 
_refine.pdbx_pd_meas_number_of_points            ? 
_refine.pdbx_pd_proc_ls_prof_R_factor            ? 
_refine.pdbx_pd_proc_ls_prof_wR_factor           ? 
_refine.pdbx_pd_Marquardt_correlation_coeff      ? 
_refine.pdbx_pd_Fsqrd_R_factor                   ? 
_refine.pdbx_pd_ls_matrix_band_width             ? 
_refine.pdbx_overall_phase_error                 ? 
_refine.pdbx_overall_SU_R_free_Cruickshank_DPI   ? 
_refine.pdbx_overall_SU_R_free_Blow_DPI          ? 
_refine.pdbx_overall_SU_R_Blow_DPI               ? 
_refine.pdbx_TLS_residual_ADP_flag               ? 
_refine.pdbx_diffrn_id                           1 
_refine.overall_SU_B                             0.7330 
_refine.overall_SU_ML                            0.0320 
_refine.overall_SU_R_Cruickshank_DPI             ? 
_refine.overall_SU_R_free                        ? 
_refine.overall_FOM_free_R_set                   ? 
_refine.overall_FOM_work_R_set                   ? 
_refine.pdbx_average_fsc_overall                 ? 
_refine.pdbx_average_fsc_work                    ? 
_refine.pdbx_average_fsc_free                    ? 
# 
_refine_hist.pdbx_refine_id                   'X-RAY DIFFRACTION' 
_refine_hist.cycle_id                         final 
_refine_hist.details                          ? 
_refine_hist.d_res_high                       1.2800 
_refine_hist.d_res_low                        37.0000 
_refine_hist.number_atoms_solvent             147 
_refine_hist.number_atoms_total               1171 
_refine_hist.number_reflns_all                ? 
_refine_hist.number_reflns_obs                ? 
_refine_hist.number_reflns_R_free             ? 
_refine_hist.number_reflns_R_work             ? 
_refine_hist.R_factor_all                     ? 
_refine_hist.R_factor_obs                     ? 
_refine_hist.R_factor_R_free                  ? 
_refine_hist.R_factor_R_work                  ? 
_refine_hist.pdbx_number_residues_total       123 
_refine_hist.pdbx_B_iso_mean_ligand           18.19 
_refine_hist.pdbx_B_iso_mean_solvent          23.73 
_refine_hist.pdbx_number_atoms_protein        981 
_refine_hist.pdbx_number_atoms_nucleic_acid   0 
_refine_hist.pdbx_number_atoms_ligand         43 
_refine_hist.pdbx_number_atoms_lipid          ? 
_refine_hist.pdbx_number_atoms_carb           ? 
_refine_hist.pdbx_pseudo_atom_details         ? 
# 
loop_
_refine_ls_restr.pdbx_refine_id 
_refine_ls_restr.criterion 
_refine_ls_restr.dev_ideal 
_refine_ls_restr.dev_ideal_target 
_refine_ls_restr.number 
_refine_ls_restr.rejects 
_refine_ls_restr.type 
_refine_ls_restr.weight 
_refine_ls_restr.pdbx_restraint_function 
'X-RAY DIFFRACTION' ? 0.009  0.019  1114 ? r_bond_refined_d       ? ? 
'X-RAY DIFFRACTION' ? 0.002  0.020  1034 ? r_bond_other_d         ? ? 
'X-RAY DIFFRACTION' ? 1.396  1.976  1507 ? r_angle_refined_deg    ? ? 
'X-RAY DIFFRACTION' ? 0.883  3.000  2396 ? r_angle_other_deg      ? ? 
'X-RAY DIFFRACTION' ? 6.322  5.000  138  ? r_dihedral_angle_1_deg ? ? 
'X-RAY DIFFRACTION' ? 30.583 22.745 51   ? r_dihedral_angle_2_deg ? ? 
'X-RAY DIFFRACTION' ? 12.535 15.000 198  ? r_dihedral_angle_3_deg ? ? 
'X-RAY DIFFRACTION' ? 22.232 15.000 10   ? r_dihedral_angle_4_deg ? ? 
'X-RAY DIFFRACTION' ? 0.088  0.200  154  ? r_chiral_restr         ? ? 
'X-RAY DIFFRACTION' ? 0.007  0.020  1280 ? r_gen_planes_refined   ? ? 
'X-RAY DIFFRACTION' ? 0.002  0.020  254  ? r_gen_planes_other     ? ? 
# 
_refine_ls_shell.pdbx_refine_id                   'X-RAY DIFFRACTION' 
_refine_ls_shell.d_res_high                       1.2800 
_refine_ls_shell.d_res_low                        1.3130 
_refine_ls_shell.number_reflns_all                2391 
_refine_ls_shell.number_reflns_obs                ? 
_refine_ls_shell.number_reflns_R_free             67 
_refine_ls_shell.number_reflns_R_work             2324 
_refine_ls_shell.percent_reflns_obs               99.8700 
_refine_ls_shell.percent_reflns_R_free            ? 
_refine_ls_shell.R_factor_all                     ? 
_refine_ls_shell.R_factor_obs                     ? 
_refine_ls_shell.R_factor_R_free                  0.2130 
_refine_ls_shell.R_factor_R_free_error            0.0000 
_refine_ls_shell.R_factor_R_work                  0.2700 
_refine_ls_shell.redundancy_reflns_all            ? 
_refine_ls_shell.redundancy_reflns_obs            ? 
_refine_ls_shell.wR_factor_all                    ? 
_refine_ls_shell.wR_factor_obs                    ? 
_refine_ls_shell.wR_factor_R_free                 ? 
_refine_ls_shell.wR_factor_R_work                 ? 
_refine_ls_shell.pdbx_R_complete                  ? 
_refine_ls_shell.pdbx_total_number_of_bins_used   20 
_refine_ls_shell.pdbx_phase_error                 ? 
_refine_ls_shell.pdbx_fsc_work                    ? 
_refine_ls_shell.pdbx_fsc_free                    ? 
# 
_struct.entry_id                     6VA5 
_struct.title                        'Tudor Domain of Tumor suppressor p53BP1 with MFP-4184' 
_struct.pdbx_model_details           ? 
_struct.pdbx_formula_weight          ? 
_struct.pdbx_formula_weight_method   ? 
_struct.pdbx_model_type_details      ? 
_struct.pdbx_CASP_flag               N 
# 
_struct_keywords.entry_id        6VA5 
_struct_keywords.text            '53BP1, Tudor, MFP-4184, Structural Genomics, Structural Genomics Consortium, SGC, TRANSCRIPTION' 
_struct_keywords.pdbx_keywords   TRANSCRIPTION 
# 
loop_
_struct_asym.id 
_struct_asym.pdbx_blank_PDB_chainid_flag 
_struct_asym.pdbx_modified 
_struct_asym.entity_id 
_struct_asym.details 
A N N 1 ? 
B N N 2 ? 
C N N 3 ? 
D N N 4 ? 
E N N 4 ? 
F N N 4 ? 
G N N 4 ? 
H N N 5 ? 
I N N 5 ? 
J N N 5 ? 
K N N 6 ? 
# 
loop_
_struct_conf.conf_type_id 
_struct_conf.id 
_struct_conf.pdbx_PDB_helix_id 
_struct_conf.beg_label_comp_id 
_struct_conf.beg_label_asym_id 
_struct_conf.beg_label_seq_id 
_struct_conf.pdbx_beg_PDB_ins_code 
_struct_conf.end_label_comp_id 
_struct_conf.end_label_asym_id 
_struct_conf.end_label_seq_id 
_struct_conf.pdbx_end_PDB_ins_code 
_struct_conf.beg_auth_comp_id 
_struct_conf.beg_auth_asym_id 
_struct_conf.beg_auth_seq_id 
_struct_conf.end_auth_comp_id 
_struct_conf.end_auth_asym_id 
_struct_conf.end_auth_seq_id 
_struct_conf.pdbx_PDB_helix_class 
_struct_conf.details 
_struct_conf.pdbx_PDB_helix_length 
HELX_P HELX_P1 AA1 MET A 103 ? VAL A 105 ? MET A 1584 VAL A 1586 5 ? 3 
HELX_P HELX_P2 AA2 LEU A 109 ? LEU A 115 ? LEU A 1590 LEU A 1596 1 ? 7 
HELX_P HELX_P3 AA3 LEU A 115 ? GLY A 120 ? LEU A 1596 GLY A 1601 1 ? 6 
# 
_struct_conf_type.id          HELX_P 
_struct_conf_type.criteria    ? 
_struct_conf_type.reference   ? 
# 
loop_
_struct_mon_prot_cis.pdbx_id 
_struct_mon_prot_cis.label_comp_id 
_struct_mon_prot_cis.label_seq_id 
_struct_mon_prot_cis.label_asym_id 
_struct_mon_prot_cis.label_alt_id 
_struct_mon_prot_cis.pdbx_PDB_ins_code 
_struct_mon_prot_cis.auth_comp_id 
_struct_mon_prot_cis.auth_seq_id 
_struct_mon_prot_cis.auth_asym_id 
_struct_mon_prot_cis.pdbx_label_comp_id_2 
_struct_mon_prot_cis.pdbx_label_seq_id_2 
_struct_mon_prot_cis.pdbx_label_asym_id_2 
_struct_mon_prot_cis.pdbx_PDB_ins_code_2 
_struct_mon_prot_cis.pdbx_auth_comp_id_2 
_struct_mon_prot_cis.pdbx_auth_seq_id_2 
_struct_mon_prot_cis.pdbx_auth_asym_id_2 
_struct_mon_prot_cis.pdbx_PDB_model_num 
_struct_mon_prot_cis.pdbx_omega_angle 
1 ASP 55  A . ? ASP 1536 A PRO 56  A ? PRO 1537 A 1 6.98  
2 GLY 122 A . ? GLY 1603 A PRO 123 A ? PRO 1604 A 1 -2.58 
# 
loop_
_struct_sheet.id 
_struct_sheet.type 
_struct_sheet.number_strands 
_struct_sheet.details 
AA1 ? 5 ? 
AA2 ? 4 ? 
AA3 ? 4 ? 
# 
loop_
_struct_sheet_order.sheet_id 
_struct_sheet_order.range_id_1 
_struct_sheet_order.range_id_2 
_struct_sheet_order.offset 
_struct_sheet_order.sense 
AA1 1 2 ? anti-parallel 
AA1 2 3 ? anti-parallel 
AA1 3 4 ? anti-parallel 
AA1 4 5 ? anti-parallel 
AA2 1 2 ? anti-parallel 
AA2 2 3 ? anti-parallel 
AA2 3 4 ? anti-parallel 
AA3 1 2 ? anti-parallel 
AA3 2 3 ? anti-parallel 
AA3 3 4 ? anti-parallel 
# 
loop_
_struct_sheet_range.sheet_id 
_struct_sheet_range.id 
_struct_sheet_range.beg_label_comp_id 
_struct_sheet_range.beg_label_asym_id 
_struct_sheet_range.beg_label_seq_id 
_struct_sheet_range.pdbx_beg_PDB_ins_code 
_struct_sheet_range.end_label_comp_id 
_struct_sheet_range.end_label_asym_id 
_struct_sheet_range.end_label_seq_id 
_struct_sheet_range.pdbx_end_PDB_ins_code 
_struct_sheet_range.beg_auth_comp_id 
_struct_sheet_range.beg_auth_asym_id 
_struct_sheet_range.beg_auth_seq_id 
_struct_sheet_range.end_auth_comp_id 
_struct_sheet_range.end_auth_asym_id 
_struct_sheet_range.end_auth_seq_id 
AA1 1 GLU A 43  ? LEU A 47  ? GLU A 1524 LEU A 1528 
AA1 2 LYS A 33  ? PHE A 38  ? LYS A 1514 PHE A 1519 
AA1 3 TYR A 19  ? GLY A 30  ? TYR A 1500 GLY A 1511 
AA1 4 ARG A 9   ? LYS A 13  ? ARG A 1490 LYS A 1494 
AA1 5 ILE A 51  ? LEU A 52  ? ILE A 1532 LEU A 1533 
AA2 1 GLU A 43  ? LEU A 47  ? GLU A 1524 LEU A 1528 
AA2 2 LYS A 33  ? PHE A 38  ? LYS A 1514 PHE A 1519 
AA2 3 TYR A 19  ? GLY A 30  ? TYR A 1500 GLY A 1511 
AA2 4 LEU A 107 ? SER A 108 ? LEU A 1588 SER A 1589 
AA3 1 GLU A 62  ? SER A 67  ? GLU A 1543 SER A 1548 
AA3 2 TYR A 71  ? ARG A 81  ? TYR A 1552 ARG A 1562 
AA3 3 TYR A 88  ? LYS A 93  ? TYR A 1569 LYS A 1574 
AA3 4 GLN A 96  ? LYS A 101 ? GLN A 1577 LYS A 1582 
# 
loop_
_pdbx_struct_sheet_hbond.sheet_id 
_pdbx_struct_sheet_hbond.range_id_1 
_pdbx_struct_sheet_hbond.range_id_2 
_pdbx_struct_sheet_hbond.range_1_label_atom_id 
_pdbx_struct_sheet_hbond.range_1_label_comp_id 
_pdbx_struct_sheet_hbond.range_1_label_asym_id 
_pdbx_struct_sheet_hbond.range_1_label_seq_id 
_pdbx_struct_sheet_hbond.range_1_PDB_ins_code 
_pdbx_struct_sheet_hbond.range_1_auth_atom_id 
_pdbx_struct_sheet_hbond.range_1_auth_comp_id 
_pdbx_struct_sheet_hbond.range_1_auth_asym_id 
_pdbx_struct_sheet_hbond.range_1_auth_seq_id 
_pdbx_struct_sheet_hbond.range_2_label_atom_id 
_pdbx_struct_sheet_hbond.range_2_label_comp_id 
_pdbx_struct_sheet_hbond.range_2_label_asym_id 
_pdbx_struct_sheet_hbond.range_2_label_seq_id 
_pdbx_struct_sheet_hbond.range_2_PDB_ins_code 
_pdbx_struct_sheet_hbond.range_2_auth_atom_id 
_pdbx_struct_sheet_hbond.range_2_auth_comp_id 
_pdbx_struct_sheet_hbond.range_2_auth_asym_id 
_pdbx_struct_sheet_hbond.range_2_auth_seq_id 
AA1 1 2 O VAL A 46 ? O VAL A 1527 N TYR A 34  ? N TYR A 1515 
AA1 2 3 O LYS A 35 ? O LYS A 1516 N THR A 26  ? N THR A 1507 
AA1 3 4 O TYR A 21 ? O TYR A 1502 N ALA A 12  ? N ALA A 1493 
AA1 4 5 N VAL A 11 ? N VAL A 1492 O LEU A 52  ? O LEU A 1533 
AA2 1 2 O VAL A 46 ? O VAL A 1527 N TYR A 34  ? N TYR A 1515 
AA2 2 3 O LYS A 35 ? O LYS A 1516 N THR A 26  ? N THR A 1507 
AA2 3 4 N PHE A 20 ? N PHE A 1501 O LEU A 107 ? O LEU A 1588 
AA3 1 2 N SER A 67 ? N SER A 1548 O TYR A 71  ? O TYR A 1552 
AA3 2 3 N LYS A 78 ? N LYS A 1559 O SER A 90  ? O SER A 1571 
AA3 3 4 N TYR A 89 ? N TYR A 1570 O TYR A 100 ? O TYR A 1581 
# 
loop_
_struct_site.id 
_struct_site.pdbx_evidence_code 
_struct_site.pdbx_auth_asym_id 
_struct_site.pdbx_auth_comp_id 
_struct_site.pdbx_auth_seq_id 
_struct_site.pdbx_auth_ins_code 
_struct_site.pdbx_num_residues 
_struct_site.details 
AC1 Software A QSS 1701 ? 8 'binding site for residue QSS A 1701' 
AC2 Software A GOL 1702 ? 8 'binding site for residue GOL A 1702' 
AC3 Software A SO4 1703 ? 8 'binding site for residue SO4 A 1703' 
AC4 Software A SO4 1704 ? 4 'binding site for residue SO4 A 1704' 
AC5 Software A SO4 1705 ? 7 'binding site for residue SO4 A 1705' 
AC6 Software A SO4 1706 ? 4 'binding site for residue SO4 A 1706' 
# 
loop_
_struct_site_gen.id 
_struct_site_gen.site_id 
_struct_site_gen.pdbx_num_res 
_struct_site_gen.label_comp_id 
_struct_site_gen.label_asym_id 
_struct_site_gen.label_seq_id 
_struct_site_gen.pdbx_auth_ins_code 
_struct_site_gen.auth_comp_id 
_struct_site_gen.auth_asym_id 
_struct_site_gen.auth_seq_id 
_struct_site_gen.label_atom_id 
_struct_site_gen.label_alt_id 
_struct_site_gen.symmetry 
_struct_site_gen.details 
1  AC1 8 TRP A 14  ? TRP A 1495 . ? 1_555 ? 
2  AC1 8 ASN A 17  ? ASN A 1498 . ? 1_555 ? 
3  AC1 8 TYR A 21  ? TYR A 1502 . ? 1_555 ? 
4  AC1 8 ASP A 40  ? ASP A 1521 . ? 1_555 ? 
5  AC1 8 TYR A 42  ? TYR A 1523 . ? 1_555 ? 
6  AC1 8 ARG A 81  ? ARG A 1562 . ? 4_445 ? 
7  AC1 8 GLU A 117 ? GLU A 1598 . ? 3_445 ? 
8  AC1 8 TYR A 124 ? TYR A 1605 . ? 3_445 ? 
9  AC2 8 LYS A 13  ? LYS A 1494 . ? 1_555 ? 
10 AC2 8 SER A 16  ? SER A 1497 . ? 1_555 ? 
11 AC2 8 ASN A 17  ? ASN A 1498 . ? 1_555 ? 
12 AC2 8 LEU A 53  ? LEU A 1534 . ? 3_445 ? 
13 AC2 8 HOH K .   ? HOH A 1838 . ? 1_555 ? 
14 AC2 8 HOH K .   ? HOH A 1860 . ? 1_555 ? 
15 AC2 8 HOH K .   ? HOH A 1876 . ? 1_555 ? 
16 AC2 8 HOH K .   ? HOH A 1890 . ? 1_555 ? 
17 AC3 8 ARG A 9   ? ARG A 1490 . ? 1_555 ? 
18 AC3 8 GLU A 86  ? GLU A 1567 . ? 1_555 ? 
19 AC3 8 LEU A 87  ? LEU A 1568 . ? 1_555 ? 
20 AC3 8 ARG A 102 ? ARG A 1583 . ? 1_555 ? 
21 AC3 8 HOH K .   ? HOH A 1816 . ? 1_555 ? 
22 AC3 8 HOH K .   ? HOH A 1819 . ? 1_555 ? 
23 AC3 8 HOH K .   ? HOH A 1825 . ? 1_555 ? 
24 AC3 8 HOH K .   ? HOH A 1862 . ? 1_555 ? 
25 AC4 4 LYS A 49  ? LYS A 1530 . ? 1_555 ? 
26 AC4 4 ARG A 116 ? ARG A 1597 . ? 1_555 ? 
27 AC4 4 HOH K .   ? HOH A 1806 . ? 1_555 ? 
28 AC4 4 HOH K .   ? HOH A 1911 . ? 1_555 ? 
29 AC5 7 ARG A 114 ? ARG A 1595 . ? 1_555 ? 
30 AC5 7 LEU A 115 ? LEU A 1596 . ? 1_555 ? 
31 AC5 7 GLN A 118 ? GLN A 1599 . ? 1_555 ? 
32 AC5 7 HOH K .   ? HOH A 1823 . ? 1_555 ? 
33 AC5 7 HOH K .   ? HOH A 1836 . ? 1_555 ? 
34 AC5 7 HOH K .   ? HOH A 1849 . ? 2_455 ? 
35 AC5 7 HOH K .   ? HOH A 1873 . ? 1_555 ? 
36 AC6 4 ARG A 81  ? ARG A 1562 . ? 1_555 ? 
37 AC6 4 LYS A 82  ? LYS A 1563 . ? 1_555 ? 
38 AC6 4 GLU A 83  ? GLU A 1564 . ? 1_555 ? 
39 AC6 4 HOH K .   ? HOH A 1824 . ? 1_555 ? 
# 
_atom_sites.entry_id                    6VA5 
_atom_sites.Cartn_transf_matrix[1][1]   ? 
_atom_sites.Cartn_transf_matrix[1][2]   ? 
_atom_sites.Cartn_transf_matrix[1][3]   ? 
_atom_sites.Cartn_transf_matrix[2][1]   ? 
_atom_sites.Cartn_transf_matrix[2][2]   ? 
_atom_sites.Cartn_transf_matrix[2][3]   ? 
_atom_sites.Cartn_transf_matrix[3][1]   ? 
_atom_sites.Cartn_transf_matrix[3][2]   ? 
_atom_sites.Cartn_transf_matrix[3][3]   ? 
_atom_sites.Cartn_transf_vector[1]      ? 
_atom_sites.Cartn_transf_vector[2]      ? 
_atom_sites.Cartn_transf_vector[3]      ? 
_atom_sites.fract_transf_matrix[1][1]   -0.01873978 
_atom_sites.fract_transf_matrix[1][2]   -0.00409665 
_atom_sites.fract_transf_matrix[1][3]   -0.01345547 
_atom_sites.fract_transf_matrix[2][1]   -0.00131607 
_atom_sites.fract_transf_matrix[2][2]   0.02175014 
_atom_sites.fract_transf_matrix[2][3]   -0.00478912 
_atom_sites.fract_transf_matrix[3][1]   0.00911423 
_atom_sites.fract_transf_matrix[3][2]   -0.00210254 
_atom_sites.fract_transf_matrix[3][3]   -0.01205347 
_atom_sites.fract_transf_vector[1]      -0.379236 
_atom_sites.fract_transf_vector[2]      -0.089825 
_atom_sites.fract_transf_vector[3]      0.154912 
_atom_sites.solution_primary            ? 
_atom_sites.solution_secondary          ? 
_atom_sites.solution_hydrogens          ? 
_atom_sites.special_details             ? 
# 
loop_
_atom_type.symbol 
C 
N 
O 
S 
X 
# 
loop_
_atom_site.group_PDB 
_atom_site.id 
_atom_site.type_symbol 
_atom_site.label_atom_id 
_atom_site.label_alt_id 
_atom_site.label_comp_id 
_atom_site.label_asym_id 
_atom_site.label_entity_id 
_atom_site.label_seq_id 
_atom_site.pdbx_PDB_ins_code 
_atom_site.Cartn_x 
_atom_site.Cartn_y 
_atom_site.Cartn_z 
_atom_site.occupancy 
_atom_site.B_iso_or_equiv 
_atom_site.pdbx_formal_charge 
_atom_site.auth_seq_id 
_atom_site.auth_comp_id 
_atom_site.auth_asym_id 
_atom_site.auth_atom_id 
_atom_site.pdbx_PDB_model_num 
ATOM   1    N N   . ASN A 1 3   ? 4.842   19.523  8.369   1.00 25.84 ? 1484 ASN A N   1 
ATOM   2    C CA  . ASN A 1 3   ? 5.485   19.782  7.032   1.00 24.34 ? 1484 ASN A CA  1 
ATOM   3    C C   . ASN A 1 3   ? 6.216   18.570  6.429   1.00 22.61 ? 1484 ASN A C   1 
ATOM   4    O O   . ASN A 1 3   ? 6.468   18.561  5.223   1.00 20.96 ? 1484 ASN A O   1 
ATOM   5    C CB  . ASN A 1 3   ? 6.519   20.919  7.128   1.00 25.05 ? 1484 ASN A CB  1 
ATOM   6    C CG  . ASN A 1 3   ? 5.904   22.311  7.218   1.00 24.66 ? 1484 ASN A CG  1 
ATOM   7    O OD1 . ASN A 1 3   ? 4.726   22.528  6.939   1.00 24.74 ? 1484 ASN A OD1 1 
ATOM   8    N ND2 . ASN A 1 3   ? 6.738   23.275  7.602   1.00 26.22 ? 1484 ASN A ND2 1 
ATOM   9    N N   . SER A 1 4   ? 6.585   17.588  7.258   1.00 21.01 ? 1485 SER A N   1 
ATOM   10   C CA  . SER A 1 4   ? 7.418   16.456  6.830   1.00 18.26 ? 1485 SER A CA  1 
ATOM   11   C C   . SER A 1 4   ? 6.591   15.279  6.276   1.00 16.49 ? 1485 SER A C   1 
ATOM   12   O O   . SER A 1 4   ? 5.360   15.341  6.207   1.00 17.13 ? 1485 SER A O   1 
ATOM   13   C CB  . SER A 1 4   ? 8.304   16.014  7.999   1.00 18.44 ? 1485 SER A CB  1 
ATOM   14   O OG  . SER A 1 4   ? 7.608   15.197  8.932   1.00 18.03 ? 1485 SER A OG  1 
ATOM   15   N N   . PHE A 1 5   ? 7.287   14.215  5.861   1.00 14.20 ? 1486 PHE A N   1 
ATOM   16   C CA  . PHE A 1 5   ? 6.639   12.962  5.438   1.00 12.80 ? 1486 PHE A CA  1 
ATOM   17   C C   . PHE A 1 5   ? 5.961   12.233  6.611   1.00 12.20 ? 1486 PHE A C   1 
ATOM   18   O O   . PHE A 1 5   ? 5.160   11.329  6.378   1.00 12.18 ? 1486 PHE A O   1 
ATOM   19   C CB  . PHE A 1 5   ? 7.656   12.012  4.809   1.00 12.56 ? 1486 PHE A CB  1 
ATOM   20   C CG  . PHE A 1 5   ? 8.195   12.457  3.474   1.00 11.76 ? 1486 PHE A CG  1 
ATOM   21   C CD1 . PHE A 1 5   ? 7.354   12.656  2.376   1.00 12.03 ? 1486 PHE A CD1 1 
ATOM   22   C CD2 . PHE A 1 5   ? 9.549   12.595  3.295   1.00 11.40 ? 1486 PHE A CD2 1 
ATOM   23   C CE1 . PHE A 1 5   ? 7.874   13.020  1.133   1.00 11.48 ? 1486 PHE A CE1 1 
ATOM   24   C CE2 . PHE A 1 5   ? 10.081  12.963  2.061   1.00 11.30 ? 1486 PHE A CE2 1 
ATOM   25   C CZ  . PHE A 1 5   ? 9.232   13.166  0.988   1.00 11.24 ? 1486 PHE A CZ  1 
ATOM   26   N N   . VAL A 1 6   ? 6.297   12.585  7.858   1.00 11.73 ? 1487 VAL A N   1 
ATOM   27   C CA  . VAL A 1 6   ? 5.704   11.945  9.026   1.00 11.75 ? 1487 VAL A CA  1 
ATOM   28   C C   . VAL A 1 6   ? 4.203   12.164  9.052   1.00 11.40 ? 1487 VAL A C   1 
ATOM   29   O O   . VAL A 1 6   ? 3.716   13.276  8.831   1.00 12.01 ? 1487 VAL A O   1 
ATOM   30   C CB  . VAL A 1 6   ? 6.361   12.421  10.354  1.00 12.52 ? 1487 VAL A CB  1 
ATOM   31   C CG1 . VAL A 1 6   ? 5.637   11.837  11.557  1.00 13.16 ? 1487 VAL A CG1 1 
ATOM   32   C CG2 . VAL A 1 6   ? 7.835   12.043  10.386  1.00 13.19 ? 1487 VAL A CG2 1 
ATOM   33   N N   . GLY A 1 7   ? 3.478   11.081  9.296   1.00 10.79 ? 1488 GLY A N   1 
ATOM   34   C CA  . GLY A 1 7   ? 2.031   11.091  9.352   1.00 10.56 ? 1488 GLY A CA  1 
ATOM   35   C C   . GLY A 1 7   ? 1.317   10.656  8.086   1.00 10.58 ? 1488 GLY A C   1 
ATOM   36   O O   . GLY A 1 7   ? 0.124   10.380  8.124   1.00 11.57 ? 1488 GLY A O   1 
ATOM   37   N N   . LEU A 1 8   ? 2.036   10.565  6.975   1.00 10.29 ? 1489 LEU A N   1 
ATOM   38   C CA  . LEU A 1 8   ? 1.411   10.170  5.721   1.00 10.05 ? 1489 LEU A CA  1 
ATOM   39   C C   . LEU A 1 8   ? 1.048   8.678   5.737   1.00 9.40  ? 1489 LEU A C   1 
ATOM   40   O O   . LEU A 1 8   ? 1.844   7.833   6.205   1.00 9.66  ? 1489 LEU A O   1 
ATOM   41   C CB  . LEU A 1 8   ? 2.339   10.426  4.549   1.00 10.61 ? 1489 LEU A CB  1 
ATOM   42   C CG  . LEU A 1 8   ? 2.613   11.890  4.219   1.00 11.54 ? 1489 LEU A CG  1 
ATOM   43   C CD1 . LEU A 1 8   ? 3.560   11.928  3.041   1.00 12.24 ? 1489 LEU A CD1 1 
ATOM   44   C CD2 . LEU A 1 8   ? 1.336   12.665  3.903   1.00 12.18 ? 1489 LEU A CD2 1 
ATOM   45   N N   A ARG A 1 9   ? -0.127  8.355   5.199   0.50 9.40  ? 1490 ARG A N   1 
ATOM   46   N N   B ARG A 1 9   ? -0.125  8.353   5.199   0.50 9.30  ? 1490 ARG A N   1 
ATOM   47   C CA  A ARG A 1 9   ? -0.493  6.962   4.947   0.50 9.48  ? 1490 ARG A CA  1 
ATOM   48   C CA  B ARG A 1 9   ? -0.483  6.959   4.950   0.50 9.32  ? 1490 ARG A CA  1 
ATOM   49   C C   A ARG A 1 9   ? 0.132   6.533   3.629   0.50 9.14  ? 1490 ARG A C   1 
ATOM   50   C C   B ARG A 1 9   ? 0.131   6.531   3.629   0.50 9.05  ? 1490 ARG A C   1 
ATOM   51   O O   A ARG A 1 9   ? 0.019   7.237   2.617   0.50 9.76  ? 1490 ARG A O   1 
ATOM   52   O O   B ARG A 1 9   ? 0.008   7.232   2.615   0.50 9.67  ? 1490 ARG A O   1 
ATOM   53   C CB  A ARG A 1 9   ? -2.004  6.788   4.874   0.50 10.29 ? 1490 ARG A CB  1 
ATOM   54   C CB  B ARG A 1 9   ? -1.990  6.771   4.888   0.50 10.00 ? 1490 ARG A CB  1 
ATOM   55   C CG  A ARG A 1 9   ? -2.764  7.328   6.067   0.50 11.24 ? 1490 ARG A CG  1 
ATOM   56   C CG  B ARG A 1 9   ? -2.720  7.103   6.168   0.50 10.74 ? 1490 ARG A CG  1 
ATOM   57   C CD  A ARG A 1 9   ? -2.304  6.762   7.395   0.50 12.01 ? 1490 ARG A CD  1 
ATOM   58   C CD  B ARG A 1 9   ? -2.262  6.326   7.384   0.50 11.58 ? 1490 ARG A CD  1 
ATOM   59   N NE  A ARG A 1 9   ? -2.675  5.359   7.574   0.50 12.71 ? 1490 ARG A NE  1 
ATOM   60   N NE  B ARG A 1 9   ? -3.294  6.398   8.412   0.50 12.20 ? 1490 ARG A NE  1 
ATOM   61   C CZ  A ARG A 1 9   ? -3.885  4.938   7.930   0.50 13.52 ? 1490 ARG A CZ  1 
ATOM   62   C CZ  B ARG A 1 9   ? -4.324  5.560   8.490   0.50 12.47 ? 1490 ARG A CZ  1 
ATOM   63   N NH1 A ARG A 1 9   ? -4.865  5.806   8.152   0.50 13.86 ? 1490 ARG A NH1 1 
ATOM   64   N NH1 B ARG A 1 9   ? -4.436  4.571   7.621   0.50 12.46 ? 1490 ARG A NH1 1 
ATOM   65   N NH2 A ARG A 1 9   ? -4.111  3.648   8.066   0.50 14.35 ? 1490 ARG A NH2 1 
ATOM   66   N NH2 B ARG A 1 9   ? -5.237  5.707   9.435   0.50 13.13 ? 1490 ARG A NH2 1 
ATOM   67   N N   . VAL A 1 10  ? 0.775   5.369   3.646   1.00 8.32  ? 1491 VAL A N   1 
ATOM   68   C CA  . VAL A 1 10  ? 1.583   4.891   2.532   1.00 7.98  ? 1491 VAL A CA  1 
ATOM   69   C C   . VAL A 1 10  ? 1.316   3.401   2.328   1.00 7.48  ? 1491 VAL A C   1 
ATOM   70   O O   . VAL A 1 10  ? 0.707   2.728   3.170   1.00 8.00  ? 1491 VAL A O   1 
ATOM   71   C CB  . VAL A 1 10  ? 3.081   5.151   2.789   1.00 8.24  ? 1491 VAL A CB  1 
ATOM   72   C CG1 . VAL A 1 10  ? 3.332   6.646   2.903   1.00 8.32  ? 1491 VAL A CG1 1 
ATOM   73   C CG2 . VAL A 1 10  ? 3.570   4.390   4.014   1.00 8.64  ? 1491 VAL A CG2 1 
ATOM   74   N N   . VAL A 1 11  ? 1.765   2.901   1.189   1.00 7.21  ? 1492 VAL A N   1 
ATOM   75   C CA  . VAL A 1 11  ? 1.809   1.460   0.924   1.00 7.41  ? 1492 VAL A CA  1 
ATOM   76   C C   . VAL A 1 11  ? 3.269   1.161   0.629   1.00 7.43  ? 1492 VAL A C   1 
ATOM   77   O O   . VAL A 1 11  ? 3.851   1.766   -0.271  1.00 7.33  ? 1492 VAL A O   1 
ATOM   78   C CB  . VAL A 1 11  ? 0.876   1.069   -0.249  1.00 7.95  ? 1492 VAL A CB  1 
ATOM   79   C CG1 . VAL A 1 11  ? 0.837   -0.442  -0.407  1.00 8.64  ? 1492 VAL A CG1 1 
ATOM   80   C CG2 . VAL A 1 11  ? -0.546  1.571   0.011   1.00 8.53  ? 1492 VAL A CG2 1 
ATOM   81   N N   . ALA A 1 12  ? 3.879   0.262   1.402   1.00 7.32  ? 1493 ALA A N   1 
ATOM   82   C CA  . ALA A 1 12  ? 5.353   0.168   1.418   1.00 7.13  ? 1493 ALA A CA  1 
ATOM   83   C C   . ALA A 1 12  ? 5.809   -1.277  1.511   1.00 7.14  ? 1493 ALA A C   1 
ATOM   84   O O   . ALA A 1 12  ? 5.177   -2.098  2.185   1.00 6.67  ? 1493 ALA A O   1 
ATOM   85   C CB  . ALA A 1 12  ? 5.917   0.926   2.603   1.00 7.39  ? 1493 ALA A CB  1 
ATOM   86   N N   . LYS A 1 13  ? 6.946   -1.574  0.884   1.00 7.00  ? 1494 LYS A N   1 
ATOM   87   C CA  . LYS A 1 13  ? 7.500   -2.914  0.974   1.00 7.58  ? 1494 LYS A CA  1 
ATOM   88   C C   . LYS A 1 13  ? 7.799   -3.238  2.432   1.00 7.63  ? 1494 LYS A C   1 
ATOM   89   O O   . LYS A 1 13  ? 8.466   -2.476  3.146   1.00 7.68  ? 1494 LYS A O   1 
ATOM   90   C CB  . LYS A 1 13  ? 8.785   -3.023  0.162   1.00 8.02  ? 1494 LYS A CB  1 
ATOM   91   C CG  . LYS A 1 13  ? 9.194   -4.473  -0.016  1.00 8.88  ? 1494 LYS A CG  1 
ATOM   92   C CD  . LYS A 1 13  ? 10.462  -4.629  -0.811  1.00 9.74  ? 1494 LYS A CD  1 
ATOM   93   C CE  . LYS A 1 13  ? 11.671  -4.379  0.037   1.00 10.91 ? 1494 LYS A CE  1 
ATOM   94   N NZ  . LYS A 1 13  ? 12.909  -4.761  -0.685  1.00 12.08 ? 1494 LYS A NZ  1 
ATOM   95   N N   . TRP A 1 14  ? 7.320   -4.388  2.888   1.00 7.48  ? 1495 TRP A N   1 
ATOM   96   C CA  . TRP A 1 14  ? 7.606   -4.855  4.243   1.00 7.92  ? 1495 TRP A CA  1 
ATOM   97   C C   . TRP A 1 14  ? 8.963   -5.540  4.265   1.00 7.91  ? 1495 TRP A C   1 
ATOM   98   O O   . TRP A 1 14  ? 9.187   -6.495  3.533   1.00 7.68  ? 1495 TRP A O   1 
ATOM   99   C CB  . TRP A 1 14  ? 6.512   -5.818  4.756   1.00 7.82  ? 1495 TRP A CB  1 
ATOM   100  C CG  . TRP A 1 14  ? 6.952   -6.529  6.005   1.00 7.60  ? 1495 TRP A CG  1 
ATOM   101  C CD1 . TRP A 1 14  ? 7.326   -7.827  6.099   1.00 7.79  ? 1495 TRP A CD1 1 
ATOM   102  C CD2 . TRP A 1 14  ? 7.176   -5.953  7.297   1.00 7.96  ? 1495 TRP A CD2 1 
ATOM   103  N NE1 . TRP A 1 14  ? 7.753   -8.108  7.372   1.00 7.95  ? 1495 TRP A NE1 1 
ATOM   104  C CE2 . TRP A 1 14  ? 7.672   -6.974  8.129   1.00 7.94  ? 1495 TRP A CE2 1 
ATOM   105  C CE3 . TRP A 1 14  ? 6.952   -4.687  7.843   1.00 8.03  ? 1495 TRP A CE3 1 
ATOM   106  C CZ2 . TRP A 1 14  ? 7.995   -6.761  9.477   1.00 8.14  ? 1495 TRP A CZ2 1 
ATOM   107  C CZ3 . TRP A 1 14  ? 7.277   -4.469  9.190   1.00 8.50  ? 1495 TRP A CZ3 1 
ATOM   108  C CH2 . TRP A 1 14  ? 7.789   -5.511  9.985   1.00 8.39  ? 1495 TRP A CH2 1 
ATOM   109  N N   . SER A 1 15  ? 9.851   -5.053  5.138   1.00 8.34  ? 1496 SER A N   1 
ATOM   110  C CA  . SER A 1 15  ? 11.172  -5.665  5.392   1.00 8.61  ? 1496 SER A CA  1 
ATOM   111  C C   . SER A 1 15  ? 11.846  -6.051  4.069   1.00 8.51  ? 1496 SER A C   1 
ATOM   112  O O   . SER A 1 15  ? 11.982  -5.194  3.197   1.00 8.94  ? 1496 SER A O   1 
ATOM   113  C CB  . SER A 1 15  ? 10.990  -6.818  6.385   1.00 9.06  ? 1496 SER A CB  1 
ATOM   114  O OG  . SER A 1 15  ? 12.242  -7.235  6.901   1.00 10.14 ? 1496 SER A OG  1 
ATOM   115  N N   . SER A 1 16  ? 12.227  -7.318  3.904   1.00 8.48  ? 1497 SER A N   1 
ATOM   116  C CA  . SER A 1 16  ? 12.744  -7.809  2.621   1.00 8.83  ? 1497 SER A CA  1 
ATOM   117  C C   . SER A 1 16  ? 11.845  -8.896  2.027   1.00 8.34  ? 1497 SER A C   1 
ATOM   118  O O   . SER A 1 16  ? 12.313  -9.872  1.432   1.00 8.17  ? 1497 SER A O   1 
ATOM   119  C CB  . SER A 1 16  ? 14.188  -8.287  2.784   1.00 9.63  ? 1497 SER A CB  1 
ATOM   120  O OG  . SER A 1 16  ? 15.037  -7.231  3.217   1.00 11.04 ? 1497 SER A OG  1 
ATOM   121  N N   . ASN A 1 17  ? 10.539  -8.710  2.203   1.00 7.82  ? 1498 ASN A N   1 
ATOM   122  C CA  . ASN A 1 17  ? 9.500   -9.601  1.690   1.00 7.62  ? 1498 ASN A CA  1 
ATOM   123  C C   . ASN A 1 17  ? 9.153   -9.339  0.214   1.00 7.51  ? 1498 ASN A C   1 
ATOM   124  O O   . ASN A 1 17  ? 9.709   -8.446  -0.449  1.00 8.04  ? 1498 ASN A O   1 
ATOM   125  C CB  . ASN A 1 17  ? 8.208   -9.425  2.521   1.00 7.36  ? 1498 ASN A CB  1 
ATOM   126  C CG  . ASN A 1 17  ? 8.115   -10.315 3.745   1.00 7.59  ? 1498 ASN A CG  1 
ATOM   127  O OD1 . ASN A 1 17  ? 7.028   -10.754 4.077   1.00 7.72  ? 1498 ASN A OD1 1 
ATOM   128  N ND2 . ASN A 1 17  ? 9.206   -10.479 4.481   1.00 8.25  ? 1498 ASN A ND2 1 
ATOM   129  N N   . GLY A 1 18  ? 8.186   -10.093 -0.285  1.00 7.30  ? 1499 GLY A N   1 
ATOM   130  C CA  . GLY A 1 18  ? 7.717   -9.968  -1.648  1.00 7.36  ? 1499 GLY A CA  1 
ATOM   131  C C   . GLY A 1 18  ? 6.523   -9.059  -1.869  1.00 7.45  ? 1499 GLY A C   1 
ATOM   132  O O   . GLY A 1 18  ? 6.040   -8.979  -2.993  1.00 7.46  ? 1499 GLY A O   1 
ATOM   133  N N   . TYR A 1 19  ? 6.007   -8.448  -0.796  1.00 7.40  ? 1500 TYR A N   1 
ATOM   134  C CA  . TYR A 1 19  ? 4.795   -7.637  -0.878  1.00 7.31  ? 1500 TYR A CA  1 
ATOM   135  C C   . TYR A 1 19  ? 4.962   -6.317  -0.158  1.00 7.01  ? 1500 TYR A C   1 
ATOM   136  O O   . TYR A 1 19  ? 5.714   -6.186  0.835   1.00 7.09  ? 1500 TYR A O   1 
ATOM   137  C CB  . TYR A 1 19  ? 3.547   -8.375  -0.330  1.00 7.52  ? 1500 TYR A CB  1 
ATOM   138  C CG  . TYR A 1 19  ? 2.995   -9.337  -1.358  1.00 7.86  ? 1500 TYR A CG  1 
ATOM   139  C CD1 . TYR A 1 19  ? 3.558   -10.605 -1.551  1.00 8.16  ? 1500 TYR A CD1 1 
ATOM   140  C CD2 . TYR A 1 19  ? 1.936   -8.973  -2.179  1.00 8.01  ? 1500 TYR A CD2 1 
ATOM   141  C CE1 . TYR A 1 19  ? 3.086   -11.445 -2.544  1.00 9.13  ? 1500 TYR A CE1 1 
ATOM   142  C CE2 . TYR A 1 19  ? 1.459   -9.815  -3.160  1.00 8.68  ? 1500 TYR A CE2 1 
ATOM   143  C CZ  . TYR A 1 19  ? 2.029   -11.061 -3.320  1.00 9.29  ? 1500 TYR A CZ  1 
ATOM   144  O OH  . TYR A 1 19  ? 1.577   -11.932 -4.297  1.00 11.81 ? 1500 TYR A OH  1 
ATOM   145  N N   . PHE A 1 20  ? 4.230   -5.327  -0.667  1.00 7.02  ? 1501 PHE A N   1 
ATOM   146  C CA  . PHE A 1 20  ? 3.976   -4.032  -0.046  1.00 7.25  ? 1501 PHE A CA  1 
ATOM   147  C C   . PHE A 1 20  ? 2.656   -4.092  0.724   1.00 6.98  ? 1501 PHE A C   1 
ATOM   148  O O   . PHE A 1 20  ? 1.653   -4.627  0.216   1.00 7.61  ? 1501 PHE A O   1 
ATOM   149  C CB  . PHE A 1 20  ? 3.799   -2.906  -1.082  1.00 7.59  ? 1501 PHE A CB  1 
ATOM   150  C CG  . PHE A 1 20  ? 5.010   -2.530  -1.908  1.00 7.73  ? 1501 PHE A CG  1 
ATOM   151  C CD1 . PHE A 1 20  ? 5.776   -3.444  -2.619  1.00 8.53  ? 1501 PHE A CD1 1 
ATOM   152  C CD2 . PHE A 1 20  ? 5.275   -1.171  -2.099  1.00 8.20  ? 1501 PHE A CD2 1 
ATOM   153  C CE1 . PHE A 1 20  ? 6.827   -3.006  -3.400  1.00 8.59  ? 1501 PHE A CE1 1 
ATOM   154  C CE2 . PHE A 1 20  ? 6.323   -0.741  -2.888  1.00 8.53  ? 1501 PHE A CE2 1 
ATOM   155  C CZ  . PHE A 1 20  ? 7.101   -1.657  -3.526  1.00 8.60  ? 1501 PHE A CZ  1 
ATOM   156  N N   . TYR A 1 21  ? 2.663   -3.483  1.915   1.00 6.97  ? 1502 TYR A N   1 
ATOM   157  C CA  . TYR A 1 21  ? 1.510   -3.455  2.820   1.00 6.79  ? 1502 TYR A CA  1 
ATOM   158  C C   . TYR A 1 21  ? 1.250   -2.024  3.275   1.00 6.77  ? 1502 TYR A C   1 
ATOM   159  O O   . TYR A 1 21  ? 2.147   -1.179  3.233   1.00 6.94  ? 1502 TYR A O   1 
ATOM   160  C CB  . TYR A 1 21  ? 1.785   -4.313  4.057   1.00 6.88  ? 1502 TYR A CB  1 
ATOM   161  C CG  . TYR A 1 21  ? 2.031   -5.780  3.795   1.00 6.88  ? 1502 TYR A CG  1 
ATOM   162  C CD1 . TYR A 1 21  ? 3.273   -6.244  3.354   1.00 6.90  ? 1502 TYR A CD1 1 
ATOM   163  C CD2 . TYR A 1 21  ? 1.031   -6.723  4.013   1.00 6.87  ? 1502 TYR A CD2 1 
ATOM   164  C CE1 . TYR A 1 21  ? 3.497   -7.585  3.136   1.00 6.88  ? 1502 TYR A CE1 1 
ATOM   165  C CE2 . TYR A 1 21  ? 1.252   -8.064  3.790   1.00 6.91  ? 1502 TYR A CE2 1 
ATOM   166  C CZ  . TYR A 1 21  ? 2.488   -8.493  3.346   1.00 6.97  ? 1502 TYR A CZ  1 
ATOM   167  O OH  . TYR A 1 21  ? 2.707   -9.841  3.114   1.00 7.37  ? 1502 TYR A OH  1 
ATOM   168  N N   A SER A 1 22  ? 0.019   -1.768  3.715   0.50 6.85  ? 1503 SER A N   1 
ATOM   169  N N   B SER A 1 22  ? 0.018   -1.749  3.706   0.50 6.58  ? 1503 SER A N   1 
ATOM   170  C CA  A SER A 1 22  ? -0.383  -0.433  4.144   0.50 7.00  ? 1503 SER A CA  1 
ATOM   171  C CA  B SER A 1 22  ? -0.342  -0.390  4.107   0.50 6.54  ? 1503 SER A CA  1 
ATOM   172  C C   A SER A 1 22  ? 0.209   -0.041  5.505   0.50 6.97  ? 1503 SER A C   1 
ATOM   173  C C   B SER A 1 22  ? 0.157   -0.026  5.504   0.50 6.72  ? 1503 SER A C   1 
ATOM   174  O O   A SER A 1 22  ? 0.343   -0.883  6.406   0.50 7.05  ? 1503 SER A O   1 
ATOM   175  O O   B SER A 1 22  ? 0.146   -0.858  6.426   0.50 6.79  ? 1503 SER A O   1 
ATOM   176  C CB  A SER A 1 22  ? -1.908  -0.401  4.212   0.50 7.25  ? 1503 SER A CB  1 
ATOM   177  C CB  B SER A 1 22  ? -1.856  -0.207  4.042   0.50 6.54  ? 1503 SER A CB  1 
ATOM   178  O OG  A SER A 1 22  ? -2.379  0.838   4.693   0.50 8.36  ? 1503 SER A OG  1 
ATOM   179  O OG  B SER A 1 22  ? -2.533  -1.010  4.984   0.50 6.76  ? 1503 SER A OG  1 
ATOM   180  N N   . GLY A 1 23  ? 0.560   1.238   5.646   1.00 6.94  ? 1504 GLY A N   1 
ATOM   181  C CA  . GLY A 1 23  ? 1.106   1.732   6.904   1.00 7.27  ? 1504 GLY A CA  1 
ATOM   182  C C   . GLY A 1 23  ? 1.142   3.236   6.941   1.00 7.71  ? 1504 GLY A C   1 
ATOM   183  O O   . GLY A 1 23  ? 0.530   3.915   6.135   1.00 8.31  ? 1504 GLY A O   1 
ATOM   184  N N   . LYS A 1 24  ? 1.912   3.749   7.897   1.00 8.41  ? 1505 LYS A N   1 
ATOM   185  C CA  . LYS A 1 24  ? 2.028   5.178   8.141   1.00 9.39  ? 1505 LYS A CA  1 
ATOM   186  C C   . LYS A 1 24  ? 3.486   5.472   8.464   1.00 9.00  ? 1505 LYS A C   1 
ATOM   187  O O   . LYS A 1 24  ? 4.100   4.751   9.244   1.00 9.37  ? 1505 LYS A O   1 
ATOM   188  C CB  . LYS A 1 24  ? 1.153   5.571   9.346   1.00 11.62 ? 1505 LYS A CB  1 
ATOM   189  C CG  . LYS A 1 24  ? 1.075   7.058   9.620   1.00 13.64 ? 1505 LYS A CG  1 
ATOM   190  C CD  . LYS A 1 24  ? 0.037   7.378   10.677  1.00 15.60 ? 1505 LYS A CD  1 
ATOM   191  C CE  . LYS A 1 24  ? 0.514   7.062   12.078  1.00 17.46 ? 1505 LYS A CE  1 
ATOM   192  N NZ  . LYS A 1 24  ? -0.437  7.674   13.048  1.00 18.99 ? 1505 LYS A NZ  1 
ATOM   193  N N   . ILE A 1 25  ? 4.020   6.551   7.895   1.00 9.15  ? 1506 ILE A N   1 
ATOM   194  C CA  . ILE A 1 25  ? 5.369   6.989   8.237   1.00 9.04  ? 1506 ILE A CA  1 
ATOM   195  C C   . ILE A 1 25  ? 5.340   7.627   9.633   1.00 9.77  ? 1506 ILE A C   1 
ATOM   196  O O   . ILE A 1 25  ? 4.592   8.579   9.862   1.00 9.89  ? 1506 ILE A O   1 
ATOM   197  C CB  . ILE A 1 25  ? 5.907   7.991   7.194   1.00 9.08  ? 1506 ILE A CB  1 
ATOM   198  C CG1 . ILE A 1 25  ? 5.989   7.317   5.819   1.00 9.44  ? 1506 ILE A CG1 1 
ATOM   199  C CG2 . ILE A 1 25  ? 7.259   8.511   7.638   1.00 9.39  ? 1506 ILE A CG2 1 
ATOM   200  C CD1 . ILE A 1 25  ? 6.385   8.244   4.687   1.00 9.60  ? 1506 ILE A CD1 1 
ATOM   201  N N   . THR A 1 26  ? 6.169   7.127   10.544  1.00 10.51 ? 1507 THR A N   1 
ATOM   202  C CA  . THR A 1 26  ? 6.239   7.690   11.897  1.00 11.64 ? 1507 THR A CA  1 
ATOM   203  C C   . THR A 1 26  ? 7.530   8.431   12.245  1.00 12.85 ? 1507 THR A C   1 
ATOM   204  O O   . THR A 1 26  ? 7.529   9.196   13.211  1.00 13.49 ? 1507 THR A O   1 
ATOM   205  C CB  . THR A 1 26  ? 5.952   6.645   12.976  1.00 12.12 ? 1507 THR A CB  1 
ATOM   206  O OG1 . THR A 1 26  ? 6.952   5.637   12.889  1.00 13.32 ? 1507 THR A OG1 1 
ATOM   207  C CG2 . THR A 1 26  ? 4.559   6.061   12.785  1.00 12.45 ? 1507 THR A CG2 1 
ATOM   208  N N   A ARG A 1 27  ? 8.601   8.233   11.483  0.50 13.33 ? 1508 ARG A N   1 
ATOM   209  N N   B ARG A 1 27  ? 8.603   8.219   11.492  0.50 12.97 ? 1508 ARG A N   1 
ATOM   210  C CA  A ARG A 1 27  ? 9.861   8.928   11.748  0.50 14.70 ? 1508 ARG A CA  1 
ATOM   211  C CA  B ARG A 1 27  ? 9.850   8.942   11.732  0.50 14.05 ? 1508 ARG A CA  1 
ATOM   212  C C   A ARG A 1 27  ? 10.691  8.966   10.488  0.50 15.12 ? 1508 ARG A C   1 
ATOM   213  C C   B ARG A 1 27  ? 10.680  8.972   10.477  0.50 14.74 ? 1508 ARG A C   1 
ATOM   214  O O   A ARG A 1 27  ? 10.704  8.015   9.715   0.50 14.67 ? 1508 ARG A O   1 
ATOM   215  O O   B ARG A 1 27  ? 10.690  8.022   9.705   0.50 14.34 ? 1508 ARG A O   1 
ATOM   216  C CB  A ARG A 1 27  ? 10.643  8.233   12.871  0.50 16.06 ? 1508 ARG A CB  1 
ATOM   217  C CB  B ARG A 1 27  ? 10.664  8.301   12.859  0.50 14.84 ? 1508 ARG A CB  1 
ATOM   218  C CG  A ARG A 1 27  ? 11.814  9.020   13.446  0.50 17.79 ? 1508 ARG A CG  1 
ATOM   219  C CG  B ARG A 1 27  ? 11.754  9.202   13.428  0.50 15.95 ? 1508 ARG A CG  1 
ATOM   220  C CD  A ARG A 1 27  ? 12.141  8.510   14.845  0.50 19.22 ? 1508 ARG A CD  1 
ATOM   221  C CD  B ARG A 1 27  ? 12.592  8.448   14.447  0.50 16.74 ? 1508 ARG A CD  1 
ATOM   222  N NE  A ARG A 1 27  ? 13.547  8.154   14.991  0.50 20.90 ? 1508 ARG A NE  1 
ATOM   223  N NE  B ARG A 1 27  ? 11.773  7.770   15.448  0.50 17.64 ? 1508 ARG A NE  1 
ATOM   224  C CZ  A ARG A 1 27  ? 13.980  7.050   15.595  0.50 21.84 ? 1508 ARG A CZ  1 
ATOM   225  C CZ  B ARG A 1 27  ? 12.125  6.637   16.049  0.50 18.46 ? 1508 ARG A CZ  1 
ATOM   226  N NH1 A ARG A 1 27  ? 15.282  6.815   15.675  0.50 22.33 ? 1508 ARG A NH1 1 
ATOM   227  N NH1 B ARG A 1 27  ? 11.329  6.071   16.947  0.50 19.23 ? 1508 ARG A NH1 1 
ATOM   228  N NH2 A ARG A 1 27  ? 13.115  6.178   16.100  0.50 22.64 ? 1508 ARG A NH2 1 
ATOM   229  N NH2 B ARG A 1 27  ? 13.279  6.063   15.738  0.50 19.27 ? 1508 ARG A NH2 1 
ATOM   230  N N   . ASP A 1 28  ? 11.363  10.088  10.269  1.00 15.79 ? 1509 ASP A N   1 
ATOM   231  C CA  . ASP A 1 28  ? 12.354  10.208  9.235   1.00 17.69 ? 1509 ASP A CA  1 
ATOM   232  C C   . ASP A 1 28  ? 13.636  9.781   9.956   1.00 18.86 ? 1509 ASP A C   1 
ATOM   233  O O   . ASP A 1 28  ? 14.094  10.506  10.848  1.00 20.12 ? 1509 ASP A O   1 
ATOM   234  C CB  . ASP A 1 28  ? 12.400  11.667  8.777   1.00 19.62 ? 1509 ASP A CB  1 
ATOM   235  C CG  . ASP A 1 28  ? 13.337  11.900  7.624   1.00 20.63 ? 1509 ASP A CG  1 
ATOM   236  O OD1 . ASP A 1 28  ? 14.378  11.213  7.526   0.70 19.55 ? 1509 ASP A OD1 1 
ATOM   237  O OD2 . ASP A 1 28  ? 13.023  12.808  6.817   0.70 22.59 ? 1509 ASP A OD2 1 
ATOM   238  N N   . VAL A 1 29  ? 14.188  8.612   9.627   1.00 19.15 ? 1510 VAL A N   1 
ATOM   239  C CA  . VAL A 1 29  ? 15.386  8.098   10.330  1.00 20.96 ? 1510 VAL A CA  1 
ATOM   240  C C   . VAL A 1 29  ? 16.720  8.448   9.638   1.00 22.21 ? 1510 VAL A C   1 
ATOM   241  O O   . VAL A 1 29  ? 17.774  7.977   10.062  1.00 24.31 ? 1510 VAL A O   1 
ATOM   242  C CB  . VAL A 1 29  ? 15.308  6.575   10.635  1.00 21.38 ? 1510 VAL A CB  1 
ATOM   243  C CG1 . VAL A 1 29  ? 14.118  6.257   11.531  1.00 21.37 ? 1510 VAL A CG1 1 
ATOM   244  C CG2 . VAL A 1 29  ? 15.251  5.721   9.374   1.00 21.81 ? 1510 VAL A CG2 1 
ATOM   245  N N   . GLY A 1 30  ? 16.663  9.269   8.590   1.00 21.79 ? 1511 GLY A N   1 
ATOM   246  C CA  . GLY A 1 30  ? 17.857  9.759   7.909   1.00 22.21 ? 1511 GLY A CA  1 
ATOM   247  C C   . GLY A 1 30  ? 18.281  8.865   6.767   1.00 22.93 ? 1511 GLY A C   1 
ATOM   248  O O   . GLY A 1 30  ? 17.873  7.703   6.684   1.00 23.33 ? 1511 GLY A O   1 
ATOM   249  N N   . ALA A 1 31  ? 19.099  9.425   5.880   1.00 23.13 ? 1512 ALA A N   1 
ATOM   250  C CA  . ALA A 1 31  ? 19.709  8.684   4.790   1.00 22.49 ? 1512 ALA A CA  1 
ATOM   251  C C   . ALA A 1 31  ? 18.663  8.056   3.860   1.00 20.91 ? 1512 ALA A C   1 
ATOM   252  O O   . ALA A 1 31  ? 18.902  6.997   3.279   1.00 21.30 ? 1512 ALA A O   1 
ATOM   253  C CB  . ALA A 1 31  ? 20.662  7.622   5.343   1.00 23.87 ? 1512 ALA A CB  1 
ATOM   254  N N   . GLY A 1 32  ? 17.525  8.736   3.712   1.00 19.06 ? 1513 GLY A N   1 
ATOM   255  C CA  . GLY A 1 32  ? 16.423  8.264   2.866   1.00 19.16 ? 1513 GLY A CA  1 
ATOM   256  C C   . GLY A 1 32  ? 15.696  7.025   3.370   1.00 18.56 ? 1513 GLY A C   1 
ATOM   257  O O   . GLY A 1 32  ? 15.069  6.318   2.571   1.00 17.72 ? 1513 GLY A O   1 
ATOM   258  N N   . LYS A 1 33  ? 15.778  6.752   4.675   1.00 17.24 ? 1514 LYS A N   1 
ATOM   259  C CA  . LYS A 1 33  ? 15.017  5.678   5.323   1.00 17.04 ? 1514 LYS A CA  1 
ATOM   260  C C   . LYS A 1 33  ? 13.997  6.290   6.249   1.00 14.26 ? 1514 LYS A C   1 
ATOM   261  O O   . LYS A 1 33  ? 14.190  7.377   6.800   1.00 15.47 ? 1514 LYS A O   1 
ATOM   262  C CB  . LYS A 1 33  ? 15.929  4.758   6.136   1.00 19.82 ? 1514 LYS A CB  1 
ATOM   263  C CG  . LYS A 1 33  ? 16.642  3.677   5.336   1.00 23.39 ? 1514 LYS A CG  1 
ATOM   264  C CD  . LYS A 1 33  ? 17.259  2.624   6.257   1.00 25.34 ? 1514 LYS A CD  1 
ATOM   265  C CE  . LYS A 1 33  ? 18.576  2.090   5.714   1.00 27.44 ? 1514 LYS A CE  1 
ATOM   266  N NZ  . LYS A 1 33  ? 19.294  1.243   6.710   1.00 28.37 ? 1514 LYS A NZ  1 
ATOM   267  N N   . TYR A 1 34  ? 12.888  5.566   6.420   1.00 11.29 ? 1515 TYR A N   1 
ATOM   268  C CA  . TYR A 1 34  ? 11.753  6.010   7.228   1.00 10.50 ? 1515 TYR A CA  1 
ATOM   269  C C   . TYR A 1 34  ? 11.323  4.881   8.139   1.00 9.96  ? 1515 TYR A C   1 
ATOM   270  O O   . TYR A 1 34  ? 11.292  3.721   7.724   1.00 10.72 ? 1515 TYR A O   1 
ATOM   271  C CB  . TYR A 1 34  ? 10.587  6.431   6.323   1.00 10.02 ? 1515 TYR A CB  1 
ATOM   272  C CG  . TYR A 1 34  ? 11.012  7.577   5.452   1.00 10.30 ? 1515 TYR A CG  1 
ATOM   273  C CD1 . TYR A 1 34  ? 11.668  7.350   4.228   1.00 10.42 ? 1515 TYR A CD1 1 
ATOM   274  C CD2 . TYR A 1 34  ? 10.873  8.882   5.888   1.00 10.84 ? 1515 TYR A CD2 1 
ATOM   275  C CE1 . TYR A 1 34  ? 12.157  8.404   3.465   1.00 11.34 ? 1515 TYR A CE1 1 
ATOM   276  C CE2 . TYR A 1 34  ? 11.350  9.943   5.136   1.00 11.18 ? 1515 TYR A CE2 1 
ATOM   277  C CZ  . TYR A 1 34  ? 11.982  9.697   3.930   1.00 11.25 ? 1515 TYR A CZ  1 
ATOM   278  O OH  . TYR A 1 34  ? 12.452  10.764  3.182   1.00 13.71 ? 1515 TYR A OH  1 
ATOM   279  N N   . LYS A 1 35  ? 10.970  5.206   9.375   1.00 9.75  ? 1516 LYS A N   1 
ATOM   280  C CA  . LYS A 1 35  ? 10.295  4.229   10.227  1.00 9.89  ? 1516 LYS A CA  1 
ATOM   281  C C   . LYS A 1 35  ? 8.827   4.231   9.875   1.00 9.57  ? 1516 LYS A C   1 
ATOM   282  O O   . LYS A 1 35  ? 8.212   5.307   9.816   1.00 9.95  ? 1516 LYS A O   1 
ATOM   283  C CB  . LYS A 1 35  ? 10.483  4.556   11.706  1.00 10.53 ? 1516 LYS A CB  1 
ATOM   284  C CG  . LYS A 1 35  ? 9.878   3.512   12.637  1.00 11.45 ? 1516 LYS A CG  1 
ATOM   285  C CD  . LYS A 1 35  ? 9.971   3.893   14.110  1.00 13.12 ? 1516 LYS A CD  1 
ATOM   286  C CE  . LYS A 1 35  ? 9.436   2.764   14.973  1.00 14.06 ? 1516 LYS A CE  1 
ATOM   287  N NZ  . LYS A 1 35  ? 10.316  1.568   14.987  1.00 16.02 ? 1516 LYS A NZ  1 
ATOM   288  N N   . LEU A 1 36  ? 8.279   3.031   9.636   1.00 9.30  ? 1517 LEU A N   1 
ATOM   289  C CA  . LEU A 1 36  ? 6.859   2.863   9.333   1.00 9.09  ? 1517 LEU A CA  1 
ATOM   290  C C   . LEU A 1 36  ? 6.170   2.033   10.414  1.00 8.94  ? 1517 LEU A C   1 
ATOM   291  O O   . LEU A 1 36  ? 6.712   1.015   10.870  1.00 9.32  ? 1517 LEU A O   1 
ATOM   292  C CB  . LEU A 1 36  ? 6.656   2.191   7.978   1.00 9.70  ? 1517 LEU A CB  1 
ATOM   293  C CG  . LEU A 1 36  ? 6.637   3.116   6.765   1.00 10.63 ? 1517 LEU A CG  1 
ATOM   294  C CD1 . LEU A 1 36  ? 7.945   3.868   6.622   1.00 10.79 ? 1517 LEU A CD1 1 
ATOM   295  C CD2 . LEU A 1 36  ? 6.336   2.316   5.507   1.00 11.30 ? 1517 LEU A CD2 1 
ATOM   296  N N   . LEU A 1 37  ? 4.974   2.453   10.798  1.00 8.52  ? 1518 LEU A N   1 
ATOM   297  C CA  . LEU A 1 37  ? 4.049   1.640   11.555  1.00 8.67  ? 1518 LEU A CA  1 
ATOM   298  C C   . LEU A 1 37  ? 3.060   1.096   10.539  1.00 8.32  ? 1518 LEU A C   1 
ATOM   299  O O   . LEU A 1 37  ? 2.244   1.838   9.979   1.00 8.47  ? 1518 LEU A O   1 
ATOM   300  C CB  . LEU A 1 37  ? 3.339   2.471   12.623  1.00 9.43  ? 1518 LEU A CB  1 
ATOM   301  C CG  . LEU A 1 37  ? 2.232   1.756   13.404  1.00 9.85  ? 1518 LEU A CG  1 
ATOM   302  C CD1 . LEU A 1 37  ? 2.733   0.518   14.139  1.00 10.06 ? 1518 LEU A CD1 1 
ATOM   303  C CD2 . LEU A 1 37  ? 1.576   2.741   14.370  1.00 10.01 ? 1518 LEU A CD2 1 
ATOM   304  N N   . PHE A 1 38  ? 3.110   -0.213  10.332  1.00 7.84  ? 1519 PHE A N   1 
ATOM   305  C CA  . PHE A 1 38  ? 2.180   -0.853  9.424   1.00 7.93  ? 1519 PHE A CA  1 
ATOM   306  C C   . PHE A 1 38  ? 0.835   -1.002  10.097  1.00 8.21  ? 1519 PHE A C   1 
ATOM   307  O O   . PHE A 1 38  ? 0.757   -1.047  11.334  1.00 8.14  ? 1519 PHE A O   1 
ATOM   308  C CB  . PHE A 1 38  ? 2.760   -2.168  8.916   1.00 7.66  ? 1519 PHE A CB  1 
ATOM   309  C CG  . PHE A 1 38  ? 3.862   -1.954  7.920   1.00 7.52  ? 1519 PHE A CG  1 
ATOM   310  C CD1 . PHE A 1 38  ? 5.156   -1.618  8.332   1.00 7.83  ? 1519 PHE A CD1 1 
ATOM   311  C CD2 . PHE A 1 38  ? 3.584   -2.003  6.550   1.00 7.63  ? 1519 PHE A CD2 1 
ATOM   312  C CE1 . PHE A 1 38  ? 6.144   -1.371  7.414   1.00 8.06  ? 1519 PHE A CE1 1 
ATOM   313  C CE2 . PHE A 1 38  ? 4.586   -1.771  5.627   1.00 7.81  ? 1519 PHE A CE2 1 
ATOM   314  C CZ  . PHE A 1 38  ? 5.876   -1.468  6.065   1.00 7.88  ? 1519 PHE A CZ  1 
ATOM   315  N N   . ASP A 1 39  ? -0.216  -1.067  9.298   1.00 8.65  ? 1520 ASP A N   1 
ATOM   316  C CA  . ASP A 1 39  ? -1.569  -1.110  9.839   1.00 9.19  ? 1520 ASP A CA  1 
ATOM   317  C C   . ASP A 1 39  ? -1.834  -2.366  10.659  1.00 9.17  ? 1520 ASP A C   1 
ATOM   318  O O   . ASP A 1 39  ? -2.700  -2.337  11.533  1.00 10.70 ? 1520 ASP A O   1 
ATOM   319  C CB  . ASP A 1 39  ? -2.588  -0.953  8.711   1.00 10.60 ? 1520 ASP A CB  1 
ATOM   320  C CG  . ASP A 1 39  ? -2.527  0.418   8.056   1.00 11.90 ? 1520 ASP A CG  1 
ATOM   321  O OD1 . ASP A 1 39  ? -2.002  1.383   8.622   1.00 15.08 ? 1520 ASP A OD1 1 
ATOM   322  O OD2 . ASP A 1 39  ? -3.067  0.557   6.959   1.00 15.18 ? 1520 ASP A OD2 1 
ATOM   323  N N   . ASP A 1 40  ? -1.094  -3.447  10.414  1.00 8.73  ? 1521 ASP A N   1 
ATOM   324  C CA  . ASP A 1 40  ? -1.243  -4.660  11.231  1.00 8.66  ? 1521 ASP A CA  1 
ATOM   325  C C   . ASP A 1 40  ? -0.511  -4.583  12.560  1.00 8.93  ? 1521 ASP A C   1 
ATOM   326  O O   . ASP A 1 40  ? -0.656  -5.518  13.354  1.00 10.07 ? 1521 ASP A O   1 
ATOM   327  C CB  . ASP A 1 40  ? -0.878  -5.933  10.459  1.00 9.08  ? 1521 ASP A CB  1 
ATOM   328  C CG  . ASP A 1 40  ? 0.591   -6.050  10.108  1.00 8.86  ? 1521 ASP A CG  1 
ATOM   329  O OD1 . ASP A 1 40  ? 1.404   -5.152  10.418  1.00 8.98  ? 1521 ASP A OD1 1 
ATOM   330  O OD2 . ASP A 1 40  ? 0.911   -7.114  9.507   1.00 9.57  ? 1521 ASP A OD2 1 
ATOM   331  N N   . GLY A 1 41  ? 0.248   -3.512  12.812  1.00 8.31  ? 1522 GLY A N   1 
ATOM   332  C CA  . GLY A 1 41  ? 0.929   -3.281  14.085  1.00 7.98  ? 1522 GLY A CA  1 
ATOM   333  C C   . GLY A 1 41  ? 2.430   -3.442  14.038  1.00 8.13  ? 1522 GLY A C   1 
ATOM   334  O O   . GLY A 1 41  ? 3.128   -3.013  14.954  1.00 8.35  ? 1522 GLY A O   1 
ATOM   335  N N   . TYR A 1 42  ? 2.950   -4.088  12.997  1.00 8.25  ? 1523 TYR A N   1 
ATOM   336  C CA  . TYR A 1 42  ? 4.392   -4.276  12.863  1.00 8.35  ? 1523 TYR A CA  1 
ATOM   337  C C   . TYR A 1 42  ? 5.064   -2.982  12.441  1.00 8.80  ? 1523 TYR A C   1 
ATOM   338  O O   . TYR A 1 42  ? 4.439   -2.123  11.815  1.00 9.26  ? 1523 TYR A O   1 
ATOM   339  C CB  . TYR A 1 42  ? 4.676   -5.369  11.848  1.00 8.43  ? 1523 TYR A CB  1 
ATOM   340  C CG  . TYR A 1 42  ? 4.485   -6.793  12.331  1.00 8.38  ? 1523 TYR A CG  1 
ATOM   341  C CD1 . TYR A 1 42  ? 3.224   -7.332  12.532  1.00 8.46  ? 1523 TYR A CD1 1 
ATOM   342  C CD2 . TYR A 1 42  ? 5.585   -7.626  12.511  1.00 8.68  ? 1523 TYR A CD2 1 
ATOM   343  C CE1 . TYR A 1 42  ? 3.070   -8.636  12.956  1.00 8.84  ? 1523 TYR A CE1 1 
ATOM   344  C CE2 . TYR A 1 42  ? 5.446   -8.916  12.931  1.00 9.11  ? 1523 TYR A CE2 1 
ATOM   345  C CZ  . TYR A 1 42  ? 4.189   -9.425  13.134  1.00 8.80  ? 1523 TYR A CZ  1 
ATOM   346  O OH  . TYR A 1 42  ? 4.064   -10.751 13.535  1.00 9.85  ? 1523 TYR A OH  1 
ATOM   347  N N   . GLU A 1 43  ? 6.348   -2.861  12.798  1.00 9.81  ? 1524 GLU A N   1 
ATOM   348  C CA  . GLU A 1 43  ? 7.152   -1.689  12.456  1.00 10.49 ? 1524 GLU A CA  1 
ATOM   349  C C   . GLU A 1 43  ? 8.437   -2.138  11.809  1.00 10.05 ? 1524 GLU A C   1 
ATOM   350  O O   . GLU A 1 43  ? 9.004   -3.163  12.188  1.00 10.52 ? 1524 GLU A O   1 
ATOM   351  C CB  . GLU A 1 43  ? 7.503   -0.885  13.711  1.00 12.39 ? 1524 GLU A CB  1 
ATOM   352  C CG  . GLU A 1 43  ? 6.292   -0.292  14.395  1.00 14.42 ? 1524 GLU A CG  1 
ATOM   353  C CD  . GLU A 1 43  ? 6.616   0.481   15.644  1.00 16.99 ? 1524 GLU A CD  1 
ATOM   354  O OE1 . GLU A 1 43  ? 7.362   -0.028  16.487  1.00 20.06 ? 1524 GLU A OE1 1 
ATOM   355  O OE2 . GLU A 1 43  ? 6.094   1.603   15.777  1.00 20.03 ? 1524 GLU A OE2 1 
ATOM   356  N N   . CYS A 1 44  ? 8.904   -1.379  10.823  1.00 9.41  ? 1525 CYS A N   1 
ATOM   357  C CA  . CYS A 1 44  ? 10.281  -1.531  10.326  1.00 9.81  ? 1525 CYS A CA  1 
ATOM   358  C C   . CYS A 1 44  ? 10.720  -0.274  9.639   1.00 9.56  ? 1525 CYS A C   1 
ATOM   359  O O   . CYS A 1 44  ? 9.911   0.622   9.411   1.00 9.85  ? 1525 CYS A O   1 
ATOM   360  C CB  . CYS A 1 44  ? 10.423  -2.738  9.402   1.00 10.43 ? 1525 CYS A CB  1 
ATOM   361  S SG  . CYS A 1 44  ? 9.787   -2.523  7.725   1.00 10.96 ? 1525 CYS A SG  1 
ATOM   362  N N   . ASP A 1 45  ? 12.019  -0.189  9.365   1.00 9.42  ? 1526 ASP A N   1 
ATOM   363  C CA  . ASP A 1 45  ? 12.558  0.928   8.584   1.00 9.99  ? 1526 ASP A CA  1 
ATOM   364  C C   . ASP A 1 45  ? 12.461  0.539   7.109   1.00 9.48  ? 1526 ASP A C   1 
ATOM   365  O O   . ASP A 1 45  ? 12.762  -0.604  6.751   1.00 10.44 ? 1526 ASP A O   1 
ATOM   366  C CB  . ASP A 1 45  ? 14.019  1.207   8.920   1.00 10.63 ? 1526 ASP A CB  1 
ATOM   367  C CG  . ASP A 1 45  ? 14.239  1.764   10.314  1.00 12.13 ? 1526 ASP A CG  1 
ATOM   368  O OD1 . ASP A 1 45  ? 13.297  2.011   11.083  1.00 12.33 ? 1526 ASP A OD1 1 
ATOM   369  O OD2 . ASP A 1 45  ? 15.430  1.983   10.630  1.00 14.09 ? 1526 ASP A OD2 1 
ATOM   370  N N   . VAL A 1 46  ? 12.067  1.493   6.271   1.00 8.89  ? 1527 VAL A N   1 
ATOM   371  C CA  . VAL A 1 46  ? 11.873  1.258   4.838   1.00 8.85  ? 1527 VAL A CA  1 
ATOM   372  C C   . VAL A 1 46  ? 12.570  2.361   4.042   1.00 8.68  ? 1527 VAL A C   1 
ATOM   373  O O   . VAL A 1 46  ? 12.505  3.542   4.398   1.00 9.43  ? 1527 VAL A O   1 
ATOM   374  C CB  . VAL A 1 46  ? 10.372  1.215   4.487   1.00 8.65  ? 1527 VAL A CB  1 
ATOM   375  C CG1 . VAL A 1 46  ? 10.173  0.922   3.011   1.00 8.49  ? 1527 VAL A CG1 1 
ATOM   376  C CG2 . VAL A 1 46  ? 9.632   0.179   5.316   1.00 8.81  ? 1527 VAL A CG2 1 
ATOM   377  N N   . LEU A 1 47  ? 13.237  1.949   2.965   1.00 9.39  ? 1528 LEU A N   1 
ATOM   378  C CA  . LEU A 1 47  ? 13.866  2.905   2.069   1.00 10.26 ? 1528 LEU A CA  1 
ATOM   379  C C   . LEU A 1 47  ? 12.801  3.668   1.288   1.00 9.33  ? 1528 LEU A C   1 
ATOM   380  O O   . LEU A 1 47  ? 11.785  3.111   0.873   1.00 9.03  ? 1528 LEU A O   1 
ATOM   381  C CB  . LEU A 1 47  ? 14.832  2.220   1.118   1.00 12.11 ? 1528 LEU A CB  1 
ATOM   382  C CG  . LEU A 1 47  ? 16.095  1.648   1.776   1.00 14.56 ? 1528 LEU A CG  1 
ATOM   383  C CD1 . LEU A 1 47  ? 16.755  0.656   0.844   1.00 15.76 ? 1528 LEU A CD1 1 
ATOM   384  C CD2 . LEU A 1 47  ? 17.076  2.739   2.148   1.00 15.89 ? 1528 LEU A CD2 1 
ATOM   385  N N   . GLY A 1 48  ? 13.054  4.957   1.049   1.00 9.16  ? 1529 GLY A N   1 
ATOM   386  C CA  . GLY A 1 48  ? 12.136  5.800   0.290   1.00 8.91  ? 1529 GLY A CA  1 
ATOM   387  C C   . GLY A 1 48  ? 11.730  5.261   -1.070  1.00 8.47  ? 1529 GLY A C   1 
ATOM   388  O O   . GLY A 1 48  ? 10.578  5.430   -1.476  1.00 8.37  ? 1529 GLY A O   1 
ATOM   389  N N   . LYS A 1 49  ? 12.625  4.530   -1.742  1.00 8.31  ? 1530 LYS A N   1 
ATOM   390  C CA  A LYS A 1 49  ? 12.282  3.947   -3.038  0.50 8.67  ? 1530 LYS A CA  1 
ATOM   391  C CA  B LYS A 1 49  ? 12.288  3.939   -3.038  0.50 8.73  ? 1530 LYS A CA  1 
ATOM   392  C C   . LYS A 1 49  ? 11.147  2.929   -2.953  1.00 8.38  ? 1530 LYS A C   1 
ATOM   393  O O   . LYS A 1 49  ? 10.494  2.647   -3.960  1.00 7.99  ? 1530 LYS A O   1 
ATOM   394  C CB  A LYS A 1 49  ? 13.500  3.282   -3.695  0.50 9.46  ? 1530 LYS A CB  1 
ATOM   395  C CB  B LYS A 1 49  ? 13.509  3.259   -3.680  0.50 9.58  ? 1530 LYS A CB  1 
ATOM   396  C CG  A LYS A 1 49  ? 14.025  2.032   -2.993  0.50 10.23 ? 1530 LYS A CG  1 
ATOM   397  C CG  B LYS A 1 49  ? 14.017  2.006   -2.964  0.50 10.43 ? 1530 LYS A CG  1 
ATOM   398  C CD  A LYS A 1 49  ? 15.082  1.334   -3.826  0.50 11.20 ? 1530 LYS A CD  1 
ATOM   399  C CD  B LYS A 1 49  ? 15.282  1.462   -3.606  0.50 11.51 ? 1530 LYS A CD  1 
ATOM   400  C CE  A LYS A 1 49  ? 15.553  0.071   -3.139  0.50 11.89 ? 1530 LYS A CE  1 
ATOM   401  C CE  B LYS A 1 49  ? 15.945  0.431   -2.710  0.50 12.28 ? 1530 LYS A CE  1 
ATOM   402  N NZ  A LYS A 1 49  ? 16.621  -0.603  -3.917  0.50 12.49 ? 1530 LYS A NZ  1 
ATOM   403  N NZ  B LYS A 1 49  ? 15.025  -0.678  -2.351  0.50 12.95 ? 1530 LYS A NZ  1 
ATOM   404  N N   . ASP A 1 50  ? 10.943  2.358   -1.776  1.00 8.07  ? 1531 ASP A N   1 
ATOM   405  C CA  . ASP A 1 50  ? 9.991   1.280   -1.533  1.00 8.41  ? 1531 ASP A CA  1 
ATOM   406  C C   . ASP A 1 50  ? 8.709   1.763   -0.853  1.00 7.76  ? 1531 ASP A C   1 
ATOM   407  O O   . ASP A 1 50  ? 7.949   0.939   -0.337  1.00 7.86  ? 1531 ASP A O   1 
ATOM   408  C CB  . ASP A 1 50  ? 10.669  0.194   -0.668  1.00 9.03  ? 1531 ASP A CB  1 
ATOM   409  C CG  . ASP A 1 50  ? 11.766  -0.537  -1.385  1.00 9.94  ? 1531 ASP A CG  1 
ATOM   410  O OD1 . ASP A 1 50  ? 11.617  -0.786  -2.598  1.00 10.68 ? 1531 ASP A OD1 1 
ATOM   411  O OD2 . ASP A 1 50  ? 12.753  -0.925  -0.723  1.00 11.31 ? 1531 ASP A OD2 1 
ATOM   412  N N   . ILE A 1 51  ? 8.446   3.072   -0.871  1.00 7.80  ? 1532 ILE A N   1 
ATOM   413  C CA  . ILE A 1 51  ? 7.279   3.645   -0.234  1.00 7.81  ? 1532 ILE A CA  1 
ATOM   414  C C   . ILE A 1 51  ? 6.472   4.338   -1.322  1.00 7.46  ? 1532 ILE A C   1 
ATOM   415  O O   . ILE A 1 51  ? 6.984   5.186   -2.054  1.00 7.99  ? 1532 ILE A O   1 
ATOM   416  C CB  . ILE A 1 51  ? 7.692   4.679   0.843   1.00 7.96  ? 1532 ILE A CB  1 
ATOM   417  C CG1 . ILE A 1 51  ? 8.521   4.002   1.944   1.00 8.17  ? 1532 ILE A CG1 1 
ATOM   418  C CG2 . ILE A 1 51  ? 6.485   5.374   1.433   1.00 8.09  ? 1532 ILE A CG2 1 
ATOM   419  C CD1 . ILE A 1 51  ? 9.146   4.925   2.963   1.00 8.46  ? 1532 ILE A CD1 1 
ATOM   420  N N   . LEU A 1 52  ? 5.183   4.002   -1.377  1.00 7.47  ? 1533 LEU A N   1 
ATOM   421  C CA  . LEU A 1 52  ? 4.224   4.623   -2.303  1.00 8.10  ? 1533 LEU A CA  1 
ATOM   422  C C   . LEU A 1 52  ? 3.317   5.561   -1.535  1.00 7.88  ? 1533 LEU A C   1 
ATOM   423  O O   . LEU A 1 52  ? 2.770   5.204   -0.476  1.00 7.81  ? 1533 LEU A O   1 
ATOM   424  C CB  . LEU A 1 52  ? 3.359   3.566   -2.992  1.00 8.10  ? 1533 LEU A CB  1 
ATOM   425  C CG  . LEU A 1 52  ? 4.159   2.515   -3.748  1.00 8.66  ? 1533 LEU A CG  1 
ATOM   426  C CD1 . LEU A 1 52  ? 3.186   1.447   -4.234  1.00 9.00  ? 1533 LEU A CD1 1 
ATOM   427  C CD2 . LEU A 1 52  ? 4.942   3.131   -4.915  1.00 8.93  ? 1533 LEU A CD2 1 
ATOM   428  N N   . LEU A 1 53  ? 3.143   6.764   -2.073  1.00 8.24  ? 1534 LEU A N   1 
ATOM   429  C CA  . LEU A 1 53  ? 2.394   7.854   -1.411  1.00 8.63  ? 1534 LEU A CA  1 
ATOM   430  C C   . LEU A 1 53  ? 0.922   7.952   -1.752  1.00 10.03 ? 1534 LEU A C   1 
ATOM   431  O O   . LEU A 1 53  ? 0.229   8.821   -1.206  1.00 10.95 ? 1534 LEU A O   1 
ATOM   432  C CB  . LEU A 1 53  ? 3.053   9.193   -1.727  1.00 8.80  ? 1534 LEU A CB  1 
ATOM   433  C CG  . LEU A 1 53  ? 4.484   9.368   -1.239  1.00 8.96  ? 1534 LEU A CG  1 
ATOM   434  C CD1 . LEU A 1 53  ? 4.956   10.774  -1.621  1.00 9.32  ? 1534 LEU A CD1 1 
ATOM   435  C CD2 . LEU A 1 53  ? 4.669   9.136   0.248   1.00 9.41  ? 1534 LEU A CD2 1 
ATOM   436  N N   . CYS A 1 54  ? 0.417   7.120   -2.654  1.00 10.74 ? 1535 CYS A N   1 
ATOM   437  C CA  . CYS A 1 54  ? -1.008  7.190   -3.039  1.00 11.08 ? 1535 CYS A CA  1 
ATOM   438  C C   . CYS A 1 54  ? -1.905  6.784   -1.875  1.00 11.38 ? 1535 CYS A C   1 
ATOM   439  O O   . CYS A 1 54  ? -1.846  5.656   -1.427  1.00 11.81 ? 1535 CYS A O   1 
ATOM   440  C CB  . CYS A 1 54  ? -1.304  6.337   -4.281  1.00 11.85 ? 1535 CYS A CB  1 
ATOM   441  S SG  . CYS A 1 54  ? -0.564  4.685   -4.279  1.00 11.98 ? 1535 CYS A SG  1 
ATOM   442  N N   . ASP A 1 55  ? -2.720  7.720   -1.387  1.00 11.48 ? 1536 ASP A N   1 
ATOM   443  C CA  . ASP A 1 55  ? -3.700  7.479   -0.317  1.00 11.33 ? 1536 ASP A CA  1 
ATOM   444  C C   . ASP A 1 55  ? -5.032  8.049   -0.772  1.00 10.94 ? 1536 ASP A C   1 
ATOM   445  O O   . ASP A 1 55  ? -5.225  9.268   -0.661  1.00 11.09 ? 1536 ASP A O   1 
ATOM   446  C CB  . ASP A 1 55  ? -3.265  8.147   0.987   1.00 11.45 ? 1536 ASP A CB  1 
ATOM   447  C CG  . ASP A 1 55  ? -4.313  8.006   2.098   1.00 11.93 ? 1536 ASP A CG  1 
ATOM   448  O OD1 . ASP A 1 55  ? -5.172  7.099   1.998   1.00 12.49 ? 1536 ASP A OD1 1 
ATOM   449  O OD2 . ASP A 1 55  ? -4.254  8.794   3.062   1.00 12.74 ? 1536 ASP A OD2 1 
ATOM   450  N N   . PRO A 1 56  ? -5.937  7.250   -1.319  1.00 10.53 ? 1537 PRO A N   1 
ATOM   451  C CA  . PRO A 1 56  ? -5.890  5.795   -1.436  1.00 10.40 ? 1537 PRO A CA  1 
ATOM   452  C C   . PRO A 1 56  ? -5.153  5.322   -2.681  1.00 10.19 ? 1537 PRO A C   1 
ATOM   453  O O   . PRO A 1 56  ? -4.811  6.119   -3.565  1.00 10.47 ? 1537 PRO A O   1 
ATOM   454  C CB  . PRO A 1 56  ? -7.383  5.451   -1.590  1.00 11.08 ? 1537 PRO A CB  1 
ATOM   455  C CG  . PRO A 1 56  ? -7.930  6.599   -2.389  1.00 11.62 ? 1537 PRO A CG  1 
ATOM   456  C CD  . PRO A 1 56  ? -7.233  7.791   -1.784  1.00 11.66 ? 1537 PRO A CD  1 
ATOM   457  N N   . ILE A 1 57  ? -4.962  4.018   -2.780  1.00 9.56  ? 1538 ILE A N   1 
ATOM   458  C CA  . ILE A 1 57  ? -4.556  3.418   -4.042  1.00 9.77  ? 1538 ILE A CA  1 
ATOM   459  C C   . ILE A 1 57  ? -5.640  3.759   -5.081  1.00 9.83  ? 1538 ILE A C   1 
ATOM   460  O O   . ILE A 1 57  ? -6.831  3.592   -4.804  1.00 10.25 ? 1538 ILE A O   1 
ATOM   461  C CB  . ILE A 1 57  ? -4.429  1.893   -3.911  1.00 9.36  ? 1538 ILE A CB  1 
ATOM   462  C CG1 . ILE A 1 57  ? -3.331  1.504   -2.907  1.00 9.27  ? 1538 ILE A CG1 1 
ATOM   463  C CG2 . ILE A 1 57  ? -4.177  1.250   -5.273  1.00 9.60  ? 1538 ILE A CG2 1 
ATOM   464  C CD1 . ILE A 1 57  ? -3.401  0.064   -2.466  1.00 9.37  ? 1538 ILE A CD1 1 
ATOM   465  N N   . PRO A 1 58  ? -5.264  4.250   -6.269  1.00 10.91 ? 1539 PRO A N   1 
ATOM   466  C CA  . PRO A 1 58  ? -6.305  4.786   -7.144  1.00 11.14 ? 1539 PRO A CA  1 
ATOM   467  C C   . PRO A 1 58  ? -7.115  3.738   -7.906  1.00 10.89 ? 1539 PRO A C   1 
ATOM   468  O O   . PRO A 1 58  ? -6.729  2.576   -8.012  1.00 10.05 ? 1539 PRO A O   1 
ATOM   469  C CB  . PRO A 1 58  ? -5.527  5.693   -8.117  1.00 12.24 ? 1539 PRO A CB  1 
ATOM   470  C CG  . PRO A 1 58  ? -4.135  5.245   -8.040  1.00 12.71 ? 1539 PRO A CG  1 
ATOM   471  C CD  . PRO A 1 58  ? -3.912  4.612   -6.721  1.00 11.62 ? 1539 PRO A CD  1 
ATOM   472  N N   . LEU A 1 59  ? -8.255  4.180   -8.432  1.00 11.54 ? 1540 LEU A N   1 
ATOM   473  C CA  . LEU A 1 59  ? -9.057  3.365   -9.335  1.00 12.64 ? 1540 LEU A CA  1 
ATOM   474  C C   . LEU A 1 59  ? -8.221  2.755   -10.460 1.00 12.33 ? 1540 LEU A C   1 
ATOM   475  O O   . LEU A 1 59  ? -7.295  3.393   -10.997 1.00 12.34 ? 1540 LEU A O   1 
ATOM   476  C CB  . LEU A 1 59  ? -10.197 4.195   -9.942  1.00 14.15 ? 1540 LEU A CB  1 
ATOM   477  C CG  . LEU A 1 59  ? -11.276 4.706   -8.994  1.00 15.81 ? 1540 LEU A CG  1 
ATOM   478  C CD1 . LEU A 1 59  ? -12.299 5.470   -9.813  1.00 16.93 ? 1540 LEU A CD1 1 
ATOM   479  C CD2 . LEU A 1 59  ? -11.931 3.583   -8.210  1.00 16.33 ? 1540 LEU A CD2 1 
ATOM   480  N N   . ASP A 1 60  ? -8.541  1.502   -10.767 1.00 12.10 ? 1541 ASP A N   1 
ATOM   481  C CA  . ASP A 1 60  ? -7.974  0.708   -11.861 1.00 12.97 ? 1541 ASP A CA  1 
ATOM   482  C C   . ASP A 1 60  ? -6.560  0.201   -11.604 1.00 12.24 ? 1541 ASP A C   1 
ATOM   483  O O   . ASP A 1 60  ? -5.975  -0.414  -12.483 1.00 13.05 ? 1541 ASP A O   1 
ATOM   484  C CB  . ASP A 1 60  ? -8.107  1.410   -13.232 1.00 14.74 ? 1541 ASP A CB  1 
ATOM   485  C CG  . ASP A 1 60  ? -9.548  1.480   -13.711 1.00 17.29 ? 1541 ASP A CG  1 
ATOM   486  O OD1 . ASP A 1 60  ? -10.400 0.706   -13.210 1.00 19.33 ? 1541 ASP A OD1 1 
ATOM   487  O OD2 . ASP A 1 60  ? -9.815  2.321   -14.600 1.00 20.78 ? 1541 ASP A OD2 1 
ATOM   488  N N   . THR A 1 61  ? -6.060  0.351   -10.380 1.00 11.13 ? 1542 THR A N   1 
ATOM   489  C CA  . THR A 1 61  ? -4.785  -0.227  -9.999  1.00 10.43 ? 1542 THR A CA  1 
ATOM   490  C C   . THR A 1 61  ? -4.931  -1.728  -9.812  1.00 10.33 ? 1542 THR A C   1 
ATOM   491  O O   . THR A 1 61  ? -5.891  -2.174  -9.183  1.00 10.28 ? 1542 THR A O   1 
ATOM   492  C CB  . THR A 1 61  ? -4.290  0.375   -8.678  1.00 10.24 ? 1542 THR A CB  1 
ATOM   493  O OG1 . THR A 1 61  ? -4.272  1.800   -8.782  1.00 10.82 ? 1542 THR A OG1 1 
ATOM   494  C CG2 . THR A 1 61  ? -2.899  -0.101  -8.327  1.00 10.33 ? 1542 THR A CG2 1 
ATOM   495  N N   . GLU A 1 62  ? -3.978  -2.492  -10.348 1.00 10.33 ? 1543 GLU A N   1 
ATOM   496  C CA  . GLU A 1 62  ? -3.895  -3.909  -10.084 1.00 10.90 ? 1543 GLU A CA  1 
ATOM   497  C C   . GLU A 1 62  ? -3.262  -4.137  -8.717  1.00 10.05 ? 1543 GLU A C   1 
ATOM   498  O O   . GLU A 1 62  ? -2.153  -3.650  -8.411  1.00 10.34 ? 1543 GLU A O   1 
ATOM   499  C CB  . GLU A 1 62  ? -3.105  -4.647  -11.154 1.00 12.82 ? 1543 GLU A CB  1 
ATOM   500  C CG  . GLU A 1 62  ? -3.216  -6.143  -10.996 1.00 14.77 ? 1543 GLU A CG  1 
ATOM   501  C CD  . GLU A 1 62  ? -2.264  -6.886  -11.883 1.00 16.78 ? 1543 GLU A CD  1 
ATOM   502  O OE1 . GLU A 1 62  ? -1.456  -7.659  -11.346 1.00 16.73 ? 1543 GLU A OE1 1 
ATOM   503  O OE2 . GLU A 1 62  ? -2.325  -6.675  -13.119 1.00 21.24 ? 1543 GLU A OE2 1 
ATOM   504  N N   . VAL A 1 63  ? -3.952  -4.938  -7.916  1.00 9.43  ? 1544 VAL A N   1 
ATOM   505  C CA  . VAL A 1 63  ? -3.571  -5.194  -6.521  1.00 9.06  ? 1544 VAL A CA  1 
ATOM   506  C C   . VAL A 1 63  ? -3.731  -6.673  -6.216  1.00 9.57  ? 1544 VAL A C   1 
ATOM   507  O O   . VAL A 1 63  ? -4.110  -7.458  -7.087  1.00 9.80  ? 1544 VAL A O   1 
ATOM   508  C CB  . VAL A 1 63  ? -4.411  -4.333  -5.527  1.00 9.10  ? 1544 VAL A CB  1 
ATOM   509  C CG1 . VAL A 1 63  ? -4.244  -2.862  -5.820  1.00 9.39  ? 1544 VAL A CG1 1 
ATOM   510  C CG2 . VAL A 1 63  ? -5.897  -4.711  -5.533  1.00 9.17  ? 1544 VAL A CG2 1 
ATOM   511  N N   . THR A 1 64  ? -3.404  -7.052  -4.992  1.00 9.49  ? 1545 THR A N   1 
ATOM   512  C CA  . THR A 1 64  ? -3.607  -8.407  -4.503  1.00 9.85  ? 1545 THR A CA  1 
ATOM   513  C C   . THR A 1 64  ? -4.447  -8.374  -3.219  1.00 10.97 ? 1545 THR A C   1 
ATOM   514  O O   . THR A 1 64  ? -4.358  -7.442  -2.444  1.00 10.94 ? 1545 THR A O   1 
ATOM   515  C CB  . THR A 1 64  ? -2.234  -9.060  -4.255  1.00 9.46  ? 1545 THR A CB  1 
ATOM   516  O OG1 . THR A 1 64  ? -1.500  -9.088  -5.479  1.00 9.35  ? 1545 THR A OG1 1 
ATOM   517  C CG2 . THR A 1 64  ? -2.361  -10.485 -3.716  1.00 9.52  ? 1545 THR A CG2 1 
ATOM   518  N N   . ALA A 1 65  ? -5.261  -9.415  -3.022  1.00 12.84 ? 1546 ALA A N   1 
ATOM   519  C CA  . ALA A 1 65  ? -6.093  -9.564  -1.825  1.00 15.00 ? 1546 ALA A CA  1 
ATOM   520  C C   . ALA A 1 65  ? -6.415  -11.054 -1.558  1.00 16.74 ? 1546 ALA A C   1 
ATOM   521  O O   . ALA A 1 65  ? -6.453  -11.845 -2.495  1.00 18.03 ? 1546 ALA A O   1 
ATOM   522  C CB  . ALA A 1 65  ? -7.378  -8.776  -2.011  1.00 16.06 ? 1546 ALA A CB  1 
ATOM   523  N N   . LEU A 1 66  ? -6.694  -11.390 -0.289  1.00 20.38 ? 1547 LEU A N   1 
ATOM   524  C CA  . LEU A 1 66  ? -7.149  -12.736 0.120   1.00 22.61 ? 1547 LEU A CA  1 
ATOM   525  C C   . LEU A 1 66  ? -8.602  -12.918 -0.259  1.00 25.80 ? 1547 LEU A C   1 
ATOM   526  O O   . LEU A 1 66  ? -9.431  -12.080 0.089   1.00 26.38 ? 1547 LEU A O   1 
ATOM   527  C CB  . LEU A 1 66  ? -7.041  -12.929 1.646   1.00 22.82 ? 1547 LEU A CB  1 
ATOM   528  C CG  . LEU A 1 66  ? -7.274  -14.361 2.171   1.00 23.44 ? 1547 LEU A CG  1 
ATOM   529  C CD1 . LEU A 1 66  ? -6.155  -15.307 1.744   1.00 23.65 ? 1547 LEU A CD1 1 
ATOM   530  C CD2 . LEU A 1 66  ? -7.405  -14.348 3.686   1.00 23.60 ? 1547 LEU A CD2 1 
ATOM   531  N N   . SER A 1 67  ? -8.911  -14.013 -0.944  1.00 27.81 ? 1548 SER A N   1 
ATOM   532  C CA  . SER A 1 67  ? -10.299 -14.366 -1.252  1.00 29.17 ? 1548 SER A CA  1 
ATOM   533  C C   . SER A 1 67  ? -10.762 -15.540 -0.399  1.00 29.99 ? 1548 SER A C   1 
ATOM   534  O O   . SER A 1 67  ? -10.010 -16.492 -0.203  1.00 28.34 ? 1548 SER A O   1 
ATOM   535  C CB  . SER A 1 67  ? -10.434 -14.690 -2.732  1.00 29.71 ? 1548 SER A CB  1 
ATOM   536  O OG  . SER A 1 67  ? -10.473 -13.490 -3.473  1.00 30.62 ? 1548 SER A OG  1 
ATOM   537  N N   . GLU A 1 68  ? -11.992 -15.433 0.125   1.00 31.25 ? 1549 GLU A N   1 
ATOM   538  C CA  . GLU A 1 68  ? -12.692 -16.514 0.853   1.00 32.07 ? 1549 GLU A CA  1 
ATOM   539  C C   . GLU A 1 68  ? -11.998 -16.991 2.136   1.00 32.09 ? 1549 GLU A C   1 
ATOM   540  O O   . GLU A 1 68  ? -12.320 -18.069 2.654   1.00 33.38 ? 1549 GLU A O   1 
ATOM   541  C CB  . GLU A 1 68  ? -12.953 -17.708 -0.085  1.00 32.26 ? 1549 GLU A CB  1 
ATOM   542  C CG  . GLU A 1 68  ? -13.726 -17.348 -1.345  1.00 32.31 ? 1549 GLU A CG  1 
ATOM   543  N N   . ASP A 1 69  ? -11.079 -16.186 2.663   1.00 32.16 ? 1550 ASP A N   1 
ATOM   544  C CA  . ASP A 1 69  ? -10.138 -16.632 3.697   1.00 34.75 ? 1550 ASP A CA  1 
ATOM   545  C C   . ASP A 1 69  ? -9.377  -17.917 3.271   1.00 34.64 ? 1550 ASP A C   1 
ATOM   546  O O   . ASP A 1 69  ? -9.109  -18.799 4.098   1.00 35.13 ? 1550 ASP A O   1 
ATOM   547  C CB  . ASP A 1 69  ? -10.870 -16.802 5.043   1.00 36.27 ? 1550 ASP A CB  1 
ATOM   548  C CG  . ASP A 1 69  ? -9.979  -16.520 6.239   1.00 38.65 ? 1550 ASP A CG  1 
ATOM   549  O OD1 . ASP A 1 69  ? -9.486  -15.374 6.366   1.00 41.24 ? 1550 ASP A OD1 1 
ATOM   550  O OD2 . ASP A 1 69  ? -9.783  -17.442 7.061   1.00 41.78 ? 1550 ASP A OD2 1 
ATOM   551  N N   . GLU A 1 70  ? -9.026  -17.999 1.982   1.00 34.38 ? 1551 GLU A N   1 
ATOM   552  C CA  . GLU A 1 70  ? -8.431  -19.211 1.385   1.00 34.27 ? 1551 GLU A CA  1 
ATOM   553  C C   . GLU A 1 70  ? -7.141  -18.939 0.596   1.00 32.24 ? 1551 GLU A C   1 
ATOM   554  O O   . GLU A 1 70  ? -6.082  -19.477 0.945   1.00 31.70 ? 1551 GLU A O   1 
ATOM   555  C CB  . GLU A 1 70  ? -9.465  -19.906 0.481   1.00 36.74 ? 1551 GLU A CB  1 
ATOM   556  C CG  . GLU A 1 70  ? -9.006  -21.202 -0.192  1.00 39.32 ? 1551 GLU A CG  1 
ATOM   557  C CD  . GLU A 1 70  ? -8.576  -22.274 0.793   1.00 41.80 ? 1551 GLU A CD  1 
ATOM   558  O OE1 . GLU A 1 70  ? -9.353  -22.570 1.727   1.00 44.73 ? 1551 GLU A OE1 1 
ATOM   559  O OE2 . GLU A 1 70  ? -7.467  -22.830 0.629   1.00 46.09 ? 1551 GLU A OE2 1 
ATOM   560  N N   . TYR A 1 71  ? -7.235  -18.120 -0.455  1.00 30.23 ? 1552 TYR A N   1 
ATOM   561  C CA  . TYR A 1 71  ? -6.139  -17.922 -1.423  1.00 29.15 ? 1552 TYR A CA  1 
ATOM   562  C C   . TYR A 1 71  ? -5.912  -16.449 -1.789  1.00 26.53 ? 1552 TYR A C   1 
ATOM   563  O O   . TYR A 1 71  ? -6.872  -15.665 -1.869  1.00 27.78 ? 1552 TYR A O   1 
ATOM   564  C CB  . TYR A 1 71  ? -6.430  -18.712 -2.706  1.00 30.93 ? 1552 TYR A CB  1 
ATOM   565  C CG  . TYR A 1 71  ? -7.703  -18.282 -3.415  1.00 33.65 ? 1552 TYR A CG  1 
ATOM   566  C CD1 . TYR A 1 71  ? -8.940  -18.841 -3.078  1.00 34.70 ? 1552 TYR A CD1 1 
ATOM   567  C CD2 . TYR A 1 71  ? -7.678  -17.300 -4.414  1.00 35.95 ? 1552 TYR A CD2 1 
ATOM   568  C CE1 . TYR A 1 71  ? -10.109 -18.442 -3.715  1.00 36.21 ? 1552 TYR A CE1 1 
ATOM   569  C CE2 . TYR A 1 71  ? -8.843  -16.895 -5.055  1.00 36.89 ? 1552 TYR A CE2 1 
ATOM   570  C CZ  . TYR A 1 71  ? -10.055 -17.467 -4.705  1.00 37.54 ? 1552 TYR A CZ  1 
ATOM   571  O OH  . TYR A 1 71  ? -11.208 -17.065 -5.339  1.00 39.97 ? 1552 TYR A OH  1 
ATOM   572  N N   . PHE A 1 72  ? -4.651  -16.095 -2.043  1.00 23.12 ? 1553 PHE A N   1 
ATOM   573  C CA  . PHE A 1 72  ? -4.292  -14.753 -2.524  1.00 21.14 ? 1553 PHE A CA  1 
ATOM   574  C C   . PHE A 1 72  ? -4.270  -14.709 -4.042  1.00 20.82 ? 1553 PHE A C   1 
ATOM   575  O O   . PHE A 1 72  ? -3.647  -15.549 -4.686  1.00 20.84 ? 1553 PHE A O   1 
ATOM   576  C CB  . PHE A 1 72  ? -2.925  -14.353 -1.972  1.00 20.78 ? 1553 PHE A CB  1 
ATOM   577  C CG  . PHE A 1 72  ? -2.956  -13.973 -0.528  1.00 19.94 ? 1553 PHE A CG  1 
ATOM   578  C CD1 . PHE A 1 72  ? -3.460  -12.735 -0.138  1.00 20.21 ? 1553 PHE A CD1 1 
ATOM   579  C CD2 . PHE A 1 72  ? -2.480  -14.843 0.454   1.00 20.47 ? 1553 PHE A CD2 1 
ATOM   580  C CE1 . PHE A 1 72  ? -3.469  -12.364 1.200   1.00 20.50 ? 1553 PHE A CE1 1 
ATOM   581  C CE2 . PHE A 1 72  ? -2.491  -14.475 1.786   1.00 21.39 ? 1553 PHE A CE2 1 
ATOM   582  C CZ  . PHE A 1 72  ? -2.991  -13.241 2.160   1.00 21.54 ? 1553 PHE A CZ  1 
ATOM   583  N N   . SER A 1 73  ? -4.942  -13.710 -4.616  1.00 19.50 ? 1554 SER A N   1 
ATOM   584  C CA  . SER A 1 73  ? -4.945  -13.517 -6.054  1.00 19.11 ? 1554 SER A CA  1 
ATOM   585  C C   . SER A 1 73  ? -5.118  -12.046 -6.385  1.00 17.87 ? 1554 SER A C   1 
ATOM   586  O O   . SER A 1 73  ? -5.501  -11.227 -5.530  1.00 16.37 ? 1554 SER A O   1 
ATOM   587  C CB  . SER A 1 73  ? -6.070  -14.319 -6.704  1.00 20.16 ? 1554 SER A CB  1 
ATOM   588  O OG  . SER A 1 73  ? -7.325  -13.897 -6.209  1.00 21.54 ? 1554 SER A OG  1 
ATOM   589  N N   . ALA A 1 74  ? -4.845  -11.741 -7.645  1.00 16.71 ? 1555 ALA A N   1 
ATOM   590  C CA  . ALA A 1 74  ? -4.902  -10.375 -8.132  1.00 15.30 ? 1555 ALA A CA  1 
ATOM   591  C C   . ALA A 1 74  ? -6.334  -9.891  -8.341  1.00 14.15 ? 1555 ALA A C   1 
ATOM   592  O O   . ALA A 1 74  ? -7.263  -10.668 -8.561  1.00 15.10 ? 1555 ALA A O   1 
ATOM   593  C CB  . ALA A 1 74  ? -4.100  -10.236 -9.416  1.00 15.62 ? 1555 ALA A CB  1 
ATOM   594  N N   . GLY A 1 75  ? -6.499  -8.580  -8.267  1.00 12.09 ? 1556 GLY A N   1 
ATOM   595  C CA  . GLY A 1 75  ? -7.764  -7.909  -8.570  1.00 11.63 ? 1556 GLY A CA  1 
ATOM   596  C C   . GLY A 1 75  ? -7.497  -6.481  -8.963  1.00 11.28 ? 1556 GLY A C   1 
ATOM   597  O O   . GLY A 1 75  ? -6.340  -6.048  -8.985  1.00 10.86 ? 1556 GLY A O   1 
ATOM   598  N N   . VAL A 1 76  ? -8.552  -5.741  -9.265  1.00 10.73 ? 1557 VAL A N   1 
ATOM   599  C CA  . VAL A 1 76  ? -8.435  -4.366  -9.695  1.00 10.57 ? 1557 VAL A CA  1 
ATOM   600  C C   . VAL A 1 76  ? -9.302  -3.481  -8.806  1.00 10.19 ? 1557 VAL A C   1 
ATOM   601  O O   . VAL A 1 76  ? -10.467 -3.799  -8.540  1.00 9.88  ? 1557 VAL A O   1 
ATOM   602  C CB  . VAL A 1 76  ? -8.830  -4.240  -11.190 1.00 11.80 ? 1557 VAL A CB  1 
ATOM   603  C CG1 . VAL A 1 76  ? -8.836  -2.795  -11.616 1.00 12.06 ? 1557 VAL A CG1 1 
ATOM   604  C CG2 . VAL A 1 76  ? -7.881  -5.062  -12.060 1.00 12.61 ? 1557 VAL A CG2 1 
ATOM   605  N N   . VAL A 1 77  ? -8.756  -2.342  -8.383  1.00 9.98  ? 1558 VAL A N   1 
ATOM   606  C CA  . VAL A 1 77  ? -9.499  -1.402  -7.544  1.00 10.35 ? 1558 VAL A CA  1 
ATOM   607  C C   . VAL A 1 77  ? -10.591 -0.744  -8.384  1.00 10.48 ? 1558 VAL A C   1 
ATOM   608  O O   . VAL A 1 77  ? -10.301 -0.131  -9.419  1.00 10.78 ? 1558 VAL A O   1 
ATOM   609  C CB  . VAL A 1 77  ? -8.581  -0.319  -6.952  1.00 10.22 ? 1558 VAL A CB  1 
ATOM   610  C CG1 . VAL A 1 77  ? -9.383  0.716   -6.180  1.00 10.36 ? 1558 VAL A CG1 1 
ATOM   611  C CG2 . VAL A 1 77  ? -7.522  -0.961  -6.056  1.00 10.16 ? 1558 VAL A CG2 1 
ATOM   612  N N   . LYS A 1 78  ? -11.839 -0.857  -7.934  1.00 10.73 ? 1559 LYS A N   1 
ATOM   613  C CA  . LYS A 1 78  ? -12.974 -0.259  -8.651  1.00 12.03 ? 1559 LYS A CA  1 
ATOM   614  C C   . LYS A 1 78  ? -13.775 0.729   -7.809  1.00 12.29 ? 1559 LYS A C   1 
ATOM   615  O O   . LYS A 1 78  ? -14.695 1.359   -8.327  1.00 13.18 ? 1559 LYS A O   1 
ATOM   616  C CB  . LYS A 1 78  ? -13.897 -1.354  -9.188  1.00 13.34 ? 1559 LYS A CB  1 
ATOM   617  C CG  . LYS A 1 78  ? -13.273 -2.211  -10.280 1.00 15.00 ? 1559 LYS A CG  1 
ATOM   618  C CD  . LYS A 1 78  ? -12.883 -1.406  -11.505 1.00 16.53 ? 1559 LYS A CD  1 
ATOM   619  C CE  . LYS A 1 78  ? -12.485 -2.313  -12.657 1.00 18.08 ? 1559 LYS A CE  1 
ATOM   620  N NZ  . LYS A 1 78  ? -11.956 -1.560  -13.816 1.00 19.51 ? 1559 LYS A NZ  1 
ATOM   621  N N   . GLY A 1 79  ? -13.428 0.916   -6.535  1.00 11.62 ? 1560 GLY A N   1 
ATOM   622  C CA  . GLY A 1 79  ? -14.138 1.870   -5.706  1.00 11.65 ? 1560 GLY A CA  1 
ATOM   623  C C   . GLY A 1 79  ? -13.503 1.993   -4.344  1.00 11.53 ? 1560 GLY A C   1 
ATOM   624  O O   . GLY A 1 79  ? -12.644 1.194   -3.961  1.00 10.54 ? 1560 GLY A O   1 
ATOM   625  N N   . HIS A 1 80  ? -13.978 2.985   -3.604  1.00 11.78 ? 1561 HIS A N   1 
ATOM   626  C CA  . HIS A 1 80  ? -13.495 3.321   -2.268  1.00 12.38 ? 1561 HIS A CA  1 
ATOM   627  C C   . HIS A 1 80  ? -14.682 3.671   -1.389  1.00 12.24 ? 1561 HIS A C   1 
ATOM   628  O O   . HIS A 1 80  ? -15.639 4.251   -1.869  1.00 12.94 ? 1561 HIS A O   1 
ATOM   629  C CB  . HIS A 1 80  ? -12.601 4.562   -2.326  1.00 13.75 ? 1561 HIS A CB  1 
ATOM   630  C CG  . HIS A 1 80  ? -11.441 4.427   -3.260  1.00 14.77 ? 1561 HIS A CG  1 
ATOM   631  N ND1 . HIS A 1 80  ? -11.477 4.873   -4.561  1.00 17.07 ? 1561 HIS A ND1 1 
ATOM   632  C CD2 . HIS A 1 80  ? -10.220 3.878   -3.082  1.00 14.95 ? 1561 HIS A CD2 1 
ATOM   633  C CE1 . HIS A 1 80  ? -10.312 4.625   -5.139  1.00 17.19 ? 1561 HIS A CE1 1 
ATOM   634  N NE2 . HIS A 1 80  ? -9.536  4.017   -4.264  1.00 15.37 ? 1561 HIS A NE2 1 
ATOM   635  N N   . ARG A 1 81  ? -14.603 3.337   -0.111  1.00 11.44 ? 1562 ARG A N   1 
ATOM   636  C CA  . ARG A 1 81  ? -15.552 3.808   0.925   1.00 11.77 ? 1562 ARG A CA  1 
ATOM   637  C C   . ARG A 1 81  ? -14.765 4.337   2.093   1.00 12.09 ? 1562 ARG A C   1 
ATOM   638  O O   . ARG A 1 81  ? -13.931 3.623   2.659   1.00 12.18 ? 1562 ARG A O   1 
ATOM   639  C CB  . ARG A 1 81  ? -16.401 2.663   1.446   1.00 12.55 ? 1562 ARG A CB  1 
ATOM   640  C CG  . ARG A 1 81  ? -17.649 2.405   0.681   1.00 13.40 ? 1562 ARG A CG  1 
ATOM   641  C CD  . ARG A 1 81  ? -18.398 1.298   1.377   1.00 14.32 ? 1562 ARG A CD  1 
ATOM   642  N NE  . ARG A 1 81  ? -19.540 0.910   0.585   1.00 14.40 ? 1562 ARG A NE  1 
ATOM   643  C CZ  . ARG A 1 81  ? -20.239 -0.196  0.773   1.00 14.29 ? 1562 ARG A CZ  1 
ATOM   644  N NH1 . ARG A 1 81  ? -19.930 -1.045  1.743   1.00 13.70 ? 1562 ARG A NH1 1 
ATOM   645  N NH2 . ARG A 1 81  ? -21.246 -0.469  -0.042  1.00 15.15 ? 1562 ARG A NH2 1 
ATOM   646  N N   . LYS A 1 82  ? -15.047 5.572   2.482   1.00 12.65 ? 1563 LYS A N   1 
ATOM   647  C CA  . LYS A 1 82  ? -14.441 6.127   3.679   1.00 13.75 ? 1563 LYS A CA  1 
ATOM   648  C C   . LYS A 1 82  ? -15.412 6.772   4.645   1.00 12.56 ? 1563 LYS A C   1 
ATOM   649  O O   . LYS A 1 82  ? -14.984 7.405   5.604   1.00 12.48 ? 1563 LYS A O   1 
ATOM   650  C CB  . LYS A 1 82  ? -13.315 7.091   3.329   1.00 16.86 ? 1563 LYS A CB  1 
ATOM   651  C CG  . LYS A 1 82  ? -12.171 7.011   4.333   1.00 19.19 ? 1563 LYS A CG  1 
ATOM   652  C CD  . LYS A 1 82  ? -10.965 7.814   3.899   1.00 21.32 ? 1563 LYS A CD  1 
ATOM   653  C CE  . LYS A 1 82  ? -9.864  7.710   4.924   1.00 23.40 ? 1563 LYS A CE  1 
ATOM   654  N NZ  . LYS A 1 82  ? -8.734  8.612   4.585   1.00 24.52 ? 1563 LYS A NZ  1 
ATOM   655  N N   . GLU A 1 83  ? -16.706 6.552   4.440   1.00 12.79 ? 1564 GLU A N   1 
ATOM   656  C CA  . GLU A 1 83  ? -17.742 7.095   5.317   1.00 13.50 ? 1564 GLU A CA  1 
ATOM   657  C C   . GLU A 1 83  ? -17.505 6.853   6.806   1.00 12.93 ? 1564 GLU A C   1 
ATOM   658  O O   . GLU A 1 83  ? -17.749 7.732   7.637   1.00 13.24 ? 1564 GLU A O   1 
ATOM   659  C CB  . GLU A 1 83  ? -19.069 6.462   4.902   1.00 15.32 ? 1564 GLU A CB  1 
ATOM   660  C CG  . GLU A 1 83  ? -20.228 6.671   5.845   1.00 16.51 ? 1564 GLU A CG  1 
ATOM   661  C CD  . GLU A 1 83  ? -21.468 5.974   5.357   1.00 16.63 ? 1564 GLU A CD  1 
ATOM   662  O OE1 . GLU A 1 83  ? -22.276 6.662   4.735   1.00 15.82 ? 1564 GLU A OE1 1 
ATOM   663  O OE2 . GLU A 1 83  ? -21.612 4.752   5.600   1.00 18.34 ? 1564 GLU A OE2 1 
ATOM   664  N N   . SER A 1 84  ? -17.040 5.653   7.159   1.00 11.98 ? 1565 SER A N   1 
ATOM   665  C CA  . SER A 1 84  ? -16.858 5.296   8.553   1.00 12.45 ? 1565 SER A CA  1 
ATOM   666  C C   . SER A 1 84  ? -15.597 5.898   9.175   1.00 13.05 ? 1565 SER A C   1 
ATOM   667  O O   . SER A 1 84  ? -15.361 5.709   10.363  1.00 13.84 ? 1565 SER A O   1 
ATOM   668  C CB  . SER A 1 84  ? -16.796 3.782   8.711   1.00 12.58 ? 1565 SER A CB  1 
ATOM   669  O OG  . SER A 1 84  ? -15.542 3.332   8.203   1.00 13.13 ? 1565 SER A OG  1 
ATOM   670  N N   . GLY A 1 85  ? -14.771 6.579   8.385   1.00 13.34 ? 1566 GLY A N   1 
ATOM   671  C CA  . GLY A 1 85  ? -13.475 7.028   8.861   1.00 14.94 ? 1566 GLY A CA  1 
ATOM   672  C C   . GLY A 1 85  ? -12.387 5.991   8.683   1.00 15.49 ? 1566 GLY A C   1 
ATOM   673  O O   . GLY A 1 85  ? -11.211 6.280   8.940   1.00 18.78 ? 1566 GLY A O   1 
ATOM   674  N N   . GLU A 1 86  ? -12.755 4.785   8.252   1.00 14.07 ? 1567 GLU A N   1 
ATOM   675  C CA  . GLU A 1 86  ? -11.799 3.733   7.900   1.00 14.13 ? 1567 GLU A CA  1 
ATOM   676  C C   . GLU A 1 86  ? -11.990 3.425   6.426   1.00 12.87 ? 1567 GLU A C   1 
ATOM   677  O O   . GLU A 1 86  ? -13.128 3.335   5.935   1.00 13.62 ? 1567 GLU A O   1 
ATOM   678  C CB  . GLU A 1 86  ? -12.051 2.487   8.734   1.00 15.42 ? 1567 GLU A CB  1 
ATOM   679  C CG  . GLU A 1 86  ? -11.896 2.752   10.226  1.00 17.01 ? 1567 GLU A CG  1 
ATOM   680  C CD  . GLU A 1 86  ? -12.246 1.578   11.104  1.00 19.40 ? 1567 GLU A CD  1 
ATOM   681  O OE1 . GLU A 1 86  ? -12.076 1.736   12.339  1.00 23.87 ? 1567 GLU A OE1 1 
ATOM   682  O OE2 . GLU A 1 86  ? -12.711 0.525   10.609  1.00 21.54 ? 1567 GLU A OE2 1 
ATOM   683  N N   . LEU A 1 87  ? -10.884 3.247   5.712   1.00 11.36 ? 1568 LEU A N   1 
ATOM   684  C CA  . LEU A 1 87  ? -10.933 3.029   4.279   1.00 10.72 ? 1568 LEU A CA  1 
ATOM   685  C C   . LEU A 1 87  ? -11.199 1.570   3.914   1.00 9.92  ? 1568 LEU A C   1 
ATOM   686  O O   . LEU A 1 87  ? -10.546 0.640   4.442   1.00 9.77  ? 1568 LEU A O   1 
ATOM   687  C CB  . LEU A 1 87  ? -9.628  3.484   3.650   1.00 10.86 ? 1568 LEU A CB  1 
ATOM   688  C CG  . LEU A 1 87  ? -9.473  3.329   2.140   1.00 11.28 ? 1568 LEU A CG  1 
ATOM   689  C CD1 . LEU A 1 87  ? -10.408 4.244   1.362   1.00 11.79 ? 1568 LEU A CD1 1 
ATOM   690  C CD2 . LEU A 1 87  ? -8.030  3.630   1.751   1.00 11.60 ? 1568 LEU A CD2 1 
ATOM   691  N N   . TYR A 1 88  ? -12.158 1.375   3.000   1.00 9.52  ? 1569 TYR A N   1 
ATOM   692  C CA  . TYR A 1 88  ? -12.412 0.094   2.341   1.00 9.72  ? 1569 TYR A CA  1 
ATOM   693  C C   . TYR A 1 88  ? -12.263 0.257   0.840   1.00 8.97  ? 1569 TYR A C   1 
ATOM   694  O O   . TYR A 1 88  ? -12.606 1.310   0.302   1.00 9.21  ? 1569 TYR A O   1 
ATOM   695  C CB  . TYR A 1 88  ? -13.840 -0.371  2.629   1.00 10.04 ? 1569 TYR A CB  1 
ATOM   696  C CG  . TYR A 1 88  ? -13.966 -1.024  3.979   1.00 10.26 ? 1569 TYR A CG  1 
ATOM   697  C CD1 . TYR A 1 88  ? -14.039 -0.276  5.159   1.00 11.04 ? 1569 TYR A CD1 1 
ATOM   698  C CD2 . TYR A 1 88  ? -13.938 -2.402  4.089   1.00 10.50 ? 1569 TYR A CD2 1 
ATOM   699  C CE1 . TYR A 1 88  ? -14.102 -0.923  6.398   1.00 11.95 ? 1569 TYR A CE1 1 
ATOM   700  C CE2 . TYR A 1 88  ? -14.003 -3.039  5.305   1.00 11.61 ? 1569 TYR A CE2 1 
ATOM   701  C CZ  . TYR A 1 88  ? -14.082 -2.298  6.448   1.00 11.94 ? 1569 TYR A CZ  1 
ATOM   702  O OH  . TYR A 1 88  ? -14.131 -2.982  7.653   1.00 15.24 ? 1569 TYR A OH  1 
ATOM   703  N N   . TYR A 1 89  ? -11.721 -0.772  0.187   1.00 8.63  ? 1570 TYR A N   1 
ATOM   704  C CA  . TYR A 1 89  ? -11.582 -0.839  -1.256  1.00 8.45  ? 1570 TYR A CA  1 
ATOM   705  C C   . TYR A 1 89  ? -12.578 -1.817  -1.846  1.00 8.40  ? 1570 TYR A C   1 
ATOM   706  O O   . TYR A 1 89  ? -12.749 -2.910  -1.312  1.00 8.17  ? 1570 TYR A O   1 
ATOM   707  C CB  . TYR A 1 89  ? -10.174 -1.344  -1.604  1.00 8.41  ? 1570 TYR A CB  1 
ATOM   708  C CG  . TYR A 1 89  ? -9.054  -0.385  -1.353  1.00 8.62  ? 1570 TYR A CG  1 
ATOM   709  C CD1 . TYR A 1 89  ? -8.807  0.633   -2.248  1.00 8.49  ? 1570 TYR A CD1 1 
ATOM   710  C CD2 . TYR A 1 89  ? -8.233  -0.490  -0.244  1.00 8.73  ? 1570 TYR A CD2 1 
ATOM   711  C CE1 . TYR A 1 89  ? -7.756  1.519   -2.057  1.00 8.89  ? 1570 TYR A CE1 1 
ATOM   712  C CE2 . TYR A 1 89  ? -7.169  0.381   -0.036  1.00 9.08  ? 1570 TYR A CE2 1 
ATOM   713  C CZ  . TYR A 1 89  ? -6.954  1.409   -0.925  1.00 8.92  ? 1570 TYR A CZ  1 
ATOM   714  O OH  . TYR A 1 89  ? -5.913  2.305   -0.758  1.00 9.78  ? 1570 TYR A OH  1 
ATOM   715  N N   . SER A 1 90  ? -13.177 -1.459  -2.976  1.00 8.85  ? 1571 SER A N   1 
ATOM   716  C CA  . SER A 1 90  ? -13.928 -2.411  -3.785  1.00 9.60  ? 1571 SER A CA  1 
ATOM   717  C C   . SER A 1 90  ? -12.950 -2.998  -4.806  1.00 9.35  ? 1571 SER A C   1 
ATOM   718  O O   . SER A 1 90  ? -12.380 -2.245  -5.601  1.00 10.04 ? 1571 SER A O   1 
ATOM   719  C CB  . SER A 1 90  ? -15.084 -1.702  -4.496  1.00 10.02 ? 1571 SER A CB  1 
ATOM   720  O OG  . SER A 1 90  ? -15.826 -2.621  -5.271  1.00 11.43 ? 1571 SER A OG  1 
ATOM   721  N N   . ILE A 1 91  ? -12.775 -4.311  -4.779  1.00 9.62  ? 1572 ILE A N   1 
ATOM   722  C CA  . ILE A 1 91  ? -11.802 -4.990  -5.636  1.00 10.60 ? 1572 ILE A CA  1 
ATOM   723  C C   . ILE A 1 91  ? -12.545 -5.950  -6.546  1.00 11.23 ? 1572 ILE A C   1 
ATOM   724  O O   . ILE A 1 91  ? -13.339 -6.762  -6.064  1.00 10.81 ? 1572 ILE A O   1 
ATOM   725  C CB  . ILE A 1 91  ? -10.762 -5.788  -4.807  1.00 11.55 ? 1572 ILE A CB  1 
ATOM   726  C CG1 . ILE A 1 91  ? -10.037 -4.888  -3.814  1.00 12.75 ? 1572 ILE A CG1 1 
ATOM   727  C CG2 . ILE A 1 91  ? -9.784  -6.520  -5.726  1.00 11.57 ? 1572 ILE A CG2 1 
ATOM   728  C CD1 . ILE A 1 91  ? -9.358  -3.723  -4.444  1.00 12.91 ? 1572 ILE A CD1 1 
ATOM   729  N N   . GLU A 1 92  ? -12.274 -5.860  -7.843  1.00 11.74 ? 1573 GLU A N   1 
ATOM   730  C CA  . GLU A 1 92  ? -12.912 -6.731  -8.821  1.00 13.62 ? 1573 GLU A CA  1 
ATOM   731  C C   . GLU A 1 92  ? -12.012 -7.913  -9.170  1.00 14.54 ? 1573 GLU A C   1 
ATOM   732  O O   . GLU A 1 92  ? -10.838 -7.729  -9.492  1.00 13.71 ? 1573 GLU A O   1 
ATOM   733  C CB  . GLU A 1 92  ? -13.263 -5.941  -10.068 1.00 14.25 ? 1573 GLU A CB  1 
ATOM   734  C CG  . GLU A 1 92  ? -14.011 -6.798  -11.083 1.00 15.84 ? 1573 GLU A CG  1 
ATOM   735  C CD  . GLU A 1 92  ? -14.544 -6.008  -12.236 1.00 17.01 ? 1573 GLU A CD  1 
ATOM   736  O OE1 . GLU A 1 92  ? -14.482 -6.547  -13.360 1.00 19.72 ? 1573 GLU A OE1 1 
ATOM   737  O OE2 . GLU A 1 92  ? -15.036 -4.876  -12.055 1.00 17.15 ? 1573 GLU A OE2 1 
ATOM   738  N N   . LYS A 1 93  ? -12.577 -9.121  -9.077  1.00 17.23 ? 1574 LYS A N   1 
ATOM   739  C CA  . LYS A 1 93  ? -11.941 -10.364 -9.523  1.00 19.91 ? 1574 LYS A CA  1 
ATOM   740  C C   . LYS A 1 93  ? -12.996 -11.140 -10.329 1.00 21.26 ? 1574 LYS A C   1 
ATOM   741  O O   . LYS A 1 93  ? -14.052 -11.455 -9.790  1.00 21.57 ? 1574 LYS A O   1 
ATOM   742  C CB  . LYS A 1 93  ? -11.495 -11.213 -8.330  1.00 21.86 ? 1574 LYS A CB  1 
ATOM   743  C CG  . LYS A 1 93  ? -10.475 -10.568 -7.392  1.00 22.66 ? 1574 LYS A CG  1 
ATOM   744  C CD  . LYS A 1 93  ? -10.011 -11.554 -6.321  1.00 23.41 ? 1574 LYS A CD  1 
ATOM   745  C CE  . LYS A 1 93  ? -8.812  -11.060 -5.515  1.00 23.67 ? 1574 LYS A CE  1 
ATOM   746  N NZ  . LYS A 1 93  ? -8.419  -12.067 -4.483  1.00 23.91 ? 1574 LYS A NZ  1 
ATOM   747  N N   . GLU A 1 94  ? -12.719 -11.394 -11.611 1.00 22.79 ? 1575 GLU A N   1 
ATOM   748  C CA  . GLU A 1 94  ? -13.587 -12.211 -12.483 1.00 24.03 ? 1575 GLU A CA  1 
ATOM   749  C C   . GLU A 1 94  ? -15.026 -11.672 -12.616 1.00 23.68 ? 1575 GLU A C   1 
ATOM   750  O O   . GLU A 1 94  ? -15.995 -12.418 -12.430 1.00 25.29 ? 1575 GLU A O   1 
ATOM   751  C CB  . GLU A 1 94  ? -13.607 -13.654 -11.983 1.00 25.11 ? 1575 GLU A CB  1 
ATOM   752  N N   . GLY A 1 95  ? -15.146 -10.380 -12.924 1.00 22.30 ? 1576 GLY A N   1 
ATOM   753  C CA  . GLY A 1 95  ? -16.459 -9.717  -13.104 1.00 21.64 ? 1576 GLY A CA  1 
ATOM   754  C C   . GLY A 1 95  ? -17.309 -9.524  -11.854 1.00 20.19 ? 1576 GLY A C   1 
ATOM   755  O O   . GLY A 1 95  ? -18.507 -9.219  -11.955 1.00 18.63 ? 1576 GLY A O   1 
ATOM   756  N N   . GLN A 1 96  ? -16.697 -9.686  -10.681 1.00 19.57 ? 1577 GLN A N   1 
ATOM   757  C CA  . GLN A 1 96  ? -17.389 -9.631  -9.398  1.00 19.80 ? 1577 GLN A CA  1 
ATOM   758  C C   . GLN A 1 96  ? -16.562 -8.779  -8.443  1.00 16.82 ? 1577 GLN A C   1 
ATOM   759  O O   . GLN A 1 96  ? -15.328 -8.874  -8.459  1.00 16.84 ? 1577 GLN A O   1 
ATOM   760  C CB  . GLN A 1 96  ? -17.506 -11.033 -8.808  1.00 22.80 ? 1577 GLN A CB  1 
ATOM   761  C CG  . GLN A 1 96  ? -18.329 -12.023 -9.622  1.00 26.01 ? 1577 GLN A CG  1 
ATOM   762  C CD  . GLN A 1 96  ? -19.791 -12.040 -9.230  1.00 29.03 ? 1577 GLN A CD  1 
ATOM   763  O OE1 . GLN A 1 96  ? -20.457 -11.001 -9.218  1.00 33.27 ? 1577 GLN A OE1 1 
ATOM   764  N NE2 . GLN A 1 96  ? -20.306 -13.228 -8.916  1.00 31.25 ? 1577 GLN A NE2 1 
ATOM   765  N N   . ARG A 1 97  ? -17.234 -7.972  -7.632  1.00 14.93 ? 1578 ARG A N   1 
ATOM   766  C CA  . ARG A 1 97  ? -16.576 -7.061  -6.702  1.00 13.89 ? 1578 ARG A CA  1 
ATOM   767  C C   . ARG A 1 97  ? -16.918 -7.408  -5.262  1.00 13.47 ? 1578 ARG A C   1 
ATOM   768  O O   . ARG A 1 97  ? -18.047 -7.823  -4.954  1.00 15.48 ? 1578 ARG A O   1 
ATOM   769  C CB  . ARG A 1 97  ? -16.973 -5.623  -7.008  1.00 13.64 ? 1578 ARG A CB  1 
ATOM   770  C CG  . ARG A 1 97  ? -16.399 -5.111  -8.327  1.00 13.79 ? 1578 ARG A CG  1 
ATOM   771  C CD  . ARG A 1 97  ? -16.990 -3.788  -8.777  1.00 14.02 ? 1578 ARG A CD  1 
ATOM   772  N NE  . ARG A 1 97  ? -18.366 -3.959  -9.247  1.00 13.97 ? 1578 ARG A NE  1 
ATOM   773  C CZ  . ARG A 1 97  ? -18.721 -4.388  -10.465 1.00 14.26 ? 1578 ARG A CZ  1 
ATOM   774  N NH1 . ARG A 1 97  ? -17.837 -4.697  -11.403 1.00 15.06 ? 1578 ARG A NH1 1 
ATOM   775  N NH2 . ARG A 1 97  ? -20.008 -4.498  -10.747 1.00 15.08 ? 1578 ARG A NH2 1 
ATOM   776  N N   A LYS A 1 98  ? -15.957 -7.145  -4.380  0.50 12.85 ? 1579 LYS A N   1 
ATOM   777  N N   B LYS A 1 98  ? -15.934 -7.290  -4.369  0.50 12.46 ? 1579 LYS A N   1 
ATOM   778  C CA  A LYS A 1 98  ? -16.060 -7.407  -2.962  0.50 12.85 ? 1579 LYS A CA  1 
ATOM   779  C CA  B LYS A 1 98  ? -16.166 -7.334  -2.927  0.50 12.36 ? 1579 LYS A CA  1 
ATOM   780  C C   A LYS A 1 98  ? -15.289 -6.311  -2.248  0.50 11.64 ? 1579 LYS A C   1 
ATOM   781  C C   B LYS A 1 98  ? -15.338 -6.270  -2.265  0.50 11.36 ? 1579 LYS A C   1 
ATOM   782  O O   A LYS A 1 98  ? -14.343 -5.769  -2.821  0.50 11.63 ? 1579 LYS A O   1 
ATOM   783  O O   B LYS A 1 98  ? -14.400 -5.741  -2.864  0.50 11.31 ? 1579 LYS A O   1 
ATOM   784  C CB  A LYS A 1 98  ? -15.436 -8.770  -2.680  0.50 13.94 ? 1579 LYS A CB  1 
ATOM   785  C CB  B LYS A 1 98  ? -15.771 -8.679  -2.320  0.50 13.02 ? 1579 LYS A CB  1 
ATOM   786  C CG  A LYS A 1 98  ? -15.801 -9.383  -1.354  0.50 14.79 ? 1579 LYS A CG  1 
ATOM   787  C CG  B LYS A 1 98  ? -16.585 -9.864  -2.800  0.50 13.82 ? 1579 LYS A CG  1 
ATOM   788  C CD  A LYS A 1 98  ? -15.826 -10.900 -1.450  0.50 15.68 ? 1579 LYS A CD  1 
ATOM   789  C CD  B LYS A 1 98  ? -16.221 -11.102 -2.003  0.50 14.65 ? 1579 LYS A CD  1 
ATOM   790  C CE  A LYS A 1 98  ? -17.007 -11.384 -2.289  0.50 16.24 ? 1579 LYS A CE  1 
ATOM   791  C CE  B LYS A 1 98  ? -16.894 -12.334 -2.576  0.50 15.23 ? 1579 LYS A CE  1 
ATOM   792  N NZ  A LYS A 1 98  ? -17.538 -12.723 -1.896  0.50 16.37 ? 1579 LYS A NZ  1 
ATOM   793  N NZ  B LYS A 1 98  ? -18.358 -12.137 -2.713  0.50 15.74 ? 1579 LYS A NZ  1 
ATOM   794  N N   . TRP A 1 99  ? -15.696 -5.973  -1.023  1.00 10.32 ? 1580 TRP A N   1 
ATOM   795  C CA  . TRP A 1 99  ? -15.009 -4.979  -0.203  1.00 9.92  ? 1580 TRP A CA  1 
ATOM   796  C C   . TRP A 1 99  ? -13.896 -5.592  0.620   1.00 9.44  ? 1580 TRP A C   1 
ATOM   797  O O   . TRP A 1 99  ? -13.993 -6.726  1.075   1.00 9.18  ? 1580 TRP A O   1 
ATOM   798  C CB  . TRP A 1 99  ? -16.000 -4.285  0.733   1.00 9.63  ? 1580 TRP A CB  1 
ATOM   799  C CG  . TRP A 1 99  ? -17.015 -3.495  -0.018  1.00 9.65  ? 1580 TRP A CG  1 
ATOM   800  C CD1 . TRP A 1 99  ? -18.308 -3.864  -0.311  1.00 10.33 ? 1580 TRP A CD1 1 
ATOM   801  C CD2 . TRP A 1 99  ? -16.817 -2.215  -0.614  1.00 10.12 ? 1580 TRP A CD2 1 
ATOM   802  N NE1 . TRP A 1 99  ? -18.911 -2.875  -1.048  1.00 10.68 ? 1580 TRP A NE1 1 
ATOM   803  C CE2 . TRP A 1 99  ? -18.030 -1.846  -1.239  1.00 10.34 ? 1580 TRP A CE2 1 
ATOM   804  C CE3 . TRP A 1 99  ? -15.733 -1.332  -0.666  1.00 10.01 ? 1580 TRP A CE3 1 
ATOM   805  C CZ2 . TRP A 1 99  ? -18.171 -0.638  -1.924  1.00 11.00 ? 1580 TRP A CZ2 1 
ATOM   806  C CZ3 . TRP A 1 99  ? -15.882 -0.137  -1.306  1.00 10.37 ? 1580 TRP A CZ3 1 
ATOM   807  C CH2 . TRP A 1 99  ? -17.089 0.198   -1.947  1.00 11.16 ? 1580 TRP A CH2 1 
ATOM   808  N N   . TYR A 1 100 ? -12.833 -4.814  0.802   1.00 9.19  ? 1581 TYR A N   1 
ATOM   809  C CA  . TYR A 1 100 ? -11.631 -5.190  1.547   1.00 9.68  ? 1581 TYR A CA  1 
ATOM   810  C C   . TYR A 1 100 ? -11.183 -4.020  2.375   1.00 9.18  ? 1581 TYR A C   1 
ATOM   811  O O   . TYR A 1 100 ? -11.054 -2.921  1.845   1.00 9.32  ? 1581 TYR A O   1 
ATOM   812  C CB  . TYR A 1 100 ? -10.496 -5.576  0.588   1.00 10.33 ? 1581 TYR A CB  1 
ATOM   813  C CG  . TYR A 1 100 ? -10.773 -6.841  -0.195  1.00 11.34 ? 1581 TYR A CG  1 
ATOM   814  C CD1 . TYR A 1 100 ? -11.542 -6.809  -1.348  1.00 12.59 ? 1581 TYR A CD1 1 
ATOM   815  C CD2 . TYR A 1 100 ? -10.283 -8.075  0.228   1.00 12.73 ? 1581 TYR A CD2 1 
ATOM   816  C CE1 . TYR A 1 100 ? -11.815 -7.958  -2.063  1.00 13.76 ? 1581 TYR A CE1 1 
ATOM   817  C CE2 . TYR A 1 100 ? -10.552 -9.227  -0.498  1.00 13.82 ? 1581 TYR A CE2 1 
ATOM   818  C CZ  . TYR A 1 100 ? -11.318 -9.153  -1.633  1.00 14.76 ? 1581 TYR A CZ  1 
ATOM   819  O OH  . TYR A 1 100 ? -11.607 -10.293 -2.385  1.00 19.11 ? 1581 TYR A OH  1 
ATOM   820  N N   . LYS A 1 101 ? -10.970 -4.227  3.665   1.00 9.95  ? 1582 LYS A N   1 
ATOM   821  C CA  . LYS A 1 101 ? -10.362 -3.195  4.506   1.00 10.81 ? 1582 LYS A CA  1 
ATOM   822  C C   . LYS A 1 101 ? -8.980  -2.784  3.952   1.00 10.01 ? 1582 LYS A C   1 
ATOM   823  O O   . LYS A 1 101 ? -8.299  -3.594  3.310   1.00 9.95  ? 1582 LYS A O   1 
ATOM   824  C CB  . LYS A 1 101 ? -10.285 -3.635  5.976   1.00 13.29 ? 1582 LYS A CB  1 
ATOM   825  C CG  . LYS A 1 101 ? -9.377  -4.806  6.257   1.00 15.33 ? 1582 LYS A CG  1 
ATOM   826  C CD  . LYS A 1 101 ? -9.562  -5.327  7.681   1.00 17.28 ? 1582 LYS A CD  1 
ATOM   827  C CE  . LYS A 1 101 ? -8.679  -6.546  7.935   1.00 19.34 ? 1582 LYS A CE  1 
ATOM   828  N NZ  . LYS A 1 101 ? -8.549  -6.929  9.384   1.00 21.82 ? 1582 LYS A NZ  1 
ATOM   829  N N   . ARG A 1 102 ? -8.597  -1.528  4.177   1.00 9.60  ? 1583 ARG A N   1 
ATOM   830  C CA  . ARG A 1 102 ? -7.320  -1.003  3.681   1.00 9.52  ? 1583 ARG A CA  1 
ATOM   831  C C   . ARG A 1 102 ? -6.169  -2.010  3.856   1.00 9.88  ? 1583 ARG A C   1 
ATOM   832  O O   . ARG A 1 102 ? -5.437  -2.307  2.907   1.00 9.76  ? 1583 ARG A O   1 
ATOM   833  C CB  . ARG A 1 102 ? -6.978  0.307   4.390   1.00 9.90  ? 1583 ARG A CB  1 
ATOM   834  C CG  . ARG A 1 102 ? -5.717  0.952   3.849   1.00 10.25 ? 1583 ARG A CG  1 
ATOM   835  C CD  . ARG A 1 102 ? -5.185  2.003   4.788   1.00 11.16 ? 1583 ARG A CD  1 
ATOM   836  N NE  . ARG A 1 102 ? -6.046  3.157   5.038   1.00 11.73 ? 1583 ARG A NE  1 
ATOM   837  C CZ  . ARG A 1 102 ? -5.933  4.369   4.508   1.00 12.27 ? 1583 ARG A CZ  1 
ATOM   838  N NH1 . ARG A 1 102 ? -5.013  4.656   3.595   1.00 12.55 ? 1583 ARG A NH1 1 
ATOM   839  N NH2 . ARG A 1 102 ? -6.764  5.329   4.907   1.00 12.86 ? 1583 ARG A NH2 1 
ATOM   840  N N   . MET A 1 103 ? -6.009  -2.527  5.063   1.00 9.67  ? 1584 MET A N   1 
ATOM   841  C CA  . MET A 1 103 ? -4.836  -3.359  5.362   1.00 10.38 ? 1584 MET A CA  1 
ATOM   842  C C   . MET A 1 103 ? -4.831  -4.719  4.654   1.00 9.95  ? 1584 MET A C   1 
ATOM   843  O O   . MET A 1 103 ? -3.798  -5.380  4.590   1.00 10.05 ? 1584 MET A O   1 
ATOM   844  C CB  . MET A 1 103 ? -4.667  -3.512  6.872   1.00 12.49 ? 1584 MET A CB  1 
ATOM   845  C CG  . MET A 1 103 ? -5.710  -4.428  7.472   1.00 13.88 ? 1584 MET A CG  1 
ATOM   846  S SD  . MET A 1 103 ? -5.643  -4.547  9.255   1.00 20.25 ? 1584 MET A SD  1 
ATOM   847  C CE  . MET A 1 103 ? -4.145  -5.425  9.399   1.00 19.57 ? 1584 MET A CE  1 
ATOM   848  N N   . ALA A 1 104 ? -5.968  -5.128  4.114   1.00 8.97  ? 1585 ALA A N   1 
ATOM   849  C CA  . ALA A 1 104 ? -6.068  -6.385  3.373   1.00 9.30  ? 1585 ALA A CA  1 
ATOM   850  C C   . ALA A 1 104 ? -5.689  -6.258  1.885   1.00 9.41  ? 1585 ALA A C   1 
ATOM   851  O O   . ALA A 1 104 ? -5.684  -7.255  1.163   1.00 11.36 ? 1585 ALA A O   1 
ATOM   852  C CB  . ALA A 1 104 ? -7.479  -6.953  3.501   1.00 9.27  ? 1585 ALA A CB  1 
ATOM   853  N N   . VAL A 1 105 ? -5.430  -5.031  1.416   1.00 8.99  ? 1586 VAL A N   1 
ATOM   854  C CA  . VAL A 1 105 ? -5.056  -4.814  0.014   1.00 8.90  ? 1586 VAL A CA  1 
ATOM   855  C C   . VAL A 1 105 ? -3.546  -4.601  -0.017  1.00 8.63  ? 1586 VAL A C   1 
ATOM   856  O O   . VAL A 1 105 ? -3.012  -3.687  0.629   1.00 8.59  ? 1586 VAL A O   1 
ATOM   857  C CB  . VAL A 1 105 ? -5.820  -3.632  -0.569  1.00 9.13  ? 1586 VAL A CB  1 
ATOM   858  C CG1 . VAL A 1 105 ? -5.385  -3.366  -2.003  1.00 9.31  ? 1586 VAL A CG1 1 
ATOM   859  C CG2 . VAL A 1 105 ? -7.311  -3.909  -0.502  1.00 9.64  ? 1586 VAL A CG2 1 
ATOM   860  N N   . ILE A 1 106 ? -2.869  -5.473  -0.753  1.00 8.46  ? 1587 ILE A N   1 
ATOM   861  C CA  A ILE A 1 106 ? -1.412  -5.487  -0.783  0.50 8.60  ? 1587 ILE A CA  1 
ATOM   862  C CA  B ILE A 1 106 ? -1.405  -5.529  -0.772  0.50 8.60  ? 1587 ILE A CA  1 
ATOM   863  C C   . ILE A 1 106 ? -0.947  -5.486  -2.229  1.00 8.40  ? 1587 ILE A C   1 
ATOM   864  O O   . ILE A 1 106 ? -1.757  -5.663  -3.145  1.00 9.23  ? 1587 ILE A O   1 
ATOM   865  C CB  A ILE A 1 106 ? -0.883  -6.717  -0.048  0.50 8.77  ? 1587 ILE A CB  1 
ATOM   866  C CB  B ILE A 1 106 ? -0.853  -6.765  0.009   0.50 8.78  ? 1587 ILE A CB  1 
ATOM   867  C CG1 A ILE A 1 106 ? -1.394  -7.995  -0.703  0.50 8.92  ? 1587 ILE A CG1 1 
ATOM   868  C CG1 B ILE A 1 106 ? -1.250  -8.128  -0.603  0.50 8.89  ? 1587 ILE A CG1 1 
ATOM   869  C CG2 A ILE A 1 106 ? -1.224  -6.647  1.445   0.50 9.06  ? 1587 ILE A CG2 1 
ATOM   870  C CG2 B ILE A 1 106 ? -1.232  -6.675  1.493   0.50 9.04  ? 1587 ILE A CG2 1 
ATOM   871  C CD1 A ILE A 1 106 ? -0.896  -9.199  -0.005  0.50 8.78  ? 1587 ILE A CD1 1 
ATOM   872  C CD1 B ILE A 1 106 ? -2.387  -8.831  0.102   0.50 8.84  ? 1587 ILE A CD1 1 
ATOM   873  N N   . LEU A 1 107 ? 0.358   -5.271  -2.440  1.00 7.76  ? 1588 LEU A N   1 
ATOM   874  C CA  . LEU A 1 107 ? 0.938   -5.223  -3.794  1.00 8.05  ? 1588 LEU A CA  1 
ATOM   875  C C   . LEU A 1 107 ? 2.133   -6.135  -3.854  1.00 7.78  ? 1588 LEU A C   1 
ATOM   876  O O   . LEU A 1 107 ? 3.025   -6.022  -3.031  1.00 7.51  ? 1588 LEU A O   1 
ATOM   877  C CB  . LEU A 1 107 ? 1.379   -3.803  -4.155  1.00 8.67  ? 1588 LEU A CB  1 
ATOM   878  C CG  . LEU A 1 107 ? 0.396   -2.667  -3.931  1.00 9.27  ? 1588 LEU A CG  1 
ATOM   879  C CD1 . LEU A 1 107 ? 1.044   -1.308  -4.093  1.00 9.66  ? 1588 LEU A CD1 1 
ATOM   880  C CD2 . LEU A 1 107 ? -0.776  -2.819  -4.873  1.00 10.33 ? 1588 LEU A CD2 1 
ATOM   881  N N   . SER A 1 108 ? 2.191   -7.010  -4.846  1.00 7.50  ? 1589 SER A N   1 
ATOM   882  C CA  . SER A 1 108 ? 3.419   -7.775  -5.074  1.00 7.62  ? 1589 SER A CA  1 
ATOM   883  C C   . SER A 1 108 ? 4.541   -6.814  -5.452  1.00 7.47  ? 1589 SER A C   1 
ATOM   884  O O   . SER A 1 108 ? 4.296   -5.654  -5.810  1.00 7.28  ? 1589 SER A O   1 
ATOM   885  C CB  . SER A 1 108 ? 3.232   -8.765  -6.210  1.00 7.70  ? 1589 SER A CB  1 
ATOM   886  O OG  . SER A 1 108 ? 3.007   -8.023  -7.389  1.00 8.19  ? 1589 SER A OG  1 
ATOM   887  N N   . LEU A 1 109 ? 5.794   -7.264  -5.409  1.00 7.84  ? 1590 LEU A N   1 
ATOM   888  C CA  . LEU A 1 109 ? 6.894   -6.397  -5.852  1.00 8.58  ? 1590 LEU A CA  1 
ATOM   889  C C   . LEU A 1 109 ? 6.610   -5.836  -7.242  1.00 8.37  ? 1590 LEU A C   1 
ATOM   890  O O   . LEU A 1 109 ? 6.805   -4.644  -7.474  1.00 8.31  ? 1590 LEU A O   1 
ATOM   891  C CB  . LEU A 1 109 ? 8.250   -7.095  -5.837  1.00 9.01  ? 1590 LEU A CB  1 
ATOM   892  C CG  . LEU A 1 109 ? 8.723   -7.615  -4.475  1.00 9.80  ? 1590 LEU A CG  1 
ATOM   893  C CD1 . LEU A 1 109 ? 10.142  -8.148  -4.571  1.00 10.40 ? 1590 LEU A CD1 1 
ATOM   894  C CD2 . LEU A 1 109 ? 8.632   -6.539  -3.396  1.00 10.30 ? 1590 LEU A CD2 1 
ATOM   895  N N   . GLU A 1 110 ? 6.095   -6.653  -8.151  1.00 8.44  ? 1591 GLU A N   1 
ATOM   896  C CA  . GLU A 1 110 ? 5.800   -6.176  -9.491  1.00 9.33  ? 1591 GLU A CA  1 
ATOM   897  C C   . GLU A 1 110 ? 4.714   -5.103  -9.458  1.00 8.27  ? 1591 GLU A C   1 
ATOM   898  O O   . GLU A 1 110 ? 4.859   -4.056  -10.111 1.00 8.40  ? 1591 GLU A O   1 
ATOM   899  C CB  . GLU A 1 110 ? 5.398   -7.335  -10.401 1.00 10.91 ? 1591 GLU A CB  1 
ATOM   900  C CG  . GLU A 1 110 ? 5.124   -6.915  -11.846 1.00 12.76 ? 1591 GLU A CG  1 
ATOM   901  C CD  . GLU A 1 110 ? 4.910   -8.082  -12.789 1.00 14.98 ? 1591 GLU A CD  1 
ATOM   902  O OE1 . GLU A 1 110 ? 4.959   -9.246  -12.365 1.00 15.73 ? 1591 GLU A OE1 1 
ATOM   903  O OE2 . GLU A 1 110 ? 4.684   -7.818  -13.987 1.00 18.30 ? 1591 GLU A OE2 1 
ATOM   904  N N   . GLN A 1 111 ? 3.636   -5.348  -8.712  1.00 8.11  ? 1592 GLN A N   1 
ATOM   905  C CA  . GLN A 1 111 ? 2.509   -4.422  -8.642  1.00 8.19  ? 1592 GLN A CA  1 
ATOM   906  C C   . GLN A 1 111 ? 2.883   -3.114  -7.970  1.00 7.88  ? 1592 GLN A C   1 
ATOM   907  O O   . GLN A 1 111 ? 2.369   -2.045  -8.334  1.00 8.14  ? 1592 GLN A O   1 
ATOM   908  C CB  . GLN A 1 111 ? 1.340   -5.037  -7.894  1.00 8.38  ? 1592 GLN A CB  1 
ATOM   909  C CG  . GLN A 1 111 ? 0.683   -6.158  -8.646  1.00 8.66  ? 1592 GLN A CG  1 
ATOM   910  C CD  . GLN A 1 111 ? -0.296  -6.947  -7.819  1.00 8.58  ? 1592 GLN A CD  1 
ATOM   911  O OE1 . GLN A 1 111 ? -0.229  -6.965  -6.589  1.00 8.68  ? 1592 GLN A OE1 1 
ATOM   912  N NE2 . GLN A 1 111 ? -1.232  -7.599  -8.493  1.00 9.79  ? 1592 GLN A NE2 1 
ATOM   913  N N   . GLY A 1 112 ? 3.767   -3.164  -6.979  1.00 7.84  ? 1593 GLY A N   1 
ATOM   914  C CA  . GLY A 1 112 ? 4.171   -1.975  -6.230  1.00 8.25  ? 1593 GLY A CA  1 
ATOM   915  C C   . GLY A 1 112 ? 5.252   -1.212  -6.928  1.00 8.62  ? 1593 GLY A C   1 
ATOM   916  O O   . GLY A 1 112 ? 5.180   0.014   -7.049  1.00 8.57  ? 1593 GLY A O   1 
ATOM   917  N N   . ASN A 1 113 ? 6.246   -1.923  -7.445  1.00 9.04  ? 1594 ASN A N   1 
ATOM   918  C CA  . ASN A 1 113 ? 7.309   -1.253  -8.199  1.00 9.68  ? 1594 ASN A CA  1 
ATOM   919  C C   . ASN A 1 113 ? 6.729   -0.526  -9.421  1.00 9.62  ? 1594 ASN A C   1 
ATOM   920  O O   . ASN A 1 113 ? 7.212   0.557   -9.795  1.00 9.74  ? 1594 ASN A O   1 
ATOM   921  C CB  . ASN A 1 113 ? 8.393   -2.243  -8.629  1.00 10.34 ? 1594 ASN A CB  1 
ATOM   922  C CG  . ASN A 1 113 ? 9.228   -2.745  -7.474  1.00 11.32 ? 1594 ASN A CG  1 
ATOM   923  O OD1 . ASN A 1 113 ? 9.185   -2.220  -6.382  1.00 12.27 ? 1594 ASN A OD1 1 
ATOM   924  N ND2 . ASN A 1 113 ? 9.988   -3.805  -7.732  1.00 12.25 ? 1594 ASN A ND2 1 
ATOM   925  N N   A ARG A 1 114 ? 5.681   -1.094  -10.011 0.50 9.62  ? 1595 ARG A N   1 
ATOM   926  N N   B ARG A 1 114 ? 5.664   -1.076  -10.012 0.50 10.06 ? 1595 ARG A N   1 
ATOM   927  C CA  A ARG A 1 114 ? 5.011   -0.473  -11.127 0.50 9.75  ? 1595 ARG A CA  1 
ATOM   928  C CA  B ARG A 1 114 ? 4.958   -0.476  -11.153 0.50 10.54 ? 1595 ARG A CA  1 
ATOM   929  C C   A ARG A 1 114 ? 4.633   0.958   -10.821 0.50 9.45  ? 1595 ARG A C   1 
ATOM   930  C C   B ARG A 1 114 ? 4.364   0.904   -10.874 0.50 9.89  ? 1595 ARG A C   1 
ATOM   931  O O   A ARG A 1 114 ? 4.880   1.835   -11.655 0.50 9.24  ? 1595 ARG A O   1 
ATOM   932  O O   B ARG A 1 114 ? 4.094   1.690   -11.807 0.50 9.81  ? 1595 ARG A O   1 
ATOM   933  C CB  A ARG A 1 114 ? 3.762   -1.250  -11.499 0.50 10.28 ? 1595 ARG A CB  1 
ATOM   934  C CB  B ARG A 1 114 ? 3.842   -1.432  -11.583 0.50 11.77 ? 1595 ARG A CB  1 
ATOM   935  C CG  A ARG A 1 114 ? 3.103   -0.733  -12.749 0.50 10.98 ? 1595 ARG A CG  1 
ATOM   936  C CG  B ARG A 1 114 ? 2.800   -0.873  -12.528 0.50 13.12 ? 1595 ARG A CG  1 
ATOM   937  C CD  A ARG A 1 114 ? 1.799   -1.463  -12.964 0.50 11.15 ? 1595 ARG A CD  1 
ATOM   938  C CD  B ARG A 1 114 ? 1.656   -1.857  -12.702 0.50 14.06 ? 1595 ARG A CD  1 
ATOM   939  N NE  A ARG A 1 114 ? 0.965   -0.828  -13.970 0.50 11.40 ? 1595 ARG A NE  1 
ATOM   940  N NE  B ARG A 1 114 ? 2.133   -3.168  -13.125 0.50 15.06 ? 1595 ARG A NE  1 
ATOM   941  C CZ  A ARG A 1 114 ? 0.865   -1.251  -15.222 0.50 11.74 ? 1595 ARG A CZ  1 
ATOM   942  C CZ  B ARG A 1 114 ? 1.597   -4.332  -12.751 0.50 15.95 ? 1595 ARG A CZ  1 
ATOM   943  N NH1 A ARG A 1 114 ? 1.555   -2.307  -15.611 0.50 12.03 ? 1595 ARG A NH1 1 
ATOM   944  N NH1 B ARG A 1 114 ? 0.553   -4.374  -11.932 0.50 15.71 ? 1595 ARG A NH1 1 
ATOM   945  N NH2 A ARG A 1 114 ? 0.066   -0.617  -16.074 0.50 12.41 ? 1595 ARG A NH2 1 
ATOM   946  N NH2 B ARG A 1 114 ? 2.114   -5.470  -13.203 0.50 16.66 ? 1595 ARG A NH2 1 
ATOM   947  N N   . LEU A 1 115 ? 4.135   1.194   -9.596  1.00 8.98  ? 1596 LEU A N   1 
ATOM   948  C CA  . LEU A 1 115 ? 3.563   2.484   -9.186  1.00 9.04  ? 1596 LEU A CA  1 
ATOM   949  C C   . LEU A 1 115 ? 4.603   3.493   -8.739  1.00 8.40  ? 1596 LEU A C   1 
ATOM   950  O O   . LEU A 1 115 ? 4.249   4.624   -8.413  1.00 8.33  ? 1596 LEU A O   1 
ATOM   951  C CB  . LEU A 1 115 ? 2.552   2.264   -8.044  1.00 9.73  ? 1596 LEU A CB  1 
ATOM   952  C CG  . LEU A 1 115 ? 1.376   1.359   -8.427  1.00 11.31 ? 1596 LEU A CG  1 
ATOM   953  C CD1 . LEU A 1 115 ? 0.471   1.077   -7.222  1.00 11.66 ? 1596 LEU A CD1 1 
ATOM   954  C CD2 . LEU A 1 115 ? 0.581   1.892   -9.602  1.00 12.82 ? 1596 LEU A CD2 1 
ATOM   955  N N   . ARG A 1 116 ? 5.880   3.126   -8.699  1.00 8.20  ? 1597 ARG A N   1 
ATOM   956  C CA  . ARG A 1 116 ? 6.941   4.067   -8.286  1.00 8.50  ? 1597 ARG A CA  1 
ATOM   957  C C   . ARG A 1 116 ? 6.971   5.331   -9.126  1.00 8.48  ? 1597 ARG A C   1 
ATOM   958  O O   . ARG A 1 116 ? 7.063   6.451   -8.605  1.00 8.29  ? 1597 ARG A O   1 
ATOM   959  C CB  . ARG A 1 116 ? 8.324   3.420   -8.333  1.00 8.43  ? 1597 ARG A CB  1 
ATOM   960  C CG  . ARG A 1 116 ? 8.586   2.397   -7.238  1.00 8.65  ? 1597 ARG A CG  1 
ATOM   961  C CD  . ARG A 1 116 ? 9.851   1.624   -7.584  1.00 9.17  ? 1597 ARG A CD  1 
ATOM   962  N NE  . ARG A 1 116 ? 10.453  0.993   -6.414  1.00 9.75  ? 1597 ARG A NE  1 
ATOM   963  C CZ  . ARG A 1 116 ? 11.416  0.074   -6.478  1.00 10.34 ? 1597 ARG A CZ  1 
ATOM   964  N NH1 . ARG A 1 116 ? 11.813  -0.418  -7.645  1.00 11.39 ? 1597 ARG A NH1 1 
ATOM   965  N NH2 . ARG A 1 116 ? 11.949  -0.401  -5.357  1.00 10.97 ? 1597 ARG A NH2 1 
ATOM   966  N N   . GLU A 1 117 ? 6.877   5.176   -10.445 1.00 8.76  ? 1598 GLU A N   1 
ATOM   967  C CA  . GLU A 1 117 ? 6.988   6.332   -11.330 1.00 9.03  ? 1598 GLU A CA  1 
ATOM   968  C C   . GLU A 1 117 ? 5.920   7.367   -11.020 1.00 8.70  ? 1598 GLU A C   1 
ATOM   969  O O   . GLU A 1 117 ? 6.198   8.556   -11.083 1.00 9.13  ? 1598 GLU A O   1 
ATOM   970  C CB  . GLU A 1 117 ? 6.930   5.924   -12.805 1.00 10.08 ? 1598 GLU A CB  1 
ATOM   971  C CG  . GLU A 1 117 ? 7.326   7.068   -13.726 1.00 12.00 ? 1598 GLU A CG  1 
ATOM   972  C CD  . GLU A 1 117 ? 7.078   6.798   -15.173 1.00 13.75 ? 1598 GLU A CD  1 
ATOM   973  O OE1 . GLU A 1 117 ? 6.464   7.673   -15.826 1.00 17.75 ? 1598 GLU A OE1 1 
ATOM   974  O OE2 . GLU A 1 117 ? 7.483   5.742   -15.661 1.00 15.30 ? 1598 GLU A OE2 1 
ATOM   975  N N   A GLN A 1 118 ? 4.710   6.933   -10.699 0.50 8.24  ? 1599 GLN A N   1 
ATOM   976  N N   B GLN A 1 118 ? 4.697   6.955   -10.704 0.50 8.77  ? 1599 GLN A N   1 
ATOM   977  C CA  A GLN A 1 118 ? 3.622   7.848   -10.367 0.50 8.20  ? 1599 GLN A CA  1 
ATOM   978  C CA  B GLN A 1 118 ? 3.653   7.931   -10.374 0.50 9.08  ? 1599 GLN A CA  1 
ATOM   979  C C   A GLN A 1 118 ? 3.647   8.299   -8.912  0.50 8.00  ? 1599 GLN A C   1 
ATOM   980  C C   B GLN A 1 118 ? 3.641   8.318   -8.896  0.50 8.49  ? 1599 GLN A C   1 
ATOM   981  O O   A GLN A 1 118 ? 3.497   9.491   -8.640  0.50 8.00  ? 1599 GLN A O   1 
ATOM   982  O O   B GLN A 1 118 ? 3.478   9.499   -8.592  0.50 8.45  ? 1599 GLN A O   1 
ATOM   983  C CB  A GLN A 1 118 ? 2.279   7.185   -10.661 0.50 8.40  ? 1599 GLN A CB  1 
ATOM   984  C CB  B GLN A 1 118 ? 2.261   7.466   -10.818 0.50 10.02 ? 1599 GLN A CB  1 
ATOM   985  C CG  A GLN A 1 118 ? 1.932   7.113   -12.142 0.50 8.54  ? 1599 GLN A CG  1 
ATOM   986  C CG  B GLN A 1 118 ? 1.252   8.611   -10.894 0.50 11.20 ? 1599 GLN A CG  1 
ATOM   987  C CD  A GLN A 1 118 ? 0.738   6.214   -12.426 0.50 8.84  ? 1599 GLN A CD  1 
ATOM   988  C CD  B GLN A 1 118 ? -0.019  8.285   -11.675 0.50 11.71 ? 1599 GLN A CD  1 
ATOM   989  O OE1 A GLN A 1 118 ? -0.356  6.693   -12.692 0.50 9.83  ? 1599 GLN A OE1 1 
ATOM   990  O OE1 B GLN A 1 118 ? -0.292  7.115   -11.981 0.50 13.29 ? 1599 GLN A OE1 1 
ATOM   991  N NE2 A GLN A 1 118 ? 0.946   4.901   -12.341 0.50 8.55  ? 1599 GLN A NE2 1 
ATOM   992  N NE2 B GLN A 1 118 ? -0.812  9.324   -11.993 0.50 11.88 ? 1599 GLN A NE2 1 
ATOM   993  N N   . TYR A 1 119 ? 3.797   7.347   -7.991  1.00 8.23  ? 1600 TYR A N   1 
ATOM   994  C CA  . TYR A 1 119 ? 3.494   7.569   -6.566  1.00 8.62  ? 1600 TYR A CA  1 
ATOM   995  C C   . TYR A 1 119 ? 4.629   7.348   -5.609  1.00 7.95  ? 1600 TYR A C   1 
ATOM   996  O O   . TYR A 1 119 ? 4.445   7.502   -4.387  1.00 8.34  ? 1600 TYR A O   1 
ATOM   997  C CB  . TYR A 1 119 ? 2.262   6.723   -6.139  1.00 9.22  ? 1600 TYR A CB  1 
ATOM   998  C CG  . TYR A 1 119 ? 1.063   6.933   -7.035  1.00 10.44 ? 1600 TYR A CG  1 
ATOM   999  C CD1 . TYR A 1 119 ? 0.426   8.172   -7.087  1.00 11.61 ? 1600 TYR A CD1 1 
ATOM   1000 C CD2 . TYR A 1 119 ? 0.600   5.935   -7.893  1.00 10.93 ? 1600 TYR A CD2 1 
ATOM   1001 C CE1 . TYR A 1 119 ? -0.657  8.378   -7.923  1.00 12.15 ? 1600 TYR A CE1 1 
ATOM   1002 C CE2 . TYR A 1 119 ? -0.483  6.139   -8.732  1.00 11.60 ? 1600 TYR A CE2 1 
ATOM   1003 C CZ  . TYR A 1 119 ? -1.084  7.373   -8.756  1.00 12.32 ? 1600 TYR A CZ  1 
ATOM   1004 O OH  . TYR A 1 119 ? -2.150  7.554   -9.621  1.00 13.75 ? 1600 TYR A OH  1 
ATOM   1005 N N   . GLY A 1 120 ? 5.813   6.996   -6.092  1.00 7.60  ? 1601 GLY A N   1 
ATOM   1006 C CA  . GLY A 1 120 ? 6.899   6.707   -5.173  1.00 7.89  ? 1601 GLY A CA  1 
ATOM   1007 C C   . GLY A 1 120 ? 7.402   7.904   -4.377  1.00 7.67  ? 1601 GLY A C   1 
ATOM   1008 O O   . GLY A 1 120 ? 7.448   9.024   -4.886  1.00 7.97  ? 1601 GLY A O   1 
ATOM   1009 N N   . LEU A 1 121 ? 7.755   7.674   -3.121  1.00 8.08  ? 1602 LEU A N   1 
ATOM   1010 C CA  . LEU A 1 121 ? 8.394   8.687   -2.310  1.00 8.24  ? 1602 LEU A CA  1 
ATOM   1011 C C   . LEU A 1 121 ? 9.757   9.004   -2.941  1.00 8.13  ? 1602 LEU A C   1 
ATOM   1012 O O   . LEU A 1 121 ? 9.991   10.129  -3.408  1.00 8.09  ? 1602 LEU A O   1 
ATOM   1013 C CB  . LEU A 1 121 ? 8.511   8.226   -0.854  1.00 8.72  ? 1602 LEU A CB  1 
ATOM   1014 C CG  . LEU A 1 121 ? 8.852   9.325   0.172   1.00 9.07  ? 1602 LEU A CG  1 
ATOM   1015 C CD1 . LEU A 1 121 ? 8.578   8.832   1.582   1.00 9.28  ? 1602 LEU A CD1 1 
ATOM   1016 C CD2 . LEU A 1 121 ? 10.298  9.768   0.065   1.00 9.30  ? 1602 LEU A CD2 1 
ATOM   1017 N N   . GLY A 1 122 ? 10.621  8.003   -2.990  1.00 8.28  ? 1603 GLY A N   1 
ATOM   1018 C CA  . GLY A 1 122 ? 11.917  8.127   -3.646  1.00 8.75  ? 1603 GLY A CA  1 
ATOM   1019 C C   . GLY A 1 122 ? 12.995  8.676   -2.726  1.00 9.16  ? 1603 GLY A C   1 
ATOM   1020 O O   . GLY A 1 122 ? 12.968  8.398   -1.517  1.00 9.74  ? 1603 GLY A O   1 
ATOM   1021 N N   . PRO A 1 123 ? 13.937  9.470   -3.252  1.00 9.88  ? 1604 PRO A N   1 
ATOM   1022 C CA  . PRO A 1 123 ? 14.073  9.834   -4.665  1.00 10.33 ? 1604 PRO A CA  1 
ATOM   1023 C C   . PRO A 1 123 ? 14.467  8.681   -5.575  1.00 9.88  ? 1604 PRO A C   1 
ATOM   1024 O O   . PRO A 1 123 ? 14.781  7.583   -5.098  1.00 10.38 ? 1604 PRO A O   1 
ATOM   1025 C CB  . PRO A 1 123 ? 15.218  10.863  -4.660  1.00 11.05 ? 1604 PRO A CB  1 
ATOM   1026 C CG  . PRO A 1 123 ? 15.537  11.170  -3.256  1.00 11.88 ? 1604 PRO A CG  1 
ATOM   1027 C CD  . PRO A 1 123 ? 15.031  10.030  -2.435  1.00 10.54 ? 1604 PRO A CD  1 
ATOM   1028 N N   . TYR A 1 124 ? 14.394  8.916   -6.880  1.00 9.81  ? 1605 TYR A N   1 
ATOM   1029 C CA  . TYR A 1 124 ? 14.773  7.940   -7.907  1.00 11.06 ? 1605 TYR A CA  1 
ATOM   1030 C C   . TYR A 1 124 ? 15.676  8.652   -8.900  1.00 13.60 ? 1605 TYR A C   1 
ATOM   1031 O O   . TYR A 1 124 ? 15.396  9.779   -9.312  1.00 14.09 ? 1605 TYR A O   1 
ATOM   1032 C CB  . TYR A 1 124 ? 13.542  7.399   -8.628  1.00 10.04 ? 1605 TYR A CB  1 
ATOM   1033 C CG  . TYR A 1 124 ? 12.524  6.761   -7.713  1.00 9.26  ? 1605 TYR A CG  1 
ATOM   1034 C CD1 . TYR A 1 124 ? 12.623  5.426   -7.362  1.00 9.13  ? 1605 TYR A CD1 1 
ATOM   1035 C CD2 . TYR A 1 124 ? 11.436  7.488   -7.235  1.00 9.23  ? 1605 TYR A CD2 1 
ATOM   1036 C CE1 . TYR A 1 124 ? 11.687  4.843   -6.529  1.00 8.98  ? 1605 TYR A CE1 1 
ATOM   1037 C CE2 . TYR A 1 124 ? 10.505  6.912   -6.400  1.00 8.92  ? 1605 TYR A CE2 1 
ATOM   1038 C CZ  . TYR A 1 124 ? 10.642  5.582   -6.046  1.00 8.80  ? 1605 TYR A CZ  1 
ATOM   1039 O OH  . TYR A 1 124 ? 9.699   5.030   -5.221  1.00 9.03  ? 1605 TYR A OH  1 
ATOM   1040 N N   . GLU A 1 125 ? 16.775  8.009   -9.281  1.00 17.99 ? 1606 GLU A N   1 
ATOM   1041 C CA  . GLU A 1 125 ? 17.700  8.649   -10.231 1.00 22.00 ? 1606 GLU A CA  1 
ATOM   1042 C C   . GLU A 1 125 ? 17.399  8.194   -11.632 1.00 23.27 ? 1606 GLU A C   1 
ATOM   1043 O O   . GLU A 1 125 ? 16.731  7.190   -11.861 1.00 22.60 ? 1606 GLU A O   1 
ATOM   1044 C CB  . GLU A 1 125 ? 19.169  8.465   -9.854  1.00 26.35 ? 1606 GLU A CB  1 
ATOM   1045 C CG  . GLU A 1 125 ? 19.709  7.056   -9.902  1.00 29.47 ? 1606 GLU A CG  1 
ATOM   1046 C CD  . GLU A 1 125 ? 20.589  6.764   -8.701  1.00 32.66 ? 1606 GLU A CD  1 
ATOM   1047 O OE1 . GLU A 1 125 ? 21.834  6.836   -8.828  1.00 35.06 ? 1606 GLU A OE1 1 
ATOM   1048 O OE2 . GLU A 1 125 ? 20.016  6.496   -7.617  1.00 34.46 ? 1606 GLU A OE2 1 
ATOM   1049 O OXT . GLU A 1 125 ? 17.812  8.884   -12.562 1.00 24.59 ? 1606 GLU A OXT 1 
HETATM 1050 C C4  . QSS B 2 .   ? 3.765   -11.611 9.597   1.00 14.05 ? 1701 QSS A C4  1 
HETATM 1051 C C5  . QSS B 2 .   ? 4.449   -10.966 8.570   1.00 11.70 ? 1701 QSS A C5  1 
HETATM 1052 C C6  . QSS B 2 .   ? 4.329   -8.633  9.321   1.00 10.77 ? 1701 QSS A C6  1 
HETATM 1053 N N1  . QSS B 2 .   ? 4.198   -9.599  8.233   1.00 10.85 ? 1701 QSS A N1  1 
HETATM 1054 C C7  . QSS B 2 .   ? 4.300   -7.229  8.759   1.00 10.27 ? 1701 QSS A C7  1 
HETATM 1055 C C8  . QSS B 2 .   ? 3.043   -5.609  7.457   1.00 9.08  ? 1701 QSS A C8  1 
HETATM 1056 N N2  . QSS B 2 .   ? 3.054   -6.981  8.034   1.00 9.45  ? 1701 QSS A N2  1 
HETATM 1057 C C9  . QSS B 2 .   ? 2.894   -7.983  6.981   1.00 10.73 ? 1701 QSS A C9  1 
HETATM 1058 C C10 . QSS B 2 .   ? 2.924   -9.374  7.557   1.00 10.95 ? 1701 QSS A C10 1 
HETATM 1059 N N   . QSS B 2 .   ? 6.024   -11.045 6.761   1.00 12.37 ? 1701 QSS A N   1 
HETATM 1060 C C   . QSS B 2 .   ? 5.379   -11.652 7.777   1.00 11.54 ? 1701 QSS A C   1 
HETATM 1061 C C3  . QSS B 2 .   ? 3.999   -12.960 9.834   1.00 15.09 ? 1701 QSS A C3  1 
HETATM 1062 C C2  . QSS B 2 .   ? 4.918   -13.650 9.070   1.00 13.72 ? 1701 QSS A C2  1 
HETATM 1063 C C1  . QSS B 2 .   ? 5.601   -13.006 8.056   1.00 12.05 ? 1701 QSS A C1  1 
HETATM 1064 C C1  . GOL C 3 .   ? 15.443  -8.924  -2.536  0.70 12.39 ? 1702 GOL A C1  1 
HETATM 1065 O O1  . GOL C 3 .   ? 15.419  -10.291 -2.103  0.70 12.43 ? 1702 GOL A O1  1 
HETATM 1066 C C2  . GOL C 3 .   ? 14.575  -8.069  -1.621  0.70 12.16 ? 1702 GOL A C2  1 
HETATM 1067 O O2  . GOL C 3 .   ? 14.677  -6.719  -2.087  0.70 13.64 ? 1702 GOL A O2  1 
HETATM 1068 C C3  . GOL C 3 .   ? 13.104  -8.514  -1.601  0.70 11.57 ? 1702 GOL A C3  1 
HETATM 1069 O O3  . GOL C 3 .   ? 12.344  -7.575  -0.840  0.70 10.83 ? 1702 GOL A O3  1 
HETATM 1070 S S   . SO4 D 4 .   ? -7.846  3.148   8.215   0.80 12.96 ? 1703 SO4 A S   1 
HETATM 1071 O O1  . SO4 D 4 .   ? -8.767  2.130   8.744   0.80 13.80 ? 1703 SO4 A O1  1 
HETATM 1072 O O2  . SO4 D 4 .   ? -7.718  4.239   9.198   0.80 15.07 ? 1703 SO4 A O2  1 
HETATM 1073 O O3  . SO4 D 4 .   ? -6.515  2.558   7.950   0.80 14.06 ? 1703 SO4 A O3  1 
HETATM 1074 O O4  . SO4 D 4 .   ? -8.363  3.700   6.966   0.80 14.80 ? 1703 SO4 A O4  1 
HETATM 1075 S S   . SO4 E 4 .   ? 14.760  -2.283  -6.421  1.00 31.18 ? 1704 SO4 A S   1 
HETATM 1076 O O1  . SO4 E 4 .   ? 13.663  -2.729  -7.313  1.00 30.16 ? 1704 SO4 A O1  1 
HETATM 1077 O O2  . SO4 E 4 .   ? 14.247  -2.200  -5.032  1.00 30.11 ? 1704 SO4 A O2  1 
HETATM 1078 O O3  . SO4 E 4 .   ? 15.905  -3.211  -6.550  1.00 34.74 ? 1704 SO4 A O3  1 
HETATM 1079 O O4  . SO4 E 4 .   ? 15.201  -0.928  -6.850  1.00 33.38 ? 1704 SO4 A O4  1 
HETATM 1080 S S   . SO4 F 4 .   ? -1.239  2.046   -13.405 0.80 18.23 ? 1705 SO4 A S   1 
HETATM 1081 O O1  . SO4 F 4 .   ? -1.412  3.513   -13.349 0.80 18.69 ? 1705 SO4 A O1  1 
HETATM 1082 O O2  . SO4 F 4 .   ? -2.004  1.343   -12.361 0.80 16.57 ? 1705 SO4 A O2  1 
HETATM 1083 O O3  . SO4 F 4 .   ? 0.206   1.739   -13.268 0.80 18.79 ? 1705 SO4 A O3  1 
HETATM 1084 O O4  . SO4 F 4 .   ? -1.671  1.536   -14.736 0.80 18.60 ? 1705 SO4 A O4  1 
HETATM 1085 S S   . SO4 G 4 .   ? -18.129 6.834   1.081   0.80 25.56 ? 1706 SO4 A S   1 
HETATM 1086 O O1  . SO4 G 4 .   ? -18.180 5.679   1.998   0.80 24.72 ? 1706 SO4 A O1  1 
HETATM 1087 O O2  . SO4 G 4 .   ? -18.957 7.937   1.641   0.80 26.71 ? 1706 SO4 A O2  1 
HETATM 1088 O O3  . SO4 G 4 .   ? -18.693 6.496   -0.250  0.80 27.21 ? 1706 SO4 A O3  1 
HETATM 1089 O O4  . SO4 G 4 .   ? -16.728 7.291   0.896   0.80 23.63 ? 1706 SO4 A O4  1 
HETATM 1090 X UNK . UNX H 5 .   ? 12.869  3.509   17.409  1.00 30.00 ? 1707 UNX A UNK 1 
HETATM 1091 X UNK . UNX I 5 .   ? -20.395 2.473   -2.087  1.00 30.00 ? 1708 UNX A UNK 1 
HETATM 1092 X UNK . UNX J 5 .   ? 6.293   4.071   15.008  1.00 30.00 ? 1709 UNX A UNK 1 
HETATM 1093 O O   A HOH K 6 .   ? 4.666   -5.734  -15.250 0.50 18.15 ? 1801 HOH A O   1 
HETATM 1094 O O   B HOH K 6 .   ? 5.760   -4.999  -14.624 0.50 18.75 ? 1801 HOH A O   1 
HETATM 1095 O O   . HOH K 6 .   ? 5.414   8.301   -17.950 1.00 29.13 ? 1802 HOH A O   1 
HETATM 1096 O O   . HOH K 6 .   ? 14.590  8.270   0.366   1.00 25.87 ? 1803 HOH A O   1 
HETATM 1097 O O   . HOH K 6 .   ? 9.749   -0.752  16.492  1.00 26.17 ? 1804 HOH A O   1 
HETATM 1098 O O   . HOH K 6 .   ? 4.116   2.202   17.271  1.00 26.72 ? 1805 HOH A O   1 
HETATM 1099 O O   . HOH K 6 .   ? 13.439  -4.414  -9.227  1.00 30.69 ? 1806 HOH A O   1 
HETATM 1100 O O   . HOH K 6 .   ? 13.110  12.995  4.251   1.00 33.02 ? 1807 HOH A O   1 
HETATM 1101 O O   . HOH K 6 .   ? -4.051  1.656   0.899   1.00 10.60 ? 1808 HOH A O   1 
HETATM 1102 O O   . HOH K 6 .   ? -15.154 1.156   9.550   1.00 16.75 ? 1809 HOH A O   1 
HETATM 1103 O O   . HOH K 6 .   ? 1.965   -14.490 -4.058  1.00 21.93 ? 1810 HOH A O   1 
HETATM 1104 O O   A HOH K 6 .   ? -2.139  3.260   5.676   0.50 11.96 ? 1811 HOH A O   1 
HETATM 1105 O O   B HOH K 6 .   ? -2.412  3.265   6.498   0.50 15.93 ? 1811 HOH A O   1 
HETATM 1106 O O   . HOH K 6 .   ? 0.000   -11.148 -6.250  1.00 19.56 ? 1812 HOH A O   1 
HETATM 1107 O O   . HOH K 6 .   ? -1.383  5.107   1.109   1.00 16.32 ? 1813 HOH A O   1 
HETATM 1108 O O   . HOH K 6 .   ? -6.143  8.227   4.914   1.00 18.29 ? 1814 HOH A O   1 
HETATM 1109 O O   . HOH K 6 .   ? 15.349  9.709   5.585   1.00 25.28 ? 1815 HOH A O   1 
HETATM 1110 O O   . HOH K 6 .   ? -8.615  6.295   7.384   1.00 40.92 ? 1816 HOH A O   1 
HETATM 1111 O O   . HOH K 6 .   ? -13.019 -8.702  -13.843 1.00 27.64 ? 1817 HOH A O   1 
HETATM 1112 O O   . HOH K 6 .   ? 10.974  -4.911  12.477  1.00 24.09 ? 1818 HOH A O   1 
HETATM 1113 O O   . HOH K 6 .   ? -5.782  0.056   8.425   1.00 18.30 ? 1819 HOH A O   1 
HETATM 1114 O O   . HOH K 6 .   ? 16.517  6.541   18.008  1.00 27.27 ? 1820 HOH A O   1 
HETATM 1115 O O   . HOH K 6 .   ? 17.534  0.885   9.434   1.00 21.03 ? 1821 HOH A O   1 
HETATM 1116 O O   . HOH K 6 .   ? -16.343 -3.550  -13.963 1.00 36.54 ? 1822 HOH A O   1 
HETATM 1117 O O   . HOH K 6 .   ? -4.057  0.392   -14.402 1.00 26.89 ? 1823 HOH A O   1 
HETATM 1118 O O   . HOH K 6 .   ? -18.275 4.661   -2.140  1.00 33.51 ? 1824 HOH A O   1 
HETATM 1119 O O   . HOH K 6 .   ? -8.669  0.933   11.134  0.80 30.66 ? 1825 HOH A O   1 
HETATM 1120 O O   . HOH K 6 .   ? -12.733 4.032   13.546  1.00 34.68 ? 1826 HOH A O   1 
HETATM 1121 O O   . HOH K 6 .   ? -1.564  10.818  10.168  1.00 24.67 ? 1827 HOH A O   1 
HETATM 1122 O O   . HOH K 6 .   ? 2.223   -9.482  -9.506  1.00 16.75 ? 1828 HOH A O   1 
HETATM 1123 O O   . HOH K 6 .   ? 0.341   9.706   1.331   1.00 12.99 ? 1829 HOH A O   1 
HETATM 1124 O O   . HOH K 6 .   ? 6.277   16.587  3.407   1.00 18.33 ? 1830 HOH A O   1 
HETATM 1125 O O   . HOH K 6 .   ? -21.621 8.893   3.377   1.00 30.93 ? 1831 HOH A O   1 
HETATM 1126 O O   . HOH K 6 .   ? 4.494   15.768  9.509   1.00 30.05 ? 1832 HOH A O   1 
HETATM 1127 O O   . HOH K 6 .   ? 4.812   -10.644 -10.062 1.00 17.39 ? 1833 HOH A O   1 
HETATM 1128 O O   . HOH K 6 .   ? -12.407 2.251   -12.277 1.00 31.70 ? 1834 HOH A O   1 
HETATM 1129 O O   . HOH K 6 .   ? 16.195  5.386   -4.414  1.00 20.55 ? 1835 HOH A O   1 
HETATM 1130 O O   . HOH K 6 .   ? -1.691  -1.253  -11.677 1.00 12.23 ? 1836 HOH A O   1 
HETATM 1131 O O   . HOH K 6 .   ? -5.487  8.447   -4.764  1.00 20.50 ? 1837 HOH A O   1 
HETATM 1132 O O   . HOH K 6 .   ? 13.940  -11.213 -4.177  1.00 19.77 ? 1838 HOH A O   1 
HETATM 1133 O O   . HOH K 6 .   ? 3.711   -10.905 -14.107 1.00 32.37 ? 1839 HOH A O   1 
HETATM 1134 O O   . HOH K 6 .   ? -10.887 -13.486 2.513   1.00 23.45 ? 1840 HOH A O   1 
HETATM 1135 O O   . HOH K 6 .   ? 13.132  -0.819  1.965   1.00 10.13 ? 1841 HOH A O   1 
HETATM 1136 O O   . HOH K 6 .   ? 5.115   -10.651 2.145   1.00 7.74  ? 1842 HOH A O   1 
HETATM 1137 O O   . HOH K 6 .   ? 7.457   2.692   -11.823 1.00 12.34 ? 1843 HOH A O   1 
HETATM 1138 O O   . HOH K 6 .   ? -0.450  2.405   10.612  1.00 14.27 ? 1844 HOH A O   1 
HETATM 1139 O O   . HOH K 6 .   ? 3.737   4.378   -12.105 1.00 11.28 ? 1845 HOH A O   1 
HETATM 1140 O O   . HOH K 6 .   ? 8.640   11.473  14.235  1.00 33.48 ? 1846 HOH A O   1 
HETATM 1141 O O   . HOH K 6 .   ? 1.711   -2.041  17.079  1.00 12.69 ? 1847 HOH A O   1 
HETATM 1142 O O   . HOH K 6 .   ? 10.432  13.636  6.542   1.00 19.50 ? 1848 HOH A O   1 
HETATM 1143 O O   . HOH K 6 .   ? -15.573 4.327   12.718  1.00 23.14 ? 1849 HOH A O   1 
HETATM 1144 O O   . HOH K 6 .   ? 6.283   -12.360 13.579  1.00 13.92 ? 1850 HOH A O   1 
HETATM 1145 O O   . HOH K 6 .   ? -19.602 2.978   6.174   1.00 27.26 ? 1851 HOH A O   1 
HETATM 1146 O O   . HOH K 6 .   ? 17.551  -7.486  2.140   1.00 33.38 ? 1852 HOH A O   1 
HETATM 1147 O O   . HOH K 6 .   ? -17.306 -4.167  -3.539  1.00 15.66 ? 1853 HOH A O   1 
HETATM 1148 O O   . HOH K 6 .   ? -9.732  -8.324  -11.944 1.00 31.71 ? 1854 HOH A O   1 
HETATM 1149 O O   . HOH K 6 .   ? 11.302  -2.518  3.176   1.00 9.67  ? 1855 HOH A O   1 
HETATM 1150 O O   . HOH K 6 .   ? -9.150  -14.756 -8.097  1.00 34.13 ? 1856 HOH A O   1 
HETATM 1151 O O   . HOH K 6 .   ? -1.778  -10.270 -12.198 1.00 35.89 ? 1857 HOH A O   1 
HETATM 1152 O O   . HOH K 6 .   ? -7.884  7.648   1.864   1.00 21.52 ? 1858 HOH A O   1 
HETATM 1153 O O   . HOH K 6 .   ? 14.898  -6.927  5.968   1.00 20.25 ? 1859 HOH A O   1 
HETATM 1154 O O   . HOH K 6 .   ? 14.860  -10.824 0.558   1.00 15.13 ? 1860 HOH A O   1 
HETATM 1155 O O   . HOH K 6 .   ? 4.475   -3.085  -14.612 1.00 32.04 ? 1861 HOH A O   1 
HETATM 1156 O O   . HOH K 6 .   ? -9.730  0.123   7.078   1.00 13.05 ? 1862 HOH A O   1 
HETATM 1157 O O   . HOH K 6 .   ? -3.676  -1.013  1.182   1.00 8.70  ? 1863 HOH A O   1 
HETATM 1158 O O   . HOH K 6 .   ? -15.864 3.308   5.381   1.00 11.27 ? 1864 HOH A O   1 
HETATM 1159 O O   . HOH K 6 .   ? -1.863  -3.773  3.230   1.00 9.06  ? 1865 HOH A O   1 
HETATM 1160 O O   . HOH K 6 .   ? -5.010  2.969   -12.556 1.00 21.35 ? 1866 HOH A O   1 
HETATM 1161 O O   . HOH K 6 .   ? -7.079  11.287  -1.223  1.00 41.01 ? 1867 HOH A O   1 
HETATM 1162 O O   . HOH K 6 .   ? -14.703 2.123   -11.025 1.00 35.11 ? 1868 HOH A O   1 
HETATM 1163 O O   . HOH K 6 .   ? -0.076  -2.330  -9.760  1.00 10.42 ? 1869 HOH A O   1 
HETATM 1164 O O   . HOH K 6 .   ? -2.884  5.690   -11.590 1.00 18.12 ? 1870 HOH A O   1 
HETATM 1165 O O   . HOH K 6 .   ? -2.072  10.248  4.075   1.00 13.87 ? 1871 HOH A O   1 
HETATM 1166 O O   . HOH K 6 .   ? 11.573  0.457   12.668  1.00 17.77 ? 1872 HOH A O   1 
HETATM 1167 O O   A HOH K 6 .   ? -2.475  3.300   -10.338 0.50 14.63 ? 1873 HOH A O   1 
HETATM 1168 O O   B HOH K 6 .   ? -3.119  3.087   -10.934 0.50 16.11 ? 1873 HOH A O   1 
HETATM 1169 O O   . HOH K 6 .   ? 10.405  -3.012  -3.976  1.00 16.10 ? 1874 HOH A O   1 
HETATM 1170 O O   . HOH K 6 .   ? -18.959 10.265  7.438   1.00 14.25 ? 1875 HOH A O   1 
HETATM 1171 O O   . HOH K 6 .   ? 13.773  -6.716  -4.752  1.00 24.98 ? 1876 HOH A O   1 
HETATM 1172 O O   . HOH K 6 .   ? 18.925  7.603   -14.808 1.00 20.63 ? 1877 HOH A O   1 
HETATM 1173 O O   . HOH K 6 .   ? -1.601  -5.718  6.319   1.00 13.00 ? 1878 HOH A O   1 
HETATM 1174 O O   . HOH K 6 .   ? -13.162 -9.452  -5.243  1.00 20.41 ? 1879 HOH A O   1 
HETATM 1175 O O   . HOH K 6 .   ? -9.955  -11.295 -12.173 1.00 35.62 ? 1880 HOH A O   1 
HETATM 1176 O O   . HOH K 6 .   ? -6.893  -1.978  -14.653 1.00 29.13 ? 1881 HOH A O   1 
HETATM 1177 O O   . HOH K 6 .   ? -2.806  -18.228 -1.837  1.00 25.83 ? 1882 HOH A O   1 
HETATM 1178 O O   . HOH K 6 .   ? -20.177 -9.599  -14.232 1.00 16.44 ? 1883 HOH A O   1 
HETATM 1179 O O   . HOH K 6 .   ? 16.673  -2.689  -1.184  1.00 33.20 ? 1884 HOH A O   1 
HETATM 1180 O O   . HOH K 6 .   ? -7.311  6.155   -11.713 1.00 25.73 ? 1885 HOH A O   1 
HETATM 1181 O O   . HOH K 6 .   ? 0.325   -9.688  10.615  1.00 14.32 ? 1886 HOH A O   1 
HETATM 1182 O O   . HOH K 6 .   ? 1.343   -8.095  -11.782 1.00 22.46 ? 1887 HOH A O   1 
HETATM 1183 O O   . HOH K 6 .   ? -11.210 -1.335  9.007   1.00 20.86 ? 1888 HOH A O   1 
HETATM 1184 O O   A HOH K 6 .   ? 5.068   -3.747  16.950  0.50 9.16  ? 1889 HOH A O   1 
HETATM 1185 O O   B HOH K 6 .   ? 5.577   -3.223  16.181  0.50 19.90 ? 1889 HOH A O   1 
HETATM 1186 O O   . HOH K 6 .   ? 18.137  -11.102 -1.504  1.00 20.19 ? 1890 HOH A O   1 
HETATM 1187 O O   . HOH K 6 .   ? 7.679   2.228   18.282  1.00 29.79 ? 1891 HOH A O   1 
HETATM 1188 O O   . HOH K 6 .   ? 14.878  -4.932  1.439   1.00 20.62 ? 1892 HOH A O   1 
HETATM 1189 O O   . HOH K 6 .   ? 11.065  12.242  12.203  1.00 24.16 ? 1893 HOH A O   1 
HETATM 1190 O O   . HOH K 6 .   ? 5.720   -1.209  18.587  1.00 32.45 ? 1894 HOH A O   1 
HETATM 1191 O O   . HOH K 6 .   ? -8.835  7.003   -7.962  1.00 21.87 ? 1895 HOH A O   1 
HETATM 1192 O O   . HOH K 6 .   ? -2.597  3.291   2.683   1.00 13.70 ? 1896 HOH A O   1 
HETATM 1193 O O   . HOH K 6 .   ? -20.135 -7.878  -7.965  1.00 21.92 ? 1897 HOH A O   1 
HETATM 1194 O O   . HOH K 6 .   ? -0.214  -3.584  7.426   1.00 9.47  ? 1898 HOH A O   1 
HETATM 1195 O O   . HOH K 6 .   ? -0.991  0.170   13.347  1.00 18.73 ? 1899 HOH A O   1 
HETATM 1196 O O   . HOH K 6 .   ? 16.231  11.614  -11.462 1.00 19.65 ? 1900 HOH A O   1 
HETATM 1197 O O   . HOH K 6 .   ? -5.231  -6.518  -13.663 1.00 36.28 ? 1901 HOH A O   1 
HETATM 1198 O O   A HOH K 6 .   ? 7.273   -4.186  15.282  0.50 9.77  ? 1902 HOH A O   1 
HETATM 1199 O O   B HOH K 6 .   ? 7.549   -4.749  14.652  0.50 15.21 ? 1902 HOH A O   1 
HETATM 1200 O O   . HOH K 6 .   ? -7.608  -1.689  7.414   1.00 11.35 ? 1903 HOH A O   1 
HETATM 1201 O O   . HOH K 6 .   ? 6.383   -9.605  -8.104  1.00 10.75 ? 1904 HOH A O   1 
HETATM 1202 O O   . HOH K 6 .   ? -1.310  -13.772 -5.247  1.00 34.59 ? 1905 HOH A O   1 
HETATM 1203 O O   . HOH K 6 .   ? 17.011  5.167   -8.380  1.00 21.17 ? 1906 HOH A O   1 
HETATM 1204 O O   . HOH K 6 .   ? -23.727 4.202   3.545   1.00 21.79 ? 1907 HOH A O   1 
HETATM 1205 O O   . HOH K 6 .   ? -2.321  11.264  6.606   1.00 29.26 ? 1908 HOH A O   1 
HETATM 1206 O O   . HOH K 6 .   ? -3.680  11.762  0.024   1.00 25.64 ? 1909 HOH A O   1 
HETATM 1207 O O   . HOH K 6 .   ? 16.532  6.542   -0.068  1.00 32.95 ? 1910 HOH A O   1 
HETATM 1208 O O   . HOH K 6 .   ? 11.997  -4.685  -5.643  1.00 27.55 ? 1911 HOH A O   1 
HETATM 1209 O O   . HOH K 6 .   ? 15.667  4.668   -1.569  1.00 15.75 ? 1912 HOH A O   1 
HETATM 1210 O O   . HOH K 6 .   ? -3.414  -6.772  12.692  1.00 25.65 ? 1913 HOH A O   1 
HETATM 1211 O O   . HOH K 6 .   ? -5.517  10.993  -3.258  1.00 33.53 ? 1914 HOH A O   1 
HETATM 1212 O O   . HOH K 6 .   ? 14.488  -0.457  -9.921  1.00 36.77 ? 1915 HOH A O   1 
HETATM 1213 O O   . HOH K 6 .   ? -15.092 -11.141 -6.185  1.00 31.69 ? 1916 HOH A O   1 
HETATM 1214 O O   . HOH K 6 .   ? 13.884  2.067   -7.233  1.00 19.09 ? 1917 HOH A O   1 
HETATM 1215 O O   . HOH K 6 .   ? 5.363   21.055  3.344   1.00 20.21 ? 1918 HOH A O   1 
HETATM 1216 O O   . HOH K 6 .   ? -5.012  7.405   -11.405 1.00 30.41 ? 1919 HOH A O   1 
HETATM 1217 O O   . HOH K 6 .   ? -2.066  -2.446  -14.168 1.00 31.08 ? 1920 HOH A O   1 
HETATM 1218 O O   . HOH K 6 .   ? -19.651 -4.927  -4.167  1.00 32.41 ? 1921 HOH A O   1 
HETATM 1219 O O   . HOH K 6 .   ? 9.942   -3.261  15.496  1.00 26.06 ? 1922 HOH A O   1 
HETATM 1220 O O   . HOH K 6 .   ? -3.631  -14.260 -9.676  1.00 35.39 ? 1923 HOH A O   1 
HETATM 1221 O O   . HOH K 6 .   ? 18.243  1.788   -5.951  1.00 42.67 ? 1924 HOH A O   1 
HETATM 1222 O O   . HOH K 6 .   ? 3.531   4.984   -14.835 1.00 16.43 ? 1925 HOH A O   1 
HETATM 1223 O O   . HOH K 6 .   ? 1.759   6.888   -15.632 1.00 32.53 ? 1926 HOH A O   1 
HETATM 1224 O O   . HOH K 6 .   ? -3.661  8.719   -6.526  1.00 29.27 ? 1927 HOH A O   1 
HETATM 1225 O O   . HOH K 6 .   ? -13.014 -12.032 0.962   1.00 58.87 ? 1928 HOH A O   1 
HETATM 1226 O O   . HOH K 6 .   ? -1.471  4.135   12.515  1.00 32.17 ? 1929 HOH A O   1 
HETATM 1227 O O   . HOH K 6 .   ? 17.340  -9.941  1.191   1.00 25.23 ? 1930 HOH A O   1 
HETATM 1228 O O   . HOH K 6 .   ? -6.600  -8.563  -12.116 1.00 28.82 ? 1931 HOH A O   1 
HETATM 1229 O O   . HOH K 6 .   ? 3.524   15.818  2.702   1.00 31.39 ? 1932 HOH A O   1 
HETATM 1230 O O   . HOH K 6 .   ? 14.807  15.097  4.074   1.00 24.32 ? 1933 HOH A O   1 
HETATM 1231 O O   . HOH K 6 .   ? 16.126  8.974   18.978  1.00 35.04 ? 1934 HOH A O   1 
HETATM 1232 O O   . HOH K 6 .   ? -1.514  11.619  1.773   1.00 17.71 ? 1935 HOH A O   1 
HETATM 1233 O O   . HOH K 6 .   ? -8.117  7.893   -5.547  1.00 33.83 ? 1936 HOH A O   1 
HETATM 1234 O O   . HOH K 6 .   ? 15.377  -2.340  2.333   1.00 31.88 ? 1937 HOH A O   1 
HETATM 1235 O O   . HOH K 6 .   ? -10.489 -9.434  3.278   1.00 33.19 ? 1938 HOH A O   1 
HETATM 1236 O O   . HOH K 6 .   ? 13.494  -9.125  -5.849  1.00 20.00 ? 1939 HOH A O   1 
HETATM 1237 O O   . HOH K 6 .   ? 16.028  3.503   -6.427  1.00 22.87 ? 1940 HOH A O   1 
HETATM 1238 O O   . HOH K 6 .   ? 16.291  -9.503  -6.556  1.00 25.95 ? 1941 HOH A O   1 
HETATM 1239 O O   . HOH K 6 .   ? 18.034  3.286   -1.846  1.00 30.29 ? 1942 HOH A O   1 
# 
loop_
_pdbx_poly_seq_scheme.asym_id 
_pdbx_poly_seq_scheme.entity_id 
_pdbx_poly_seq_scheme.seq_id 
_pdbx_poly_seq_scheme.mon_id 
_pdbx_poly_seq_scheme.ndb_seq_num 
_pdbx_poly_seq_scheme.pdb_seq_num 
_pdbx_poly_seq_scheme.auth_seq_num 
_pdbx_poly_seq_scheme.pdb_mon_id 
_pdbx_poly_seq_scheme.auth_mon_id 
_pdbx_poly_seq_scheme.pdb_strand_id 
_pdbx_poly_seq_scheme.pdb_ins_code 
_pdbx_poly_seq_scheme.hetero 
A 1 1   GLY 1   1482 ?    ?   ?   A . n 
A 1 2   GLY 2   1483 ?    ?   ?   A . n 
A 1 3   ASN 3   1484 1484 ASN ASN A . n 
A 1 4   SER 4   1485 1485 SER SER A . n 
A 1 5   PHE 5   1486 1486 PHE PHE A . n 
A 1 6   VAL 6   1487 1487 VAL VAL A . n 
A 1 7   GLY 7   1488 1488 GLY GLY A . n 
A 1 8   LEU 8   1489 1489 LEU LEU A . n 
A 1 9   ARG 9   1490 1490 ARG ARG A . n 
A 1 10  VAL 10  1491 1491 VAL VAL A . n 
A 1 11  VAL 11  1492 1492 VAL VAL A . n 
A 1 12  ALA 12  1493 1493 ALA ALA A . n 
A 1 13  LYS 13  1494 1494 LYS LYS A . n 
A 1 14  TRP 14  1495 1495 TRP TRP A . n 
A 1 15  SER 15  1496 1496 SER SER A . n 
A 1 16  SER 16  1497 1497 SER SER A . n 
A 1 17  ASN 17  1498 1498 ASN ASN A . n 
A 1 18  GLY 18  1499 1499 GLY GLY A . n 
A 1 19  TYR 19  1500 1500 TYR TYR A . n 
A 1 20  PHE 20  1501 1501 PHE PHE A . n 
A 1 21  TYR 21  1502 1502 TYR TYR A . n 
A 1 22  SER 22  1503 1503 SER SER A . n 
A 1 23  GLY 23  1504 1504 GLY GLY A . n 
A 1 24  LYS 24  1505 1505 LYS LYS A . n 
A 1 25  ILE 25  1506 1506 ILE ILE A . n 
A 1 26  THR 26  1507 1507 THR THR A . n 
A 1 27  ARG 27  1508 1508 ARG ARG A . n 
A 1 28  ASP 28  1509 1509 ASP ASP A . n 
A 1 29  VAL 29  1510 1510 VAL VAL A . n 
A 1 30  GLY 30  1511 1511 GLY GLY A . n 
A 1 31  ALA 31  1512 1512 ALA ALA A . n 
A 1 32  GLY 32  1513 1513 GLY GLY A . n 
A 1 33  LYS 33  1514 1514 LYS LYS A . n 
A 1 34  TYR 34  1515 1515 TYR TYR A . n 
A 1 35  LYS 35  1516 1516 LYS LYS A . n 
A 1 36  LEU 36  1517 1517 LEU LEU A . n 
A 1 37  LEU 37  1518 1518 LEU LEU A . n 
A 1 38  PHE 38  1519 1519 PHE PHE A . n 
A 1 39  ASP 39  1520 1520 ASP ASP A . n 
A 1 40  ASP 40  1521 1521 ASP ASP A . n 
A 1 41  GLY 41  1522 1522 GLY GLY A . n 
A 1 42  TYR 42  1523 1523 TYR TYR A . n 
A 1 43  GLU 43  1524 1524 GLU GLU A . n 
A 1 44  CYS 44  1525 1525 CYS CYS A . n 
A 1 45  ASP 45  1526 1526 ASP ASP A . n 
A 1 46  VAL 46  1527 1527 VAL VAL A . n 
A 1 47  LEU 47  1528 1528 LEU LEU A . n 
A 1 48  GLY 48  1529 1529 GLY GLY A . n 
A 1 49  LYS 49  1530 1530 LYS LYS A . n 
A 1 50  ASP 50  1531 1531 ASP ASP A . n 
A 1 51  ILE 51  1532 1532 ILE ILE A . n 
A 1 52  LEU 52  1533 1533 LEU LEU A . n 
A 1 53  LEU 53  1534 1534 LEU LEU A . n 
A 1 54  CYS 54  1535 1535 CYS CYS A . n 
A 1 55  ASP 55  1536 1536 ASP ASP A . n 
A 1 56  PRO 56  1537 1537 PRO PRO A . n 
A 1 57  ILE 57  1538 1538 ILE ILE A . n 
A 1 58  PRO 58  1539 1539 PRO PRO A . n 
A 1 59  LEU 59  1540 1540 LEU LEU A . n 
A 1 60  ASP 60  1541 1541 ASP ASP A . n 
A 1 61  THR 61  1542 1542 THR THR A . n 
A 1 62  GLU 62  1543 1543 GLU GLU A . n 
A 1 63  VAL 63  1544 1544 VAL VAL A . n 
A 1 64  THR 64  1545 1545 THR THR A . n 
A 1 65  ALA 65  1546 1546 ALA ALA A . n 
A 1 66  LEU 66  1547 1547 LEU LEU A . n 
A 1 67  SER 67  1548 1548 SER SER A . n 
A 1 68  GLU 68  1549 1549 GLU GLU A . n 
A 1 69  ASP 69  1550 1550 ASP ASP A . n 
A 1 70  GLU 70  1551 1551 GLU GLU A . n 
A 1 71  TYR 71  1552 1552 TYR TYR A . n 
A 1 72  PHE 72  1553 1553 PHE PHE A . n 
A 1 73  SER 73  1554 1554 SER SER A . n 
A 1 74  ALA 74  1555 1555 ALA ALA A . n 
A 1 75  GLY 75  1556 1556 GLY GLY A . n 
A 1 76  VAL 76  1557 1557 VAL VAL A . n 
A 1 77  VAL 77  1558 1558 VAL VAL A . n 
A 1 78  LYS 78  1559 1559 LYS LYS A . n 
A 1 79  GLY 79  1560 1560 GLY GLY A . n 
A 1 80  HIS 80  1561 1561 HIS HIS A . n 
A 1 81  ARG 81  1562 1562 ARG ARG A . n 
A 1 82  LYS 82  1563 1563 LYS LYS A . n 
A 1 83  GLU 83  1564 1564 GLU GLU A . n 
A 1 84  SER 84  1565 1565 SER SER A . n 
A 1 85  GLY 85  1566 1566 GLY GLY A . n 
A 1 86  GLU 86  1567 1567 GLU GLU A . n 
A 1 87  LEU 87  1568 1568 LEU LEU A . n 
A 1 88  TYR 88  1569 1569 TYR TYR A . n 
A 1 89  TYR 89  1570 1570 TYR TYR A . n 
A 1 90  SER 90  1571 1571 SER SER A . n 
A 1 91  ILE 91  1572 1572 ILE ILE A . n 
A 1 92  GLU 92  1573 1573 GLU GLU A . n 
A 1 93  LYS 93  1574 1574 LYS LYS A . n 
A 1 94  GLU 94  1575 1575 GLU GLU A . n 
A 1 95  GLY 95  1576 1576 GLY GLY A . n 
A 1 96  GLN 96  1577 1577 GLN GLN A . n 
A 1 97  ARG 97  1578 1578 ARG ARG A . n 
A 1 98  LYS 98  1579 1579 LYS LYS A . n 
A 1 99  TRP 99  1580 1580 TRP TRP A . n 
A 1 100 TYR 100 1581 1581 TYR TYR A . n 
A 1 101 LYS 101 1582 1582 LYS LYS A . n 
A 1 102 ARG 102 1583 1583 ARG ARG A . n 
A 1 103 MET 103 1584 1584 MET MET A . n 
A 1 104 ALA 104 1585 1585 ALA ALA A . n 
A 1 105 VAL 105 1586 1586 VAL VAL A . n 
A 1 106 ILE 106 1587 1587 ILE ILE A . n 
A 1 107 LEU 107 1588 1588 LEU LEU A . n 
A 1 108 SER 108 1589 1589 SER SER A . n 
A 1 109 LEU 109 1590 1590 LEU LEU A . n 
A 1 110 GLU 110 1591 1591 GLU GLU A . n 
A 1 111 GLN 111 1592 1592 GLN GLN A . n 
A 1 112 GLY 112 1593 1593 GLY GLY A . n 
A 1 113 ASN 113 1594 1594 ASN ASN A . n 
A 1 114 ARG 114 1595 1595 ARG ARG A . n 
A 1 115 LEU 115 1596 1596 LEU LEU A . n 
A 1 116 ARG 116 1597 1597 ARG ARG A . n 
A 1 117 GLU 117 1598 1598 GLU GLU A . n 
A 1 118 GLN 118 1599 1599 GLN GLN A . n 
A 1 119 TYR 119 1600 1600 TYR TYR A . n 
A 1 120 GLY 120 1601 1601 GLY GLY A . n 
A 1 121 LEU 121 1602 1602 LEU LEU A . n 
A 1 122 GLY 122 1603 1603 GLY GLY A . n 
A 1 123 PRO 123 1604 1604 PRO PRO A . n 
A 1 124 TYR 124 1605 1605 TYR TYR A . n 
A 1 125 GLU 125 1606 1606 GLU GLU A . n 
# 
_pdbx_SG_project.id                    1 
_pdbx_SG_project.project_name          ? 
_pdbx_SG_project.full_name_of_center   'Structural Genomics Consortium' 
_pdbx_SG_project.initial_of_center     SGC 
# 
loop_
_pdbx_nonpoly_scheme.asym_id 
_pdbx_nonpoly_scheme.entity_id 
_pdbx_nonpoly_scheme.mon_id 
_pdbx_nonpoly_scheme.ndb_seq_num 
_pdbx_nonpoly_scheme.pdb_seq_num 
_pdbx_nonpoly_scheme.auth_seq_num 
_pdbx_nonpoly_scheme.pdb_mon_id 
_pdbx_nonpoly_scheme.auth_mon_id 
_pdbx_nonpoly_scheme.pdb_strand_id 
_pdbx_nonpoly_scheme.pdb_ins_code 
B 2 QSS 1   1701 1    QSS XXX A . 
C 3 GOL 1   1702 1    GOL GOL A . 
D 4 SO4 1   1703 1    SO4 SO4 A . 
E 4 SO4 1   1704 2    SO4 SO4 A . 
F 4 SO4 1   1705 3    SO4 SO4 A . 
G 4 SO4 1   1706 4    SO4 SO4 A . 
H 5 UNX 1   1707 1001 UNX UNX A . 
I 5 UNX 1   1708 1002 UNX UNX A . 
J 5 UNX 1   1709 1003 UNX UNX A . 
K 6 HOH 1   1801 112  HOH HOH A . 
K 6 HOH 2   1802 136  HOH HOH A . 
K 6 HOH 3   1803 118  HOH HOH A . 
K 6 HOH 4   1804 90   HOH HOH A . 
K 6 HOH 5   1805 89   HOH HOH A . 
K 6 HOH 6   1806 143  HOH HOH A . 
K 6 HOH 7   1807 124  HOH HOH A . 
K 6 HOH 8   1808 4    HOH HOH A . 
K 6 HOH 9   1809 76   HOH HOH A . 
K 6 HOH 10  1810 72   HOH HOH A . 
K 6 HOH 11  1811 68   HOH HOH A . 
K 6 HOH 12  1812 82   HOH HOH A . 
K 6 HOH 13  1813 80   HOH HOH A . 
K 6 HOH 14  1814 63   HOH HOH A . 
K 6 HOH 15  1815 74   HOH HOH A . 
K 6 HOH 16  1816 96   HOH HOH A . 
K 6 HOH 17  1817 48   HOH HOH A . 
K 6 HOH 18  1818 73   HOH HOH A . 
K 6 HOH 19  1819 58   HOH HOH A . 
K 6 HOH 20  1820 50   HOH HOH A . 
K 6 HOH 21  1821 71   HOH HOH A . 
K 6 HOH 22  1822 123  HOH HOH A . 
K 6 HOH 23  1823 42   HOH HOH A . 
K 6 HOH 24  1824 121  HOH HOH A . 
K 6 HOH 25  1825 134  HOH HOH A . 
K 6 HOH 26  1826 132  HOH HOH A . 
K 6 HOH 27  1827 84   HOH HOH A . 
K 6 HOH 28  1828 49   HOH HOH A . 
K 6 HOH 29  1829 6    HOH HOH A . 
K 6 HOH 30  1830 69   HOH HOH A . 
K 6 HOH 31  1831 94   HOH HOH A . 
K 6 HOH 32  1832 117  HOH HOH A . 
K 6 HOH 33  1833 14   HOH HOH A . 
K 6 HOH 34  1834 122  HOH HOH A . 
K 6 HOH 35  1835 47   HOH HOH A . 
K 6 HOH 36  1836 27   HOH HOH A . 
K 6 HOH 37  1837 45   HOH HOH A . 
K 6 HOH 38  1838 61   HOH HOH A . 
K 6 HOH 39  1839 104  HOH HOH A . 
K 6 HOH 40  1840 40   HOH HOH A . 
K 6 HOH 41  1841 10   HOH HOH A . 
K 6 HOH 42  1842 2    HOH HOH A . 
K 6 HOH 43  1843 29   HOH HOH A . 
K 6 HOH 44  1844 30   HOH HOH A . 
K 6 HOH 45  1845 1    HOH HOH A . 
K 6 HOH 46  1846 103  HOH HOH A . 
K 6 HOH 47  1847 26   HOH HOH A . 
K 6 HOH 48  1848 62   HOH HOH A . 
K 6 HOH 49  1849 116  HOH HOH A . 
K 6 HOH 50  1850 20   HOH HOH A . 
K 6 HOH 51  1851 95   HOH HOH A . 
K 6 HOH 52  1852 52   HOH HOH A . 
K 6 HOH 53  1853 13   HOH HOH A . 
K 6 HOH 54  1854 65   HOH HOH A . 
K 6 HOH 55  1855 3    HOH HOH A . 
K 6 HOH 56  1856 120  HOH HOH A . 
K 6 HOH 57  1857 131  HOH HOH A . 
K 6 HOH 58  1858 18   HOH HOH A . 
K 6 HOH 59  1859 51   HOH HOH A . 
K 6 HOH 60  1860 59   HOH HOH A . 
K 6 HOH 61  1861 135  HOH HOH A . 
K 6 HOH 62  1862 35   HOH HOH A . 
K 6 HOH 63  1863 15   HOH HOH A . 
K 6 HOH 64  1864 9    HOH HOH A . 
K 6 HOH 65  1865 16   HOH HOH A . 
K 6 HOH 66  1866 23   HOH HOH A . 
K 6 HOH 67  1867 91   HOH HOH A . 
K 6 HOH 68  1868 128  HOH HOH A . 
K 6 HOH 69  1869 12   HOH HOH A . 
K 6 HOH 70  1870 32   HOH HOH A . 
K 6 HOH 71  1871 19   HOH HOH A . 
K 6 HOH 72  1872 17   HOH HOH A . 
K 6 HOH 73  1873 44   HOH HOH A . 
K 6 HOH 74  1874 21   HOH HOH A . 
K 6 HOH 75  1875 24   HOH HOH A . 
K 6 HOH 76  1876 99   HOH HOH A . 
K 6 HOH 77  1877 53   HOH HOH A . 
K 6 HOH 78  1878 34   HOH HOH A . 
K 6 HOH 79  1879 70   HOH HOH A . 
K 6 HOH 80  1880 97   HOH HOH A . 
K 6 HOH 81  1881 93   HOH HOH A . 
K 6 HOH 82  1882 85   HOH HOH A . 
K 6 HOH 83  1883 33   HOH HOH A . 
K 6 HOH 84  1884 115  HOH HOH A . 
K 6 HOH 85  1885 36   HOH HOH A . 
K 6 HOH 86  1886 22   HOH HOH A . 
K 6 HOH 87  1887 83   HOH HOH A . 
K 6 HOH 88  1888 43   HOH HOH A . 
K 6 HOH 89  1889 39   HOH HOH A . 
K 6 HOH 90  1890 37   HOH HOH A . 
K 6 HOH 91  1891 108  HOH HOH A . 
K 6 HOH 92  1892 38   HOH HOH A . 
K 6 HOH 93  1893 57   HOH HOH A . 
K 6 HOH 94  1894 77   HOH HOH A . 
K 6 HOH 95  1895 28   HOH HOH A . 
K 6 HOH 96  1896 8    HOH HOH A . 
K 6 HOH 97  1897 31   HOH HOH A . 
K 6 HOH 98  1898 5    HOH HOH A . 
K 6 HOH 99  1899 46   HOH HOH A . 
K 6 HOH 100 1900 55   HOH HOH A . 
K 6 HOH 101 1901 129  HOH HOH A . 
K 6 HOH 102 1902 25   HOH HOH A . 
K 6 HOH 103 1903 7    HOH HOH A . 
K 6 HOH 104 1904 78   HOH HOH A . 
K 6 HOH 105 1905 114  HOH HOH A . 
K 6 HOH 106 1906 81   HOH HOH A . 
K 6 HOH 107 1907 56   HOH HOH A . 
K 6 HOH 108 1908 86   HOH HOH A . 
K 6 HOH 109 1909 41   HOH HOH A . 
K 6 HOH 110 1910 106  HOH HOH A . 
K 6 HOH 111 1911 113  HOH HOH A . 
K 6 HOH 112 1912 11   HOH HOH A . 
K 6 HOH 113 1913 119  HOH HOH A . 
K 6 HOH 114 1914 92   HOH HOH A . 
K 6 HOH 115 1915 101  HOH HOH A . 
K 6 HOH 116 1916 98   HOH HOH A . 
K 6 HOH 117 1917 75   HOH HOH A . 
K 6 HOH 118 1918 54   HOH HOH A . 
K 6 HOH 119 1919 138  HOH HOH A . 
K 6 HOH 120 1920 102  HOH HOH A . 
K 6 HOH 121 1921 140  HOH HOH A . 
K 6 HOH 122 1922 64   HOH HOH A . 
K 6 HOH 123 1923 125  HOH HOH A . 
K 6 HOH 124 1924 142  HOH HOH A . 
K 6 HOH 125 1925 79   HOH HOH A . 
K 6 HOH 126 1926 111  HOH HOH A . 
K 6 HOH 127 1927 109  HOH HOH A . 
K 6 HOH 128 1928 139  HOH HOH A . 
K 6 HOH 129 1929 88   HOH HOH A . 
K 6 HOH 130 1930 87   HOH HOH A . 
K 6 HOH 131 1931 130  HOH HOH A . 
K 6 HOH 132 1932 100  HOH HOH A . 
K 6 HOH 133 1933 110  HOH HOH A . 
K 6 HOH 134 1934 107  HOH HOH A . 
K 6 HOH 135 1935 60   HOH HOH A . 
K 6 HOH 136 1936 127  HOH HOH A . 
K 6 HOH 137 1937 105  HOH HOH A . 
K 6 HOH 138 1938 137  HOH HOH A . 
K 6 HOH 139 1939 67   HOH HOH A . 
K 6 HOH 140 1940 66   HOH HOH A . 
K 6 HOH 141 1941 141  HOH HOH A . 
K 6 HOH 142 1942 126  HOH HOH A . 
# 
_pdbx_struct_assembly.id                   1 
_pdbx_struct_assembly.details              author_and_software_defined_assembly 
_pdbx_struct_assembly.method_details       PISA 
_pdbx_struct_assembly.oligomeric_details   monomeric 
_pdbx_struct_assembly.oligomeric_count     1 
# 
_pdbx_struct_assembly_gen.assembly_id       1 
_pdbx_struct_assembly_gen.oper_expression   1 
_pdbx_struct_assembly_gen.asym_id_list      A,B,C,D,E,F,G,H,I,J,K 
# 
_pdbx_struct_oper_list.id                   1 
_pdbx_struct_oper_list.type                 'identity operation' 
_pdbx_struct_oper_list.name                 1_555 
_pdbx_struct_oper_list.symmetry_operation   x,y,z 
_pdbx_struct_oper_list.matrix[1][1]         1.0000000000 
_pdbx_struct_oper_list.matrix[1][2]         0.0000000000 
_pdbx_struct_oper_list.matrix[1][3]         0.0000000000 
_pdbx_struct_oper_list.vector[1]            0.0000000000 
_pdbx_struct_oper_list.matrix[2][1]         0.0000000000 
_pdbx_struct_oper_list.matrix[2][2]         1.0000000000 
_pdbx_struct_oper_list.matrix[2][3]         0.0000000000 
_pdbx_struct_oper_list.vector[2]            0.0000000000 
_pdbx_struct_oper_list.matrix[3][1]         0.0000000000 
_pdbx_struct_oper_list.matrix[3][2]         0.0000000000 
_pdbx_struct_oper_list.matrix[3][3]         1.0000000000 
_pdbx_struct_oper_list.vector[3]            0.0000000000 
# 
loop_
_pdbx_audit_revision_history.ordinal 
_pdbx_audit_revision_history.data_content_type 
_pdbx_audit_revision_history.major_revision 
_pdbx_audit_revision_history.minor_revision 
_pdbx_audit_revision_history.revision_date 
1 'Structure model' 1 0 2020-04-29 
2 'Structure model' 1 1 2023-10-11 
# 
_pdbx_audit_revision_details.ordinal             1 
_pdbx_audit_revision_details.revision_ordinal    1 
_pdbx_audit_revision_details.data_content_type   'Structure model' 
_pdbx_audit_revision_details.provider            repository 
_pdbx_audit_revision_details.type                'Initial release' 
_pdbx_audit_revision_details.description         ? 
_pdbx_audit_revision_details.details             ? 
# 
loop_
_pdbx_audit_revision_group.ordinal 
_pdbx_audit_revision_group.revision_ordinal 
_pdbx_audit_revision_group.data_content_type 
_pdbx_audit_revision_group.group 
1 2 'Structure model' 'Data collection'        
2 2 'Structure model' 'Database references'    
3 2 'Structure model' 'Refinement description' 
# 
loop_
_pdbx_audit_revision_category.ordinal 
_pdbx_audit_revision_category.revision_ordinal 
_pdbx_audit_revision_category.data_content_type 
_pdbx_audit_revision_category.category 
1 2 'Structure model' chem_comp_atom                
2 2 'Structure model' chem_comp_bond                
3 2 'Structure model' database_2                    
4 2 'Structure model' pdbx_initial_refinement_model 
# 
loop_
_pdbx_audit_revision_item.ordinal 
_pdbx_audit_revision_item.revision_ordinal 
_pdbx_audit_revision_item.data_content_type 
_pdbx_audit_revision_item.item 
1 2 'Structure model' '_database_2.pdbx_DOI'                
2 2 'Structure model' '_database_2.pdbx_database_accession' 
# 
loop_
_software.citation_id 
_software.classification 
_software.compiler_name 
_software.compiler_version 
_software.contact_author 
_software.contact_author_email 
_software.date 
_software.description 
_software.dependencies 
_software.hardware 
_software.language 
_software.location 
_software.mods 
_software.name 
_software.os 
_software.os_version 
_software.type 
_software.version 
_software.pdbx_ordinal 
? refinement        ? ? ? ? ? ? ? ? ? ? ? REFMAC      ? ? ? 5.8.0189 1 
? 'data scaling'    ? ? ? ? ? ? ? ? ? ? ? SCALEPACK   ? ? ? .        2 
? 'data extraction' ? ? ? ? ? ? ? ? ? ? ? PDB_EXTRACT ? ? ? 3.25     3 
? 'data reduction'  ? ? ? ? ? ? ? ? ? ? ? HKL-3000    ? ? ? .        4 
? phasing           ? ? ? ? ? ? ? ? ? ? ? PHASER      ? ? ? .        5 
# 
_pdbx_entry_details.entry_id                 6VA5 
_pdbx_entry_details.has_ligand_of_interest   Y 
_pdbx_entry_details.compound_details         ? 
_pdbx_entry_details.source_details           ? 
_pdbx_entry_details.nonpolymer_details       ? 
_pdbx_entry_details.sequence_details         ? 
# 
loop_
_pdbx_validate_torsion.id 
_pdbx_validate_torsion.PDB_model_num 
_pdbx_validate_torsion.auth_comp_id 
_pdbx_validate_torsion.auth_asym_id 
_pdbx_validate_torsion.auth_seq_id 
_pdbx_validate_torsion.PDB_ins_code 
_pdbx_validate_torsion.label_alt_id 
_pdbx_validate_torsion.phi 
_pdbx_validate_torsion.psi 
1 1 SER A 1496 ? ? 44.53   -124.17 
2 1 GLU A 1551 ? ? -129.23 -61.04  
# 
loop_
_pdbx_unobs_or_zero_occ_atoms.id 
_pdbx_unobs_or_zero_occ_atoms.PDB_model_num 
_pdbx_unobs_or_zero_occ_atoms.polymer_flag 
_pdbx_unobs_or_zero_occ_atoms.occupancy_flag 
_pdbx_unobs_or_zero_occ_atoms.auth_asym_id 
_pdbx_unobs_or_zero_occ_atoms.auth_comp_id 
_pdbx_unobs_or_zero_occ_atoms.auth_seq_id 
_pdbx_unobs_or_zero_occ_atoms.PDB_ins_code 
_pdbx_unobs_or_zero_occ_atoms.auth_atom_id 
_pdbx_unobs_or_zero_occ_atoms.label_alt_id 
_pdbx_unobs_or_zero_occ_atoms.label_asym_id 
_pdbx_unobs_or_zero_occ_atoms.label_comp_id 
_pdbx_unobs_or_zero_occ_atoms.label_seq_id 
_pdbx_unobs_or_zero_occ_atoms.label_atom_id 
1 1 Y 1 A GLU 1549 ? CD  ? A GLU 68 CD  
2 1 Y 1 A GLU 1549 ? OE1 ? A GLU 68 OE1 
3 1 Y 1 A GLU 1549 ? OE2 ? A GLU 68 OE2 
4 1 Y 1 A GLU 1575 ? CG  ? A GLU 94 CG  
5 1 Y 1 A GLU 1575 ? CD  ? A GLU 94 CD  
6 1 Y 1 A GLU 1575 ? OE1 ? A GLU 94 OE1 
7 1 Y 1 A GLU 1575 ? OE2 ? A GLU 94 OE2 
# 
loop_
_pdbx_unobs_or_zero_occ_residues.id 
_pdbx_unobs_or_zero_occ_residues.PDB_model_num 
_pdbx_unobs_or_zero_occ_residues.polymer_flag 
_pdbx_unobs_or_zero_occ_residues.occupancy_flag 
_pdbx_unobs_or_zero_occ_residues.auth_asym_id 
_pdbx_unobs_or_zero_occ_residues.auth_comp_id 
_pdbx_unobs_or_zero_occ_residues.auth_seq_id 
_pdbx_unobs_or_zero_occ_residues.PDB_ins_code 
_pdbx_unobs_or_zero_occ_residues.label_asym_id 
_pdbx_unobs_or_zero_occ_residues.label_comp_id 
_pdbx_unobs_or_zero_occ_residues.label_seq_id 
1 1 Y 1 A GLY 1482 ? A GLY 1 
2 1 Y 1 A GLY 1483 ? A GLY 2 
# 
loop_
_chem_comp_atom.comp_id 
_chem_comp_atom.atom_id 
_chem_comp_atom.type_symbol 
_chem_comp_atom.pdbx_aromatic_flag 
_chem_comp_atom.pdbx_stereo_config 
_chem_comp_atom.pdbx_ordinal 
ALA N    N N N 1   
ALA CA   C N S 2   
ALA C    C N N 3   
ALA O    O N N 4   
ALA CB   C N N 5   
ALA OXT  O N N 6   
ALA H    H N N 7   
ALA H2   H N N 8   
ALA HA   H N N 9   
ALA HB1  H N N 10  
ALA HB2  H N N 11  
ALA HB3  H N N 12  
ALA HXT  H N N 13  
ARG N    N N N 14  
ARG CA   C N S 15  
ARG C    C N N 16  
ARG O    O N N 17  
ARG CB   C N N 18  
ARG CG   C N N 19  
ARG CD   C N N 20  
ARG NE   N N N 21  
ARG CZ   C N N 22  
ARG NH1  N N N 23  
ARG NH2  N N N 24  
ARG OXT  O N N 25  
ARG H    H N N 26  
ARG H2   H N N 27  
ARG HA   H N N 28  
ARG HB2  H N N 29  
ARG HB3  H N N 30  
ARG HG2  H N N 31  
ARG HG3  H N N 32  
ARG HD2  H N N 33  
ARG HD3  H N N 34  
ARG HE   H N N 35  
ARG HH11 H N N 36  
ARG HH12 H N N 37  
ARG HH21 H N N 38  
ARG HH22 H N N 39  
ARG HXT  H N N 40  
ASN N    N N N 41  
ASN CA   C N S 42  
ASN C    C N N 43  
ASN O    O N N 44  
ASN CB   C N N 45  
ASN CG   C N N 46  
ASN OD1  O N N 47  
ASN ND2  N N N 48  
ASN OXT  O N N 49  
ASN H    H N N 50  
ASN H2   H N N 51  
ASN HA   H N N 52  
ASN HB2  H N N 53  
ASN HB3  H N N 54  
ASN HD21 H N N 55  
ASN HD22 H N N 56  
ASN HXT  H N N 57  
ASP N    N N N 58  
ASP CA   C N S 59  
ASP C    C N N 60  
ASP O    O N N 61  
ASP CB   C N N 62  
ASP CG   C N N 63  
ASP OD1  O N N 64  
ASP OD2  O N N 65  
ASP OXT  O N N 66  
ASP H    H N N 67  
ASP H2   H N N 68  
ASP HA   H N N 69  
ASP HB2  H N N 70  
ASP HB3  H N N 71  
ASP HD2  H N N 72  
ASP HXT  H N N 73  
CYS N    N N N 74  
CYS CA   C N R 75  
CYS C    C N N 76  
CYS O    O N N 77  
CYS CB   C N N 78  
CYS SG   S N N 79  
CYS OXT  O N N 80  
CYS H    H N N 81  
CYS H2   H N N 82  
CYS HA   H N N 83  
CYS HB2  H N N 84  
CYS HB3  H N N 85  
CYS HG   H N N 86  
CYS HXT  H N N 87  
GLN N    N N N 88  
GLN CA   C N S 89  
GLN C    C N N 90  
GLN O    O N N 91  
GLN CB   C N N 92  
GLN CG   C N N 93  
GLN CD   C N N 94  
GLN OE1  O N N 95  
GLN NE2  N N N 96  
GLN OXT  O N N 97  
GLN H    H N N 98  
GLN H2   H N N 99  
GLN HA   H N N 100 
GLN HB2  H N N 101 
GLN HB3  H N N 102 
GLN HG2  H N N 103 
GLN HG3  H N N 104 
GLN HE21 H N N 105 
GLN HE22 H N N 106 
GLN HXT  H N N 107 
GLU N    N N N 108 
GLU CA   C N S 109 
GLU C    C N N 110 
GLU O    O N N 111 
GLU CB   C N N 112 
GLU CG   C N N 113 
GLU CD   C N N 114 
GLU OE1  O N N 115 
GLU OE2  O N N 116 
GLU OXT  O N N 117 
GLU H    H N N 118 
GLU H2   H N N 119 
GLU HA   H N N 120 
GLU HB2  H N N 121 
GLU HB3  H N N 122 
GLU HG2  H N N 123 
GLU HG3  H N N 124 
GLU HE2  H N N 125 
GLU HXT  H N N 126 
GLY N    N N N 127 
GLY CA   C N N 128 
GLY C    C N N 129 
GLY O    O N N 130 
GLY OXT  O N N 131 
GLY H    H N N 132 
GLY H2   H N N 133 
GLY HA2  H N N 134 
GLY HA3  H N N 135 
GLY HXT  H N N 136 
GOL C1   C N N 137 
GOL O1   O N N 138 
GOL C2   C N N 139 
GOL O2   O N N 140 
GOL C3   C N N 141 
GOL O3   O N N 142 
GOL H11  H N N 143 
GOL H12  H N N 144 
GOL HO1  H N N 145 
GOL H2   H N N 146 
GOL HO2  H N N 147 
GOL H31  H N N 148 
GOL H32  H N N 149 
GOL HO3  H N N 150 
HIS N    N N N 151 
HIS CA   C N S 152 
HIS C    C N N 153 
HIS O    O N N 154 
HIS CB   C N N 155 
HIS CG   C Y N 156 
HIS ND1  N Y N 157 
HIS CD2  C Y N 158 
HIS CE1  C Y N 159 
HIS NE2  N Y N 160 
HIS OXT  O N N 161 
HIS H    H N N 162 
HIS H2   H N N 163 
HIS HA   H N N 164 
HIS HB2  H N N 165 
HIS HB3  H N N 166 
HIS HD1  H N N 167 
HIS HD2  H N N 168 
HIS HE1  H N N 169 
HIS HE2  H N N 170 
HIS HXT  H N N 171 
HOH O    O N N 172 
HOH H1   H N N 173 
HOH H2   H N N 174 
ILE N    N N N 175 
ILE CA   C N S 176 
ILE C    C N N 177 
ILE O    O N N 178 
ILE CB   C N S 179 
ILE CG1  C N N 180 
ILE CG2  C N N 181 
ILE CD1  C N N 182 
ILE OXT  O N N 183 
ILE H    H N N 184 
ILE H2   H N N 185 
ILE HA   H N N 186 
ILE HB   H N N 187 
ILE HG12 H N N 188 
ILE HG13 H N N 189 
ILE HG21 H N N 190 
ILE HG22 H N N 191 
ILE HG23 H N N 192 
ILE HD11 H N N 193 
ILE HD12 H N N 194 
ILE HD13 H N N 195 
ILE HXT  H N N 196 
LEU N    N N N 197 
LEU CA   C N S 198 
LEU C    C N N 199 
LEU O    O N N 200 
LEU CB   C N N 201 
LEU CG   C N N 202 
LEU CD1  C N N 203 
LEU CD2  C N N 204 
LEU OXT  O N N 205 
LEU H    H N N 206 
LEU H2   H N N 207 
LEU HA   H N N 208 
LEU HB2  H N N 209 
LEU HB3  H N N 210 
LEU HG   H N N 211 
LEU HD11 H N N 212 
LEU HD12 H N N 213 
LEU HD13 H N N 214 
LEU HD21 H N N 215 
LEU HD22 H N N 216 
LEU HD23 H N N 217 
LEU HXT  H N N 218 
LYS N    N N N 219 
LYS CA   C N S 220 
LYS C    C N N 221 
LYS O    O N N 222 
LYS CB   C N N 223 
LYS CG   C N N 224 
LYS CD   C N N 225 
LYS CE   C N N 226 
LYS NZ   N N N 227 
LYS OXT  O N N 228 
LYS H    H N N 229 
LYS H2   H N N 230 
LYS HA   H N N 231 
LYS HB2  H N N 232 
LYS HB3  H N N 233 
LYS HG2  H N N 234 
LYS HG3  H N N 235 
LYS HD2  H N N 236 
LYS HD3  H N N 237 
LYS HE2  H N N 238 
LYS HE3  H N N 239 
LYS HZ1  H N N 240 
LYS HZ2  H N N 241 
LYS HZ3  H N N 242 
LYS HXT  H N N 243 
MET N    N N N 244 
MET CA   C N S 245 
MET C    C N N 246 
MET O    O N N 247 
MET CB   C N N 248 
MET CG   C N N 249 
MET SD   S N N 250 
MET CE   C N N 251 
MET OXT  O N N 252 
MET H    H N N 253 
MET H2   H N N 254 
MET HA   H N N 255 
MET HB2  H N N 256 
MET HB3  H N N 257 
MET HG2  H N N 258 
MET HG3  H N N 259 
MET HE1  H N N 260 
MET HE2  H N N 261 
MET HE3  H N N 262 
MET HXT  H N N 263 
PHE N    N N N 264 
PHE CA   C N S 265 
PHE C    C N N 266 
PHE O    O N N 267 
PHE CB   C N N 268 
PHE CG   C Y N 269 
PHE CD1  C Y N 270 
PHE CD2  C Y N 271 
PHE CE1  C Y N 272 
PHE CE2  C Y N 273 
PHE CZ   C Y N 274 
PHE OXT  O N N 275 
PHE H    H N N 276 
PHE H2   H N N 277 
PHE HA   H N N 278 
PHE HB2  H N N 279 
PHE HB3  H N N 280 
PHE HD1  H N N 281 
PHE HD2  H N N 282 
PHE HE1  H N N 283 
PHE HE2  H N N 284 
PHE HZ   H N N 285 
PHE HXT  H N N 286 
PRO N    N N N 287 
PRO CA   C N S 288 
PRO C    C N N 289 
PRO O    O N N 290 
PRO CB   C N N 291 
PRO CG   C N N 292 
PRO CD   C N N 293 
PRO OXT  O N N 294 
PRO H    H N N 295 
PRO HA   H N N 296 
PRO HB2  H N N 297 
PRO HB3  H N N 298 
PRO HG2  H N N 299 
PRO HG3  H N N 300 
PRO HD2  H N N 301 
PRO HD3  H N N 302 
PRO HXT  H N N 303 
QSS C4   C Y N 304 
QSS C5   C Y N 305 
QSS C6   C N N 306 
QSS N1   N N N 307 
QSS C7   C N N 308 
QSS C8   C N N 309 
QSS N2   N N N 310 
QSS C9   C N N 311 
QSS C10  C N N 312 
QSS N    N N N 313 
QSS C    C Y N 314 
QSS C3   C Y N 315 
QSS C2   C Y N 316 
QSS C1   C Y N 317 
QSS H1   H N N 318 
QSS H2   H N N 319 
QSS H3   H N N 320 
QSS H4   H N N 321 
QSS H5   H N N 322 
QSS H6   H N N 323 
QSS H7   H N N 324 
QSS H8   H N N 325 
QSS H10  H N N 326 
QSS H11  H N N 327 
QSS H12  H N N 328 
QSS H13  H N N 329 
QSS H14  H N N 330 
QSS H15  H N N 331 
QSS H16  H N N 332 
QSS H17  H N N 333 
QSS H18  H N N 334 
SER N    N N N 335 
SER CA   C N S 336 
SER C    C N N 337 
SER O    O N N 338 
SER CB   C N N 339 
SER OG   O N N 340 
SER OXT  O N N 341 
SER H    H N N 342 
SER H2   H N N 343 
SER HA   H N N 344 
SER HB2  H N N 345 
SER HB3  H N N 346 
SER HG   H N N 347 
SER HXT  H N N 348 
SO4 S    S N N 349 
SO4 O1   O N N 350 
SO4 O2   O N N 351 
SO4 O3   O N N 352 
SO4 O4   O N N 353 
THR N    N N N 354 
THR CA   C N S 355 
THR C    C N N 356 
THR O    O N N 357 
THR CB   C N R 358 
THR OG1  O N N 359 
THR CG2  C N N 360 
THR OXT  O N N 361 
THR H    H N N 362 
THR H2   H N N 363 
THR HA   H N N 364 
THR HB   H N N 365 
THR HG1  H N N 366 
THR HG21 H N N 367 
THR HG22 H N N 368 
THR HG23 H N N 369 
THR HXT  H N N 370 
TRP N    N N N 371 
TRP CA   C N S 372 
TRP C    C N N 373 
TRP O    O N N 374 
TRP CB   C N N 375 
TRP CG   C Y N 376 
TRP CD1  C Y N 377 
TRP CD2  C Y N 378 
TRP NE1  N Y N 379 
TRP CE2  C Y N 380 
TRP CE3  C Y N 381 
TRP CZ2  C Y N 382 
TRP CZ3  C Y N 383 
TRP CH2  C Y N 384 
TRP OXT  O N N 385 
TRP H    H N N 386 
TRP H2   H N N 387 
TRP HA   H N N 388 
TRP HB2  H N N 389 
TRP HB3  H N N 390 
TRP HD1  H N N 391 
TRP HE1  H N N 392 
TRP HE3  H N N 393 
TRP HZ2  H N N 394 
TRP HZ3  H N N 395 
TRP HH2  H N N 396 
TRP HXT  H N N 397 
TYR N    N N N 398 
TYR CA   C N S 399 
TYR C    C N N 400 
TYR O    O N N 401 
TYR CB   C N N 402 
TYR CG   C Y N 403 
TYR CD1  C Y N 404 
TYR CD2  C Y N 405 
TYR CE1  C Y N 406 
TYR CE2  C Y N 407 
TYR CZ   C Y N 408 
TYR OH   O N N 409 
TYR OXT  O N N 410 
TYR H    H N N 411 
TYR H2   H N N 412 
TYR HA   H N N 413 
TYR HB2  H N N 414 
TYR HB3  H N N 415 
TYR HD1  H N N 416 
TYR HD2  H N N 417 
TYR HE1  H N N 418 
TYR HE2  H N N 419 
TYR HH   H N N 420 
TYR HXT  H N N 421 
VAL N    N N N 422 
VAL CA   C N S 423 
VAL C    C N N 424 
VAL O    O N N 425 
VAL CB   C N N 426 
VAL CG1  C N N 427 
VAL CG2  C N N 428 
VAL OXT  O N N 429 
VAL H    H N N 430 
VAL H2   H N N 431 
VAL HA   H N N 432 
VAL HB   H N N 433 
VAL HG11 H N N 434 
VAL HG12 H N N 435 
VAL HG13 H N N 436 
VAL HG21 H N N 437 
VAL HG22 H N N 438 
VAL HG23 H N N 439 
VAL HXT  H N N 440 
# 
loop_
_chem_comp_bond.comp_id 
_chem_comp_bond.atom_id_1 
_chem_comp_bond.atom_id_2 
_chem_comp_bond.value_order 
_chem_comp_bond.pdbx_aromatic_flag 
_chem_comp_bond.pdbx_stereo_config 
_chem_comp_bond.pdbx_ordinal 
ALA N   CA   sing N N 1   
ALA N   H    sing N N 2   
ALA N   H2   sing N N 3   
ALA CA  C    sing N N 4   
ALA CA  CB   sing N N 5   
ALA CA  HA   sing N N 6   
ALA C   O    doub N N 7   
ALA C   OXT  sing N N 8   
ALA CB  HB1  sing N N 9   
ALA CB  HB2  sing N N 10  
ALA CB  HB3  sing N N 11  
ALA OXT HXT  sing N N 12  
ARG N   CA   sing N N 13  
ARG N   H    sing N N 14  
ARG N   H2   sing N N 15  
ARG CA  C    sing N N 16  
ARG CA  CB   sing N N 17  
ARG CA  HA   sing N N 18  
ARG C   O    doub N N 19  
ARG C   OXT  sing N N 20  
ARG CB  CG   sing N N 21  
ARG CB  HB2  sing N N 22  
ARG CB  HB3  sing N N 23  
ARG CG  CD   sing N N 24  
ARG CG  HG2  sing N N 25  
ARG CG  HG3  sing N N 26  
ARG CD  NE   sing N N 27  
ARG CD  HD2  sing N N 28  
ARG CD  HD3  sing N N 29  
ARG NE  CZ   sing N N 30  
ARG NE  HE   sing N N 31  
ARG CZ  NH1  sing N N 32  
ARG CZ  NH2  doub N N 33  
ARG NH1 HH11 sing N N 34  
ARG NH1 HH12 sing N N 35  
ARG NH2 HH21 sing N N 36  
ARG NH2 HH22 sing N N 37  
ARG OXT HXT  sing N N 38  
ASN N   CA   sing N N 39  
ASN N   H    sing N N 40  
ASN N   H2   sing N N 41  
ASN CA  C    sing N N 42  
ASN CA  CB   sing N N 43  
ASN CA  HA   sing N N 44  
ASN C   O    doub N N 45  
ASN C   OXT  sing N N 46  
ASN CB  CG   sing N N 47  
ASN CB  HB2  sing N N 48  
ASN CB  HB3  sing N N 49  
ASN CG  OD1  doub N N 50  
ASN CG  ND2  sing N N 51  
ASN ND2 HD21 sing N N 52  
ASN ND2 HD22 sing N N 53  
ASN OXT HXT  sing N N 54  
ASP N   CA   sing N N 55  
ASP N   H    sing N N 56  
ASP N   H2   sing N N 57  
ASP CA  C    sing N N 58  
ASP CA  CB   sing N N 59  
ASP CA  HA   sing N N 60  
ASP C   O    doub N N 61  
ASP C   OXT  sing N N 62  
ASP CB  CG   sing N N 63  
ASP CB  HB2  sing N N 64  
ASP CB  HB3  sing N N 65  
ASP CG  OD1  doub N N 66  
ASP CG  OD2  sing N N 67  
ASP OD2 HD2  sing N N 68  
ASP OXT HXT  sing N N 69  
CYS N   CA   sing N N 70  
CYS N   H    sing N N 71  
CYS N   H2   sing N N 72  
CYS CA  C    sing N N 73  
CYS CA  CB   sing N N 74  
CYS CA  HA   sing N N 75  
CYS C   O    doub N N 76  
CYS C   OXT  sing N N 77  
CYS CB  SG   sing N N 78  
CYS CB  HB2  sing N N 79  
CYS CB  HB3  sing N N 80  
CYS SG  HG   sing N N 81  
CYS OXT HXT  sing N N 82  
GLN N   CA   sing N N 83  
GLN N   H    sing N N 84  
GLN N   H2   sing N N 85  
GLN CA  C    sing N N 86  
GLN CA  CB   sing N N 87  
GLN CA  HA   sing N N 88  
GLN C   O    doub N N 89  
GLN C   OXT  sing N N 90  
GLN CB  CG   sing N N 91  
GLN CB  HB2  sing N N 92  
GLN CB  HB3  sing N N 93  
GLN CG  CD   sing N N 94  
GLN CG  HG2  sing N N 95  
GLN CG  HG3  sing N N 96  
GLN CD  OE1  doub N N 97  
GLN CD  NE2  sing N N 98  
GLN NE2 HE21 sing N N 99  
GLN NE2 HE22 sing N N 100 
GLN OXT HXT  sing N N 101 
GLU N   CA   sing N N 102 
GLU N   H    sing N N 103 
GLU N   H2   sing N N 104 
GLU CA  C    sing N N 105 
GLU CA  CB   sing N N 106 
GLU CA  HA   sing N N 107 
GLU C   O    doub N N 108 
GLU C   OXT  sing N N 109 
GLU CB  CG   sing N N 110 
GLU CB  HB2  sing N N 111 
GLU CB  HB3  sing N N 112 
GLU CG  CD   sing N N 113 
GLU CG  HG2  sing N N 114 
GLU CG  HG3  sing N N 115 
GLU CD  OE1  doub N N 116 
GLU CD  OE2  sing N N 117 
GLU OE2 HE2  sing N N 118 
GLU OXT HXT  sing N N 119 
GLY N   CA   sing N N 120 
GLY N   H    sing N N 121 
GLY N   H2   sing N N 122 
GLY CA  C    sing N N 123 
GLY CA  HA2  sing N N 124 
GLY CA  HA3  sing N N 125 
GLY C   O    doub N N 126 
GLY C   OXT  sing N N 127 
GLY OXT HXT  sing N N 128 
GOL C1  O1   sing N N 129 
GOL C1  C2   sing N N 130 
GOL C1  H11  sing N N 131 
GOL C1  H12  sing N N 132 
GOL O1  HO1  sing N N 133 
GOL C2  O2   sing N N 134 
GOL C2  C3   sing N N 135 
GOL C2  H2   sing N N 136 
GOL O2  HO2  sing N N 137 
GOL C3  O3   sing N N 138 
GOL C3  H31  sing N N 139 
GOL C3  H32  sing N N 140 
GOL O3  HO3  sing N N 141 
HIS N   CA   sing N N 142 
HIS N   H    sing N N 143 
HIS N   H2   sing N N 144 
HIS CA  C    sing N N 145 
HIS CA  CB   sing N N 146 
HIS CA  HA   sing N N 147 
HIS C   O    doub N N 148 
HIS C   OXT  sing N N 149 
HIS CB  CG   sing N N 150 
HIS CB  HB2  sing N N 151 
HIS CB  HB3  sing N N 152 
HIS CG  ND1  sing Y N 153 
HIS CG  CD2  doub Y N 154 
HIS ND1 CE1  doub Y N 155 
HIS ND1 HD1  sing N N 156 
HIS CD2 NE2  sing Y N 157 
HIS CD2 HD2  sing N N 158 
HIS CE1 NE2  sing Y N 159 
HIS CE1 HE1  sing N N 160 
HIS NE2 HE2  sing N N 161 
HIS OXT HXT  sing N N 162 
HOH O   H1   sing N N 163 
HOH O   H2   sing N N 164 
ILE N   CA   sing N N 165 
ILE N   H    sing N N 166 
ILE N   H2   sing N N 167 
ILE CA  C    sing N N 168 
ILE CA  CB   sing N N 169 
ILE CA  HA   sing N N 170 
ILE C   O    doub N N 171 
ILE C   OXT  sing N N 172 
ILE CB  CG1  sing N N 173 
ILE CB  CG2  sing N N 174 
ILE CB  HB   sing N N 175 
ILE CG1 CD1  sing N N 176 
ILE CG1 HG12 sing N N 177 
ILE CG1 HG13 sing N N 178 
ILE CG2 HG21 sing N N 179 
ILE CG2 HG22 sing N N 180 
ILE CG2 HG23 sing N N 181 
ILE CD1 HD11 sing N N 182 
ILE CD1 HD12 sing N N 183 
ILE CD1 HD13 sing N N 184 
ILE OXT HXT  sing N N 185 
LEU N   CA   sing N N 186 
LEU N   H    sing N N 187 
LEU N   H2   sing N N 188 
LEU CA  C    sing N N 189 
LEU CA  CB   sing N N 190 
LEU CA  HA   sing N N 191 
LEU C   O    doub N N 192 
LEU C   OXT  sing N N 193 
LEU CB  CG   sing N N 194 
LEU CB  HB2  sing N N 195 
LEU CB  HB3  sing N N 196 
LEU CG  CD1  sing N N 197 
LEU CG  CD2  sing N N 198 
LEU CG  HG   sing N N 199 
LEU CD1 HD11 sing N N 200 
LEU CD1 HD12 sing N N 201 
LEU CD1 HD13 sing N N 202 
LEU CD2 HD21 sing N N 203 
LEU CD2 HD22 sing N N 204 
LEU CD2 HD23 sing N N 205 
LEU OXT HXT  sing N N 206 
LYS N   CA   sing N N 207 
LYS N   H    sing N N 208 
LYS N   H2   sing N N 209 
LYS CA  C    sing N N 210 
LYS CA  CB   sing N N 211 
LYS CA  HA   sing N N 212 
LYS C   O    doub N N 213 
LYS C   OXT  sing N N 214 
LYS CB  CG   sing N N 215 
LYS CB  HB2  sing N N 216 
LYS CB  HB3  sing N N 217 
LYS CG  CD   sing N N 218 
LYS CG  HG2  sing N N 219 
LYS CG  HG3  sing N N 220 
LYS CD  CE   sing N N 221 
LYS CD  HD2  sing N N 222 
LYS CD  HD3  sing N N 223 
LYS CE  NZ   sing N N 224 
LYS CE  HE2  sing N N 225 
LYS CE  HE3  sing N N 226 
LYS NZ  HZ1  sing N N 227 
LYS NZ  HZ2  sing N N 228 
LYS NZ  HZ3  sing N N 229 
LYS OXT HXT  sing N N 230 
MET N   CA   sing N N 231 
MET N   H    sing N N 232 
MET N   H2   sing N N 233 
MET CA  C    sing N N 234 
MET CA  CB   sing N N 235 
MET CA  HA   sing N N 236 
MET C   O    doub N N 237 
MET C   OXT  sing N N 238 
MET CB  CG   sing N N 239 
MET CB  HB2  sing N N 240 
MET CB  HB3  sing N N 241 
MET CG  SD   sing N N 242 
MET CG  HG2  sing N N 243 
MET CG  HG3  sing N N 244 
MET SD  CE   sing N N 245 
MET CE  HE1  sing N N 246 
MET CE  HE2  sing N N 247 
MET CE  HE3  sing N N 248 
MET OXT HXT  sing N N 249 
PHE N   CA   sing N N 250 
PHE N   H    sing N N 251 
PHE N   H2   sing N N 252 
PHE CA  C    sing N N 253 
PHE CA  CB   sing N N 254 
PHE CA  HA   sing N N 255 
PHE C   O    doub N N 256 
PHE C   OXT  sing N N 257 
PHE CB  CG   sing N N 258 
PHE CB  HB2  sing N N 259 
PHE CB  HB3  sing N N 260 
PHE CG  CD1  doub Y N 261 
PHE CG  CD2  sing Y N 262 
PHE CD1 CE1  sing Y N 263 
PHE CD1 HD1  sing N N 264 
PHE CD2 CE2  doub Y N 265 
PHE CD2 HD2  sing N N 266 
PHE CE1 CZ   doub Y N 267 
PHE CE1 HE1  sing N N 268 
PHE CE2 CZ   sing Y N 269 
PHE CE2 HE2  sing N N 270 
PHE CZ  HZ   sing N N 271 
PHE OXT HXT  sing N N 272 
PRO N   CA   sing N N 273 
PRO N   CD   sing N N 274 
PRO N   H    sing N N 275 
PRO CA  C    sing N N 276 
PRO CA  CB   sing N N 277 
PRO CA  HA   sing N N 278 
PRO C   O    doub N N 279 
PRO C   OXT  sing N N 280 
PRO CB  CG   sing N N 281 
PRO CB  HB2  sing N N 282 
PRO CB  HB3  sing N N 283 
PRO CG  CD   sing N N 284 
PRO CG  HG2  sing N N 285 
PRO CG  HG3  sing N N 286 
PRO CD  HD2  sing N N 287 
PRO CD  HD3  sing N N 288 
PRO OXT HXT  sing N N 289 
QSS C4  C3   doub Y N 290 
QSS C4  C5   sing Y N 291 
QSS C3  C2   sing Y N 292 
QSS C6  C7   sing N N 293 
QSS C6  N1   sing N N 294 
QSS N2  C7   sing N N 295 
QSS N2  C8   sing N N 296 
QSS N2  C9   sing N N 297 
QSS C10 C9   sing N N 298 
QSS C10 N1   sing N N 299 
QSS N1  C5   sing N N 300 
QSS C5  C    doub Y N 301 
QSS C2  C1   doub Y N 302 
QSS C   C1   sing Y N 303 
QSS C   N    sing N N 304 
QSS C4  H1   sing N N 305 
QSS C6  H2   sing N N 306 
QSS C6  H3   sing N N 307 
QSS C7  H4   sing N N 308 
QSS C7  H5   sing N N 309 
QSS C8  H6   sing N N 310 
QSS C8  H7   sing N N 311 
QSS C8  H8   sing N N 312 
QSS C9  H10  sing N N 313 
QSS C9  H11  sing N N 314 
QSS C10 H12  sing N N 315 
QSS C10 H13  sing N N 316 
QSS N   H14  sing N N 317 
QSS N   H15  sing N N 318 
QSS C3  H16  sing N N 319 
QSS C2  H17  sing N N 320 
QSS C1  H18  sing N N 321 
SER N   CA   sing N N 322 
SER N   H    sing N N 323 
SER N   H2   sing N N 324 
SER CA  C    sing N N 325 
SER CA  CB   sing N N 326 
SER CA  HA   sing N N 327 
SER C   O    doub N N 328 
SER C   OXT  sing N N 329 
SER CB  OG   sing N N 330 
SER CB  HB2  sing N N 331 
SER CB  HB3  sing N N 332 
SER OG  HG   sing N N 333 
SER OXT HXT  sing N N 334 
SO4 S   O1   doub N N 335 
SO4 S   O2   doub N N 336 
SO4 S   O3   sing N N 337 
SO4 S   O4   sing N N 338 
THR N   CA   sing N N 339 
THR N   H    sing N N 340 
THR N   H2   sing N N 341 
THR CA  C    sing N N 342 
THR CA  CB   sing N N 343 
THR CA  HA   sing N N 344 
THR C   O    doub N N 345 
THR C   OXT  sing N N 346 
THR CB  OG1  sing N N 347 
THR CB  CG2  sing N N 348 
THR CB  HB   sing N N 349 
THR OG1 HG1  sing N N 350 
THR CG2 HG21 sing N N 351 
THR CG2 HG22 sing N N 352 
THR CG2 HG23 sing N N 353 
THR OXT HXT  sing N N 354 
TRP N   CA   sing N N 355 
TRP N   H    sing N N 356 
TRP N   H2   sing N N 357 
TRP CA  C    sing N N 358 
TRP CA  CB   sing N N 359 
TRP CA  HA   sing N N 360 
TRP C   O    doub N N 361 
TRP C   OXT  sing N N 362 
TRP CB  CG   sing N N 363 
TRP CB  HB2  sing N N 364 
TRP CB  HB3  sing N N 365 
TRP CG  CD1  doub Y N 366 
TRP CG  CD2  sing Y N 367 
TRP CD1 NE1  sing Y N 368 
TRP CD1 HD1  sing N N 369 
TRP CD2 CE2  doub Y N 370 
TRP CD2 CE3  sing Y N 371 
TRP NE1 CE2  sing Y N 372 
TRP NE1 HE1  sing N N 373 
TRP CE2 CZ2  sing Y N 374 
TRP CE3 CZ3  doub Y N 375 
TRP CE3 HE3  sing N N 376 
TRP CZ2 CH2  doub Y N 377 
TRP CZ2 HZ2  sing N N 378 
TRP CZ3 CH2  sing Y N 379 
TRP CZ3 HZ3  sing N N 380 
TRP CH2 HH2  sing N N 381 
TRP OXT HXT  sing N N 382 
TYR N   CA   sing N N 383 
TYR N   H    sing N N 384 
TYR N   H2   sing N N 385 
TYR CA  C    sing N N 386 
TYR CA  CB   sing N N 387 
TYR CA  HA   sing N N 388 
TYR C   O    doub N N 389 
TYR C   OXT  sing N N 390 
TYR CB  CG   sing N N 391 
TYR CB  HB2  sing N N 392 
TYR CB  HB3  sing N N 393 
TYR CG  CD1  doub Y N 394 
TYR CG  CD2  sing Y N 395 
TYR CD1 CE1  sing Y N 396 
TYR CD1 HD1  sing N N 397 
TYR CD2 CE2  doub Y N 398 
TYR CD2 HD2  sing N N 399 
TYR CE1 CZ   doub Y N 400 
TYR CE1 HE1  sing N N 401 
TYR CE2 CZ   sing Y N 402 
TYR CE2 HE2  sing N N 403 
TYR CZ  OH   sing N N 404 
TYR OH  HH   sing N N 405 
TYR OXT HXT  sing N N 406 
VAL N   CA   sing N N 407 
VAL N   H    sing N N 408 
VAL N   H2   sing N N 409 
VAL CA  C    sing N N 410 
VAL CA  CB   sing N N 411 
VAL CA  HA   sing N N 412 
VAL C   O    doub N N 413 
VAL C   OXT  sing N N 414 
VAL CB  CG1  sing N N 415 
VAL CB  CG2  sing N N 416 
VAL CB  HB   sing N N 417 
VAL CG1 HG11 sing N N 418 
VAL CG1 HG12 sing N N 419 
VAL CG1 HG13 sing N N 420 
VAL CG2 HG21 sing N N 421 
VAL CG2 HG22 sing N N 422 
VAL CG2 HG23 sing N N 423 
VAL OXT HXT  sing N N 424 
# 
_pdbx_entity_instance_feature.ordinal        1 
_pdbx_entity_instance_feature.comp_id        QSS 
_pdbx_entity_instance_feature.asym_id        ? 
_pdbx_entity_instance_feature.seq_num        ? 
_pdbx_entity_instance_feature.auth_comp_id   QSS 
_pdbx_entity_instance_feature.auth_asym_id   ? 
_pdbx_entity_instance_feature.auth_seq_num   ? 
_pdbx_entity_instance_feature.feature_type   'SUBJECT OF INVESTIGATION' 
_pdbx_entity_instance_feature.details        ? 
# 
loop_
_pdbx_entity_nonpoly.entity_id 
_pdbx_entity_nonpoly.name 
_pdbx_entity_nonpoly.comp_id 
2 '2-(4-methylpiperazin-1-yl)aniline' QSS 
3 GLYCEROL                            GOL 
4 'SULFATE ION'                       SO4 
5 'UNKNOWN ATOM OR ION'               UNX 
6 water                               HOH 
# 
_pdbx_initial_refinement_model.id               1 
_pdbx_initial_refinement_model.entity_id_list   ? 
_pdbx_initial_refinement_model.type             'experimental model' 
_pdbx_initial_refinement_model.source_name      PDB 
_pdbx_initial_refinement_model.accession_code   4RG2 
_pdbx_initial_refinement_model.details          ? 
# 
_pdbx_struct_assembly_auth_evidence.id                     1 
_pdbx_struct_assembly_auth_evidence.assembly_id            1 
_pdbx_struct_assembly_auth_evidence.experimental_support   none 
_pdbx_struct_assembly_auth_evidence.details                ? 
# 
